data_7DPM
#
_entry.id   7DPM
#
_cell.length_a   147.130
_cell.length_b   153.830
_cell.length_c   172.690
_cell.angle_alpha   90.000
_cell.angle_beta   95.880
_cell.angle_gamma   90.000
#
_symmetry.space_group_name_H-M   'C 1 2 1'
#
loop_
_entity.id
_entity.type
_entity.pdbx_description
1 polymer 'heavy chain of MW06'
2 polymer 'light chain of MW06'
3 polymer 'Spike protein S1'
4 branched 2-acetamido-2-deoxy-beta-D-glucopyranose-(1-4)-[alpha-L-fucopyranose-(1-6)]2-acetamido-2-deoxy-beta-D-glucopyranose
5 non-polymer 2-acetamido-2-deoxy-beta-D-glucopyranose
6 water water
#
loop_
_entity_poly.entity_id
_entity_poly.type
_entity_poly.pdbx_seq_one_letter_code
_entity_poly.pdbx_strand_id
1 'polypeptide(L)'
;EVQLLESGGGLVQPGGSLRLSCAASGFTFSSYAMNWVRQAPGKGLEWVSVISGSGGSTYYADSVRGRFTISRDNSKNTLY
LQMNSLRAEDTAVYCCAKGYYYDSSGYYFREDAFDIWGQGTLVTVSSASTKGPSVFPLAPSSKSTSGGTAALGCLVKDYF
PEPVTVSWNSGALTSGVHTFPAVLQSSGLYSLSSVVTVPSSSLGTQTYICNVNHKPSNTKVDKKVEPKSC
;
A,D,G,J
2 'polypeptide(L)'
;DIQMTQSPSAMSASVGDRVTITCRASQGISNYLAWFQQKPGKVPKRLIYAASSLQSGVPSRFSGSGSGTEFTLTISSLQP
EDFATYYCLQHNSYPYTFGQGTKLEIKRTVAAPSVFIFPPSDEQLKSGTASVVCLLNNFYPREAKVQWKVDNALQSGNSQ
ESVTEQDSKDSTYSLSSTLTLSKADYEKHKVYACEVTHQGLSSPVTKSFNRGEC
;
B,E,H,K
3 'polypeptide(L)'
;RVQPTESIVRFPNITNLCPFGEVFNATRFASVYAWNRKRISNCVADYSVLYNSASFSTFKCYGVSPTKLNDLCFTNVYAD
SFVIRGDEVRQIAPGQTGKIADYNYKLPDDFTGCVIAWNSNNLDSKVGGNYNYLYRLFRKSNLKPFERDISTEIYQAGST
PCNGVEGFNCYFPLQSYGFQPTNGVGYQPYRVVVLSFELLHAPATVCGPKKSTNLVKNKCVNF
;
C,F,I,L
#
loop_
_chem_comp.id
_chem_comp.type
_chem_comp.name
_chem_comp.formula
FUC L-saccharide, alpha linking alpha-L-fucopyranose 'C6 H12 O5'
NAG D-saccharide, beta linking 2-acetamido-2-deoxy-beta-D-glucopyranose 'C8 H15 N O6'
#
# COMPACT_ATOMS: atom_id res chain seq x y z
N GLU A 1 22.83 -4.13 42.50
CA GLU A 1 23.84 -4.86 43.25
C GLU A 1 23.90 -6.31 42.77
N VAL A 2 25.09 -6.76 42.37
CA VAL A 2 25.25 -8.12 41.87
C VAL A 2 25.12 -9.11 43.01
N GLN A 3 24.37 -10.18 42.79
CA GLN A 3 24.09 -11.16 43.82
C GLN A 3 24.01 -12.54 43.20
N LEU A 4 24.67 -13.50 43.85
CA LEU A 4 24.62 -14.90 43.48
C LEU A 4 24.25 -15.70 44.72
N LEU A 5 23.21 -16.53 44.60
CA LEU A 5 22.71 -17.33 45.73
C LEU A 5 22.71 -18.79 45.30
N GLU A 6 23.57 -19.58 45.92
CA GLU A 6 23.63 -21.00 45.61
C GLU A 6 22.67 -21.77 46.50
N SER A 7 22.30 -22.95 46.02
CA SER A 7 21.55 -23.93 46.80
C SER A 7 21.74 -25.29 46.14
N GLY A 8 21.39 -26.34 46.89
CA GLY A 8 21.37 -27.67 46.32
C GLY A 8 22.41 -28.63 46.83
N GLY A 9 23.27 -28.21 47.76
CA GLY A 9 24.25 -29.10 48.35
C GLY A 9 23.62 -30.01 49.37
N GLY A 10 24.41 -30.96 49.87
CA GLY A 10 23.93 -31.83 50.92
C GLY A 10 24.79 -33.07 51.07
N LEU A 11 24.24 -34.04 51.83
CA LEU A 11 24.88 -35.33 52.02
C LEU A 11 24.41 -36.27 50.94
N VAL A 12 25.35 -37.03 50.38
CA VAL A 12 24.99 -38.02 49.38
C VAL A 12 26.06 -39.09 49.37
N GLN A 13 25.66 -40.32 49.13
CA GLN A 13 26.56 -41.46 49.10
C GLN A 13 27.35 -41.48 47.79
N PRO A 14 28.50 -42.16 47.77
CA PRO A 14 29.26 -42.26 46.52
C PRO A 14 28.44 -42.90 45.43
N GLY A 15 28.70 -42.49 44.19
CA GLY A 15 27.87 -42.86 43.07
C GLY A 15 26.59 -42.08 42.96
N GLY A 16 26.25 -41.26 43.95
CA GLY A 16 25.02 -40.50 43.91
C GLY A 16 25.13 -39.28 43.01
N SER A 17 24.03 -38.53 42.97
CA SER A 17 23.95 -37.32 42.17
C SER A 17 23.45 -36.17 43.03
N LEU A 18 23.68 -34.96 42.54
CA LEU A 18 23.29 -33.72 43.20
C LEU A 18 23.35 -32.61 42.17
N ARG A 19 22.40 -31.68 42.23
CA ARG A 19 22.33 -30.60 41.25
C ARG A 19 22.34 -29.27 41.98
N LEU A 20 23.45 -28.54 41.86
CA LEU A 20 23.57 -27.23 42.48
C LEU A 20 23.01 -26.18 41.53
N SER A 21 22.37 -25.16 42.11
CA SER A 21 21.91 -24.02 41.34
C SER A 21 22.43 -22.74 41.96
N CYS A 22 22.63 -21.73 41.12
CA CYS A 22 23.13 -20.42 41.50
C CYS A 22 22.22 -19.40 40.83
N ALA A 23 21.39 -18.74 41.63
CA ALA A 23 20.48 -17.71 41.13
C ALA A 23 21.20 -16.37 41.12
N ALA A 24 21.14 -15.68 39.99
CA ALA A 24 21.84 -14.44 39.78
C ALA A 24 20.85 -13.28 39.69
N SER A 25 21.30 -12.11 40.13
CA SER A 25 20.47 -10.92 40.01
C SER A 25 21.38 -9.69 40.04
N GLY A 26 20.95 -8.65 39.35
CA GLY A 26 21.66 -7.39 39.35
C GLY A 26 22.64 -7.16 38.22
N PHE A 27 22.54 -7.93 37.14
CA PHE A 27 23.39 -7.74 35.97
C PHE A 27 22.84 -8.60 34.85
N THR A 28 23.28 -8.32 33.63
CA THR A 28 22.82 -9.10 32.48
C THR A 28 23.46 -10.49 32.56
N PHE A 29 22.69 -11.46 33.08
CA PHE A 29 23.23 -12.79 33.30
C PHE A 29 23.64 -13.44 31.98
N SER A 30 22.82 -13.30 30.95
CA SER A 30 23.05 -13.96 29.67
C SER A 30 24.25 -13.43 28.91
N SER A 31 24.94 -12.40 29.41
CA SER A 31 26.05 -11.77 28.71
C SER A 31 27.41 -12.20 29.22
N TYR A 32 27.49 -12.84 30.38
CA TYR A 32 28.75 -13.21 30.99
C TYR A 32 28.87 -14.72 31.12
N ALA A 33 30.12 -15.19 31.03
CA ALA A 33 30.39 -16.59 31.36
C ALA A 33 30.34 -16.75 32.88
N MET A 34 30.03 -17.96 33.32
CA MET A 34 29.88 -18.25 34.73
C MET A 34 30.78 -19.42 35.09
N ASN A 35 31.22 -19.42 36.36
CA ASN A 35 32.18 -20.39 36.85
C ASN A 35 31.69 -21.09 38.11
N TRP A 36 32.13 -22.34 38.24
CA TRP A 36 32.03 -23.11 39.46
C TRP A 36 33.44 -23.37 39.97
N VAL A 37 33.67 -23.09 41.25
CA VAL A 37 34.95 -23.28 41.92
C VAL A 37 34.71 -23.95 43.26
N ARG A 38 35.38 -25.07 43.52
CA ARG A 38 35.17 -25.81 44.75
C ARG A 38 36.37 -25.71 45.68
N GLN A 39 36.14 -25.97 46.96
CA GLN A 39 37.22 -26.00 47.96
C GLN A 39 36.98 -27.12 48.96
N ALA A 40 37.86 -28.12 48.94
CA ALA A 40 37.80 -29.22 49.89
C ALA A 40 38.08 -28.68 51.29
N PRO A 41 37.64 -29.39 52.32
CA PRO A 41 37.87 -28.90 53.69
C PRO A 41 39.35 -28.79 54.01
N GLY A 42 39.75 -27.62 54.50
CA GLY A 42 41.12 -27.35 54.90
C GLY A 42 42.15 -27.38 53.80
N LYS A 43 41.72 -27.32 52.54
CA LYS A 43 42.61 -27.30 51.38
C LYS A 43 42.35 -26.04 50.56
N GLY A 44 43.00 -25.96 49.39
CA GLY A 44 42.95 -24.76 48.58
C GLY A 44 41.77 -24.69 47.63
N LEU A 45 41.79 -23.63 46.82
CA LEU A 45 40.76 -23.40 45.82
C LEU A 45 41.04 -24.22 44.57
N GLU A 46 39.98 -24.74 43.95
CA GLU A 46 40.12 -25.51 42.72
C GLU A 46 39.02 -25.09 41.76
N TRP A 47 39.41 -24.71 40.56
CA TRP A 47 38.45 -24.34 39.54
C TRP A 47 37.78 -25.60 39.01
N VAL A 48 36.47 -25.54 38.83
CA VAL A 48 35.66 -26.70 38.42
C VAL A 48 35.18 -26.56 36.98
N SER A 49 34.48 -25.48 36.67
CA SER A 49 33.90 -25.42 35.34
C SER A 49 33.60 -23.99 34.92
N VAL A 50 33.52 -23.78 33.61
CA VAL A 50 33.09 -22.52 32.99
C VAL A 50 32.05 -22.83 31.93
N ILE A 51 31.03 -21.99 31.86
CA ILE A 51 30.08 -22.01 30.75
C ILE A 51 29.98 -20.60 30.19
N SER A 52 29.86 -20.49 28.86
CA SER A 52 29.72 -19.19 28.23
C SER A 52 28.31 -18.65 28.43
N GLY A 53 28.13 -17.36 28.16
CA GLY A 53 26.82 -16.77 28.29
C GLY A 53 25.82 -17.40 27.34
N SER A 54 26.25 -17.66 26.11
CA SER A 54 25.41 -18.30 25.12
C SER A 54 25.03 -19.71 25.50
N GLY A 55 25.74 -20.32 26.44
CA GLY A 55 25.53 -21.72 26.75
C GLY A 55 26.18 -22.68 25.79
N GLY A 56 26.87 -22.18 24.77
CA GLY A 56 27.44 -23.02 23.75
C GLY A 56 28.82 -23.58 24.06
N SER A 57 29.57 -22.91 24.93
CA SER A 57 30.93 -23.32 25.26
C SER A 57 30.99 -23.71 26.73
N THR A 58 31.53 -24.89 27.00
CA THR A 58 31.69 -25.38 28.36
C THR A 58 33.08 -26.00 28.50
N TYR A 59 33.73 -25.73 29.62
CA TYR A 59 35.05 -26.28 29.89
C TYR A 59 35.14 -26.76 31.34
N TYR A 60 35.78 -27.90 31.55
CA TYR A 60 35.82 -28.55 32.84
C TYR A 60 37.24 -28.89 33.25
N ALA A 61 37.48 -28.89 34.56
CA ALA A 61 38.71 -29.45 35.09
C ALA A 61 38.73 -30.95 34.83
N ASP A 62 39.93 -31.49 34.68
CA ASP A 62 40.04 -32.92 34.35
C ASP A 62 39.47 -33.78 35.46
N SER A 63 39.65 -33.35 36.72
CA SER A 63 39.22 -34.15 37.85
C SER A 63 37.71 -34.35 37.94
N VAL A 64 36.93 -33.60 37.15
CA VAL A 64 35.47 -33.73 37.19
C VAL A 64 34.93 -33.95 35.79
N ARG A 65 35.81 -34.21 34.83
CA ARG A 65 35.39 -34.32 33.44
C ARG A 65 34.49 -35.53 33.25
N GLY A 66 33.46 -35.34 32.44
CA GLY A 66 32.56 -36.44 32.13
C GLY A 66 31.59 -36.79 33.25
N ARG A 67 31.87 -36.33 34.46
CA ARG A 67 30.94 -36.54 35.58
C ARG A 67 30.05 -35.33 35.82
N PHE A 68 30.64 -34.16 35.91
CA PHE A 68 29.86 -32.95 36.13
C PHE A 68 29.45 -32.34 34.80
N THR A 69 28.36 -31.59 34.84
CA THR A 69 27.84 -30.92 33.66
C THR A 69 27.35 -29.54 34.06
N ILE A 70 27.92 -28.52 33.46
CA ILE A 70 27.52 -27.16 33.74
C ILE A 70 26.49 -26.75 32.71
N SER A 71 25.52 -25.95 33.14
CA SER A 71 24.47 -25.51 32.24
C SER A 71 23.85 -24.25 32.81
N ARG A 72 22.96 -23.65 32.05
CA ARG A 72 22.34 -22.43 32.54
C ARG A 72 21.00 -22.22 31.86
N ASP A 73 20.05 -21.68 32.62
CA ASP A 73 18.78 -21.21 32.12
C ASP A 73 18.83 -19.70 32.25
N ASN A 74 19.01 -19.02 31.12
CA ASN A 74 19.11 -17.57 31.16
C ASN A 74 17.76 -16.94 31.41
N SER A 75 16.69 -17.63 31.05
CA SER A 75 15.35 -17.11 31.28
C SER A 75 15.05 -17.02 32.77
N LYS A 76 15.62 -17.92 33.57
CA LYS A 76 15.46 -17.86 35.00
C LYS A 76 16.65 -17.21 35.69
N ASN A 77 17.66 -16.79 34.93
CA ASN A 77 18.87 -16.22 35.47
C ASN A 77 19.47 -17.19 36.50
N THR A 78 19.73 -18.40 36.05
CA THR A 78 20.22 -19.44 36.95
C THR A 78 21.29 -20.26 36.27
N LEU A 79 22.34 -20.57 37.04
CA LEU A 79 23.41 -21.45 36.64
C LEU A 79 23.25 -22.78 37.37
N TYR A 80 23.57 -23.89 36.69
CA TYR A 80 23.42 -25.21 37.26
C TYR A 80 24.72 -25.99 37.11
N LEU A 81 25.04 -26.78 38.13
CA LEU A 81 26.11 -27.77 38.07
C LEU A 81 25.52 -29.11 38.46
N GLN A 82 25.38 -30.01 37.50
CA GLN A 82 24.86 -31.35 37.73
C GLN A 82 26.02 -32.30 37.99
N MET A 83 26.07 -32.85 39.21
CA MET A 83 27.17 -33.70 39.65
C MET A 83 26.66 -35.14 39.78
N ASN A 84 27.12 -35.99 38.87
CA ASN A 84 26.82 -37.40 38.84
C ASN A 84 28.10 -38.17 39.17
N SER A 85 27.94 -39.44 39.51
CA SER A 85 29.07 -40.33 39.78
C SER A 85 29.97 -39.75 40.87
N LEU A 86 29.35 -39.19 41.91
CA LEU A 86 30.07 -38.43 42.91
C LEU A 86 31.01 -39.31 43.71
N ARG A 87 32.24 -38.85 43.88
CA ARG A 87 33.24 -39.53 44.68
C ARG A 87 33.47 -38.77 45.98
N ALA A 88 34.05 -39.45 46.96
CA ALA A 88 34.29 -38.82 48.25
C ALA A 88 35.17 -37.59 48.12
N GLU A 89 36.12 -37.58 47.17
CA GLU A 89 37.03 -36.45 47.02
C GLU A 89 36.32 -35.20 46.55
N ASP A 90 35.10 -35.33 46.02
CA ASP A 90 34.32 -34.17 45.59
C ASP A 90 33.71 -33.43 46.76
N THR A 91 33.91 -33.92 47.97
CA THR A 91 33.44 -33.20 49.15
C THR A 91 34.10 -31.83 49.19
N ALA A 92 33.30 -30.79 49.11
CA ALA A 92 33.85 -29.44 49.06
C ALA A 92 32.73 -28.44 49.21
N VAL A 93 33.12 -27.19 49.45
CA VAL A 93 32.23 -26.05 49.36
C VAL A 93 32.30 -25.51 47.93
N TYR A 94 31.15 -25.41 47.27
CA TYR A 94 31.07 -25.04 45.87
C TYR A 94 30.59 -23.61 45.74
N CYS A 95 31.41 -22.77 45.11
CA CYS A 95 31.14 -21.36 44.92
C CYS A 95 30.86 -21.09 43.45
N CYS A 96 29.94 -20.17 43.22
CA CYS A 96 29.52 -19.71 41.90
C CYS A 96 30.12 -18.33 41.68
N ALA A 97 30.85 -18.16 40.58
CA ALA A 97 31.63 -16.95 40.36
C ALA A 97 31.33 -16.34 38.99
N LYS A 98 31.18 -15.02 38.97
CA LYS A 98 30.92 -14.30 37.72
C LYS A 98 32.20 -14.16 36.91
N GLY A 99 32.14 -14.53 35.64
CA GLY A 99 33.29 -14.52 34.76
C GLY A 99 33.38 -13.27 33.91
N TYR A 100 34.02 -13.40 32.75
CA TYR A 100 34.23 -12.26 31.87
C TYR A 100 33.07 -12.14 30.87
N TYR A 101 32.97 -10.98 30.25
CA TYR A 101 31.95 -10.76 29.22
C TYR A 101 32.17 -11.73 28.06
N TYR A 102 31.23 -12.64 27.86
CA TYR A 102 31.33 -13.68 26.83
C TYR A 102 29.92 -13.84 26.26
N ASP A 103 29.71 -13.21 25.12
CA ASP A 103 28.40 -13.04 24.53
C ASP A 103 28.13 -14.13 23.50
N SER A 104 27.06 -13.93 22.71
CA SER A 104 26.84 -14.72 21.51
C SER A 104 27.69 -14.22 20.36
N SER A 105 28.21 -13.00 20.49
CA SER A 105 28.98 -12.33 19.45
C SER A 105 30.47 -12.28 19.76
N GLY A 106 30.91 -12.74 20.92
CA GLY A 106 32.31 -12.78 21.28
C GLY A 106 32.51 -12.32 22.70
N TYR A 107 33.78 -12.14 23.08
CA TYR A 107 34.17 -11.78 24.44
C TYR A 107 34.74 -10.37 24.49
N TYR A 108 34.58 -9.70 25.62
CA TYR A 108 34.91 -8.28 25.71
C TYR A 108 36.06 -7.98 26.67
N PHE A 109 35.96 -8.34 27.95
CA PHE A 109 36.92 -7.87 28.96
C PHE A 109 37.48 -9.10 29.67
N ARG A 110 38.28 -9.87 28.94
CA ARG A 110 38.67 -11.20 29.41
C ARG A 110 39.52 -11.15 30.68
N GLU A 111 40.09 -10.00 31.03
CA GLU A 111 40.81 -9.88 32.29
C GLU A 111 39.87 -9.76 33.47
N ASP A 112 38.76 -9.04 33.32
CA ASP A 112 37.83 -8.83 34.41
C ASP A 112 37.00 -10.09 34.60
N ALA A 113 37.37 -10.90 35.60
CA ALA A 113 36.65 -12.11 35.93
C ALA A 113 36.75 -12.34 37.43
N PHE A 114 35.89 -13.20 37.96
CA PHE A 114 35.91 -13.56 39.37
C PHE A 114 35.82 -12.34 40.28
N ASP A 115 35.04 -11.34 39.85
CA ASP A 115 34.81 -10.18 40.70
C ASP A 115 33.77 -10.46 41.78
N ILE A 116 32.83 -11.37 41.51
CA ILE A 116 31.70 -11.65 42.39
C ILE A 116 31.54 -13.15 42.55
N TRP A 117 31.49 -13.61 43.80
CA TRP A 117 31.38 -15.02 44.12
C TRP A 117 30.09 -15.27 44.88
N GLY A 118 29.50 -16.45 44.69
CA GLY A 118 28.36 -16.83 45.49
C GLY A 118 28.79 -17.26 46.87
N GLN A 119 27.82 -17.39 47.77
CA GLN A 119 28.14 -17.71 49.16
C GLN A 119 28.67 -19.13 49.33
N GLY A 120 28.52 -19.97 48.30
CA GLY A 120 28.97 -21.34 48.36
C GLY A 120 27.94 -22.23 49.01
N THR A 121 27.93 -23.51 48.64
CA THR A 121 27.07 -24.51 49.24
C THR A 121 27.89 -25.78 49.44
N LEU A 122 27.59 -26.52 50.49
CA LEU A 122 28.44 -27.67 50.86
C LEU A 122 27.93 -28.96 50.24
N VAL A 123 28.85 -29.72 49.64
CA VAL A 123 28.56 -31.03 49.06
C VAL A 123 29.43 -32.04 49.79
N THR A 124 28.80 -32.98 50.49
CA THR A 124 29.49 -34.00 51.27
C THR A 124 29.16 -35.36 50.69
N VAL A 125 30.12 -35.96 50.01
CA VAL A 125 29.99 -37.30 49.48
C VAL A 125 30.71 -38.26 50.43
N SER A 126 29.95 -39.19 50.99
CA SER A 126 30.49 -40.16 51.95
C SER A 126 29.53 -41.34 52.00
N SER A 127 30.10 -42.51 52.26
CA SER A 127 29.30 -43.71 52.48
C SER A 127 28.96 -43.94 53.94
N ALA A 128 29.22 -42.96 54.81
CA ALA A 128 28.89 -43.10 56.22
C ALA A 128 27.39 -42.89 56.44
N SER A 129 26.92 -43.28 57.63
CA SER A 129 25.55 -43.04 58.04
C SER A 129 25.55 -42.17 59.29
N THR A 130 24.49 -41.38 59.45
CA THR A 130 24.45 -40.41 60.51
C THR A 130 24.56 -41.07 61.87
N LYS A 131 25.62 -40.74 62.60
CA LYS A 131 25.90 -41.36 63.88
C LYS A 131 26.29 -40.29 64.88
N GLY A 132 25.80 -40.43 66.11
CA GLY A 132 26.12 -39.53 67.18
C GLY A 132 27.42 -39.91 67.85
N PRO A 133 28.13 -38.92 68.36
CA PRO A 133 29.44 -39.17 68.96
C PRO A 133 29.31 -39.69 70.38
N SER A 134 30.37 -40.38 70.81
CA SER A 134 30.54 -40.72 72.22
C SER A 134 31.44 -39.68 72.86
N VAL A 135 31.07 -39.21 74.05
CA VAL A 135 31.81 -38.18 74.77
C VAL A 135 32.51 -38.83 75.95
N PHE A 136 33.83 -38.97 75.86
CA PHE A 136 34.62 -39.55 76.93
C PHE A 136 35.41 -38.46 77.64
N PRO A 137 35.67 -38.58 78.94
CA PRO A 137 36.43 -37.54 79.63
C PRO A 137 37.93 -37.75 79.46
N LEU A 138 38.64 -36.65 79.22
CA LEU A 138 40.08 -36.58 79.36
C LEU A 138 40.31 -35.99 80.74
N ALA A 139 40.60 -36.85 81.72
CA ALA A 139 40.53 -36.42 83.10
C ALA A 139 41.86 -35.83 83.56
N PRO A 140 41.80 -34.78 84.38
CA PRO A 140 43.01 -34.17 84.89
C PRO A 140 43.61 -35.00 86.02
N SER A 141 44.92 -34.90 86.17
CA SER A 141 45.63 -35.72 87.14
C SER A 141 46.92 -35.00 87.50
N SER A 142 47.85 -35.75 88.12
CA SER A 142 49.21 -35.24 88.27
C SER A 142 49.95 -35.28 86.95
N LYS A 143 49.55 -36.18 86.04
CA LYS A 143 50.10 -36.24 84.69
C LYS A 143 49.62 -35.11 83.80
N SER A 144 48.69 -34.27 84.30
CA SER A 144 48.13 -33.17 83.53
C SER A 144 48.15 -31.85 84.30
N THR A 145 48.92 -31.78 85.38
CA THR A 145 49.20 -30.52 86.07
C THR A 145 50.54 -29.99 85.60
N SER A 146 50.65 -28.66 85.45
CA SER A 146 51.84 -28.03 84.89
C SER A 146 51.99 -26.66 85.57
N GLY A 147 52.51 -26.69 86.81
CA GLY A 147 52.83 -25.48 87.54
C GLY A 147 51.63 -24.64 87.95
N GLY A 148 50.77 -25.19 88.81
CA GLY A 148 49.63 -24.47 89.32
C GLY A 148 48.36 -24.59 88.48
N THR A 149 48.49 -24.93 87.20
CA THR A 149 47.35 -25.09 86.31
C THR A 149 47.30 -26.53 85.79
N ALA A 150 46.08 -27.04 85.63
CA ALA A 150 45.87 -28.40 85.16
C ALA A 150 44.93 -28.37 83.97
N ALA A 151 45.13 -29.31 83.05
CA ALA A 151 44.34 -29.39 81.83
C ALA A 151 43.37 -30.57 81.92
N LEU A 152 42.13 -30.34 81.49
CA LEU A 152 41.12 -31.38 81.41
C LEU A 152 40.31 -31.17 80.13
N GLY A 153 39.52 -32.17 79.74
CA GLY A 153 38.81 -32.03 78.48
C GLY A 153 37.86 -33.18 78.20
N CYS A 154 37.36 -33.18 76.96
CA CYS A 154 36.40 -34.16 76.46
C CYS A 154 36.82 -34.63 75.08
N LEU A 155 36.73 -35.94 74.86
CA LEU A 155 36.97 -36.56 73.56
C LEU A 155 35.61 -36.88 72.93
N VAL A 156 35.29 -36.22 71.83
CA VAL A 156 34.06 -36.42 71.09
C VAL A 156 34.41 -37.28 69.90
N LYS A 157 34.09 -38.58 69.95
CA LYS A 157 34.63 -39.55 69.01
C LYS A 157 33.52 -40.21 68.19
N ASP A 158 33.84 -40.47 66.91
CA ASP A 158 33.03 -41.31 66.01
C ASP A 158 31.64 -40.73 65.80
N TYR A 159 31.58 -39.62 65.05
CA TYR A 159 30.31 -39.05 64.65
C TYR A 159 30.29 -38.70 63.16
N PHE A 160 29.07 -38.54 62.65
CA PHE A 160 28.83 -38.16 61.27
C PHE A 160 27.39 -37.70 61.15
N PRO A 161 27.10 -36.65 60.37
CA PRO A 161 28.11 -35.84 59.69
C PRO A 161 28.49 -34.67 60.54
N GLU A 162 29.26 -33.76 60.01
CA GLU A 162 29.56 -32.53 60.73
C GLU A 162 28.33 -31.63 60.78
N PRO A 163 28.27 -30.72 61.76
CA PRO A 163 29.24 -30.44 62.80
C PRO A 163 28.78 -30.89 64.17
N VAL A 164 29.67 -30.78 65.13
CA VAL A 164 29.37 -30.93 66.55
C VAL A 164 29.72 -29.62 67.24
N THR A 165 28.86 -29.19 68.16
CA THR A 165 29.14 -28.00 68.95
C THR A 165 29.46 -28.40 70.39
N VAL A 166 30.48 -27.75 70.95
CA VAL A 166 31.00 -28.08 72.28
C VAL A 166 31.15 -26.82 73.11
N SER A 167 30.49 -26.78 74.26
CA SER A 167 30.67 -25.70 75.23
C SER A 167 31.15 -26.29 76.55
N TRP A 168 31.48 -25.40 77.49
CA TRP A 168 31.91 -25.81 78.82
C TRP A 168 31.09 -25.09 79.87
N ASN A 169 30.53 -25.86 80.80
CA ASN A 169 29.69 -25.34 81.88
C ASN A 169 28.54 -24.50 81.33
N SER A 170 27.89 -25.03 80.29
CA SER A 170 26.76 -24.39 79.62
C SER A 170 27.11 -22.95 79.27
N GLY A 171 28.36 -22.72 78.88
CA GLY A 171 28.82 -21.41 78.49
C GLY A 171 29.44 -20.60 79.60
N ALA A 172 29.49 -21.12 80.82
CA ALA A 172 30.05 -20.37 81.92
C ALA A 172 31.56 -20.32 81.84
N LEU A 173 32.19 -21.33 81.26
CA LEU A 173 33.64 -21.42 81.17
C LEU A 173 34.07 -21.24 79.71
N THR A 174 34.87 -20.20 79.46
CA THR A 174 35.39 -19.92 78.12
C THR A 174 36.88 -19.60 78.09
N SER A 175 37.48 -19.13 79.18
CA SER A 175 38.87 -18.74 79.16
C SER A 175 39.78 -19.95 79.03
N GLY A 176 40.73 -19.87 78.10
CA GLY A 176 41.66 -20.97 77.93
C GLY A 176 41.06 -22.25 77.42
N VAL A 177 39.89 -22.18 76.78
CA VAL A 177 39.28 -23.35 76.17
C VAL A 177 39.79 -23.45 74.74
N HIS A 178 40.07 -24.68 74.30
CA HIS A 178 40.47 -24.97 72.94
C HIS A 178 39.65 -26.16 72.47
N THR A 179 38.76 -25.92 71.53
CA THR A 179 38.01 -27.00 70.91
C THR A 179 38.64 -27.21 69.55
N PHE A 180 39.25 -28.37 69.37
CA PHE A 180 40.08 -28.64 68.22
C PHE A 180 39.24 -28.87 66.98
N PRO A 181 39.83 -28.67 65.80
CA PRO A 181 39.14 -29.02 64.57
C PRO A 181 38.94 -30.52 64.47
N ALA A 182 37.77 -30.91 63.96
CA ALA A 182 37.47 -32.32 63.77
C ALA A 182 38.44 -32.94 62.77
N VAL A 183 38.88 -34.16 63.05
CA VAL A 183 39.69 -34.94 62.13
C VAL A 183 38.82 -36.05 61.55
N LEU A 184 39.04 -36.37 60.28
CA LEU A 184 38.30 -37.42 59.61
C LEU A 184 39.09 -38.72 59.73
N GLN A 185 38.62 -39.63 60.58
CA GLN A 185 39.29 -40.90 60.79
C GLN A 185 39.07 -41.83 59.60
N SER A 186 39.94 -42.83 59.50
CA SER A 186 39.85 -43.78 58.39
C SER A 186 38.52 -44.53 58.38
N SER A 187 37.82 -44.57 59.51
CA SER A 187 36.53 -45.24 59.58
C SER A 187 35.43 -44.46 58.88
N GLY A 188 35.72 -43.24 58.40
CA GLY A 188 34.70 -42.37 57.85
C GLY A 188 34.00 -41.50 58.86
N LEU A 189 34.27 -41.69 60.15
CA LEU A 189 33.65 -40.93 61.21
C LEU A 189 34.61 -39.85 61.69
N TYR A 190 34.03 -38.74 62.15
CA TYR A 190 34.77 -37.61 62.66
C TYR A 190 35.08 -37.77 64.15
N SER A 191 36.12 -37.07 64.58
CA SER A 191 36.48 -37.07 65.99
C SER A 191 37.19 -35.77 66.32
N LEU A 192 36.82 -35.15 67.43
CA LEU A 192 37.49 -33.95 67.92
C LEU A 192 37.64 -34.07 69.43
N SER A 193 38.28 -33.09 70.04
CA SER A 193 38.38 -33.03 71.49
C SER A 193 38.47 -31.57 71.90
N SER A 194 37.92 -31.28 73.07
CA SER A 194 37.89 -29.93 73.60
C SER A 194 38.55 -29.97 74.96
N VAL A 195 39.58 -29.14 75.14
CA VAL A 195 40.33 -29.12 76.39
C VAL A 195 40.30 -27.71 76.95
N VAL A 196 40.67 -27.60 78.21
CA VAL A 196 40.75 -26.32 78.90
C VAL A 196 41.73 -26.46 80.05
N THR A 197 42.51 -25.41 80.26
CA THR A 197 43.40 -25.29 81.39
C THR A 197 42.75 -24.44 82.47
N VAL A 198 42.76 -24.94 83.70
CA VAL A 198 42.15 -24.27 84.84
C VAL A 198 43.14 -24.24 85.99
N PRO A 199 42.92 -23.41 87.00
CA PRO A 199 43.72 -23.51 88.24
C PRO A 199 43.53 -24.86 88.90
N SER A 200 44.65 -25.59 89.03
CA SER A 200 44.61 -26.93 89.60
C SER A 200 44.19 -26.94 91.05
N SER A 201 44.31 -25.80 91.73
CA SER A 201 43.88 -25.70 93.13
C SER A 201 42.38 -25.90 93.29
N SER A 202 41.62 -25.80 92.20
CA SER A 202 40.16 -25.85 92.25
C SER A 202 39.60 -27.14 91.65
N LEU A 203 40.43 -28.18 91.50
CA LEU A 203 39.93 -29.42 90.91
C LEU A 203 38.96 -30.16 91.83
N GLY A 204 39.04 -29.95 93.13
CA GLY A 204 38.15 -30.64 94.04
C GLY A 204 36.85 -29.90 94.29
N THR A 205 36.87 -28.57 94.12
CA THR A 205 35.73 -27.73 94.46
C THR A 205 34.87 -27.37 93.25
N GLN A 206 35.49 -27.09 92.11
CA GLN A 206 34.76 -26.66 90.92
C GLN A 206 34.37 -27.85 90.07
N THR A 207 33.11 -27.89 89.66
CA THR A 207 32.63 -28.92 88.75
C THR A 207 32.80 -28.46 87.31
N TYR A 208 33.37 -29.34 86.48
CA TYR A 208 33.60 -29.05 85.06
C TYR A 208 32.79 -30.03 84.22
N ILE A 209 31.90 -29.47 83.38
CA ILE A 209 31.05 -30.26 82.49
C ILE A 209 31.16 -29.73 81.07
N CYS A 210 31.40 -30.62 80.12
CA CYS A 210 31.40 -30.28 78.71
C CYS A 210 30.07 -30.65 78.09
N ASN A 211 29.50 -29.72 77.32
CA ASN A 211 28.21 -29.90 76.69
C ASN A 211 28.44 -30.12 75.19
N VAL A 212 28.01 -31.27 74.70
CA VAL A 212 28.23 -31.67 73.31
C VAL A 212 26.87 -31.85 72.66
N ASN A 213 26.70 -31.26 71.46
CA ASN A 213 25.47 -31.41 70.70
C ASN A 213 25.84 -31.77 69.27
N HIS A 214 25.20 -32.84 68.77
CA HIS A 214 25.28 -33.27 67.38
C HIS A 214 23.83 -33.37 66.92
N LYS A 215 23.35 -32.29 66.32
CA LYS A 215 21.98 -32.24 65.82
C LYS A 215 21.65 -33.32 64.80
N PRO A 216 22.49 -33.63 63.79
CA PRO A 216 22.05 -34.54 62.72
C PRO A 216 21.60 -35.90 63.21
N SER A 217 22.05 -36.33 64.38
CA SER A 217 21.72 -37.62 64.95
C SER A 217 20.77 -37.54 66.12
N ASN A 218 20.38 -36.35 66.54
CA ASN A 218 19.61 -36.14 67.77
C ASN A 218 20.40 -36.60 68.99
N THR A 219 21.62 -36.08 69.14
CA THR A 219 22.48 -36.46 70.26
C THR A 219 22.89 -35.23 71.06
N LYS A 220 22.52 -35.20 72.32
CA LYS A 220 23.03 -34.22 73.28
C LYS A 220 23.60 -34.99 74.45
N VAL A 221 24.84 -34.64 74.84
CA VAL A 221 25.51 -35.30 75.95
C VAL A 221 26.16 -34.22 76.80
N ASP A 222 25.84 -34.18 78.09
CA ASP A 222 26.52 -33.33 79.05
C ASP A 222 27.39 -34.25 79.89
N LYS A 223 28.71 -34.16 79.72
CA LYS A 223 29.64 -35.05 80.39
C LYS A 223 30.42 -34.29 81.46
N LYS A 224 30.39 -34.79 82.68
CA LYS A 224 31.16 -34.23 83.79
C LYS A 224 32.55 -34.85 83.79
N VAL A 225 33.56 -34.00 83.90
CA VAL A 225 34.96 -34.43 83.89
C VAL A 225 35.41 -34.55 85.34
N GLU A 226 35.38 -35.79 85.84
CA GLU A 226 35.80 -36.11 87.20
C GLU A 226 37.32 -36.19 87.24
N PRO A 227 37.98 -35.47 88.14
CA PRO A 227 39.44 -35.57 88.27
C PRO A 227 39.85 -36.98 88.70
N LYS A 228 41.16 -37.24 88.62
CA LYS A 228 41.73 -38.58 88.77
C LYS A 228 41.16 -39.33 89.96
N SER A 229 40.38 -40.39 89.68
CA SER A 229 39.60 -41.11 90.69
C SER A 229 40.45 -41.76 91.76
N CYS A 230 41.78 -41.78 91.61
CA CYS A 230 42.68 -42.32 92.62
C CYS A 230 42.67 -41.44 93.88
N ASP B 1 48.54 -28.10 31.47
CA ASP B 1 48.12 -27.47 32.72
C ASP B 1 49.16 -26.46 33.20
N ILE B 2 48.77 -25.18 33.24
CA ILE B 2 49.64 -24.16 33.82
C ILE B 2 49.66 -24.34 35.33
N GLN B 3 50.84 -24.34 35.91
CA GLN B 3 51.01 -24.61 37.33
C GLN B 3 51.48 -23.33 38.00
N MET B 4 50.75 -22.89 39.03
CA MET B 4 51.07 -21.66 39.74
C MET B 4 51.78 -22.00 41.05
N THR B 5 52.99 -21.46 41.20
CA THR B 5 53.81 -21.74 42.37
C THR B 5 53.84 -20.47 43.22
N GLN B 6 53.28 -20.54 44.41
CA GLN B 6 53.29 -19.42 45.34
C GLN B 6 54.42 -19.58 46.33
N SER B 7 55.08 -18.46 46.65
CA SER B 7 56.13 -18.46 47.66
C SER B 7 55.97 -17.19 48.50
N PRO B 8 56.00 -17.30 49.83
CA PRO B 8 56.18 -18.56 50.56
C PRO B 8 54.84 -19.25 50.76
N SER B 9 54.85 -20.45 51.34
CA SER B 9 53.58 -21.12 51.63
C SER B 9 52.95 -20.52 52.87
N ALA B 10 53.76 -20.27 53.89
CA ALA B 10 53.33 -19.59 55.09
C ALA B 10 54.31 -18.46 55.37
N MET B 11 53.89 -17.58 56.27
CA MET B 11 54.64 -16.36 56.54
C MET B 11 54.03 -15.69 57.75
N SER B 12 54.88 -15.28 58.68
CA SER B 12 54.43 -14.55 59.85
C SER B 12 55.09 -13.18 59.84
N ALA B 13 54.30 -12.15 60.16
CA ALA B 13 54.80 -10.79 60.14
C ALA B 13 53.99 -9.98 61.14
N SER B 14 54.57 -8.86 61.56
CA SER B 14 53.91 -7.96 62.48
C SER B 14 53.12 -6.90 61.73
N VAL B 15 52.25 -6.20 62.47
CA VAL B 15 51.51 -5.10 61.88
C VAL B 15 52.48 -4.01 61.47
N GLY B 16 52.33 -3.52 60.25
CA GLY B 16 53.18 -2.48 59.73
C GLY B 16 54.25 -2.96 58.78
N ASP B 17 54.58 -4.26 58.82
CA ASP B 17 55.61 -4.79 57.94
C ASP B 17 55.17 -4.72 56.48
N ARG B 18 56.16 -4.69 55.59
CA ARG B 18 55.91 -4.77 54.17
C ARG B 18 55.99 -6.23 53.74
N VAL B 19 54.89 -6.77 53.25
CA VAL B 19 54.75 -8.18 52.95
C VAL B 19 54.75 -8.35 51.44
N THR B 20 55.50 -9.33 50.95
CA THR B 20 55.63 -9.55 49.52
C THR B 20 55.41 -11.03 49.24
N ILE B 21 54.40 -11.34 48.45
CA ILE B 21 54.10 -12.71 48.03
C ILE B 21 54.37 -12.83 46.54
N THR B 22 54.97 -13.94 46.15
CA THR B 22 55.35 -14.18 44.76
C THR B 22 54.52 -15.32 44.19
N CYS B 23 54.18 -15.20 42.91
CA CYS B 23 53.44 -16.23 42.19
C CYS B 23 54.11 -16.42 40.83
N ARG B 24 54.60 -17.63 40.54
CA ARG B 24 55.25 -17.93 39.27
C ARG B 24 54.39 -18.88 38.45
N ALA B 25 54.24 -18.59 37.16
CA ALA B 25 53.51 -19.44 36.24
C ALA B 25 54.48 -20.27 35.41
N SER B 26 54.13 -21.53 35.16
CA SER B 26 55.00 -22.41 34.39
C SER B 26 55.10 -21.99 32.93
N GLN B 27 54.08 -21.30 32.41
CA GLN B 27 54.09 -20.80 31.05
C GLN B 27 53.67 -19.34 31.07
N GLY B 28 53.57 -18.75 29.88
CA GLY B 28 53.12 -17.37 29.79
C GLY B 28 51.61 -17.30 29.95
N ILE B 29 51.16 -16.32 30.73
CA ILE B 29 49.73 -16.15 30.98
C ILE B 29 49.34 -14.70 30.71
N SER B 30 50.22 -13.96 30.04
CA SER B 30 50.01 -12.54 29.75
C SER B 30 49.69 -11.77 31.03
N ASN B 31 48.47 -11.21 31.12
CA ASN B 31 48.06 -10.44 32.29
C ASN B 31 46.78 -11.00 32.92
N TYR B 32 46.41 -12.23 32.57
CA TYR B 32 45.23 -12.89 33.12
C TYR B 32 45.60 -13.53 34.46
N LEU B 33 45.83 -12.66 35.46
CA LEU B 33 46.18 -13.08 36.81
C LEU B 33 45.40 -12.27 37.83
N ALA B 34 44.84 -12.94 38.84
CA ALA B 34 44.11 -12.29 39.91
C ALA B 34 44.62 -12.75 41.27
N TRP B 35 44.49 -11.87 42.25
CA TRP B 35 44.83 -12.13 43.64
C TRP B 35 43.59 -12.00 44.48
N PHE B 36 43.31 -13.04 45.28
CA PHE B 36 42.16 -13.15 46.16
C PHE B 36 42.60 -13.34 47.60
N GLN B 37 41.84 -12.76 48.52
CA GLN B 37 42.01 -12.95 49.94
C GLN B 37 40.89 -13.82 50.48
N GLN B 38 41.22 -14.67 51.45
CA GLN B 38 40.23 -15.55 52.07
C GLN B 38 40.49 -15.58 53.57
N LYS B 39 39.55 -15.05 54.33
CA LYS B 39 39.50 -15.21 55.77
C LYS B 39 38.88 -16.56 56.06
N PRO B 40 39.14 -17.13 57.24
CA PRO B 40 38.62 -18.47 57.54
C PRO B 40 37.10 -18.51 57.48
N GLY B 41 36.57 -19.54 56.82
CA GLY B 41 35.14 -19.75 56.73
C GLY B 41 34.38 -18.78 55.86
N LYS B 42 35.07 -17.91 55.13
CA LYS B 42 34.45 -16.91 54.27
C LYS B 42 34.75 -17.21 52.79
N VAL B 43 34.16 -16.39 51.94
CA VAL B 43 34.22 -16.54 50.49
C VAL B 43 35.45 -15.81 49.97
N PRO B 44 36.14 -16.33 48.95
CA PRO B 44 37.24 -15.58 48.33
C PRO B 44 36.79 -14.20 47.90
N LYS B 45 37.60 -13.19 48.23
CA LYS B 45 37.34 -11.81 47.85
C LYS B 45 38.48 -11.32 46.96
N ARG B 46 38.14 -10.74 45.81
CA ARG B 46 39.16 -10.32 44.87
C ARG B 46 39.86 -9.05 45.34
N LEU B 47 41.18 -9.04 45.22
CA LEU B 47 42.01 -7.89 45.54
C LEU B 47 42.61 -7.25 44.31
N ILE B 48 43.13 -8.04 43.38
CA ILE B 48 43.76 -7.52 42.17
C ILE B 48 43.33 -8.37 40.99
N TYR B 49 43.03 -7.76 39.85
CA TYR B 49 42.44 -8.55 38.79
C TYR B 49 43.15 -8.54 37.45
N ALA B 50 44.01 -7.57 37.17
CA ALA B 50 44.71 -7.70 35.89
C ALA B 50 46.21 -7.72 36.10
N ALA B 51 46.65 -8.52 37.06
CA ALA B 51 48.04 -8.63 37.48
C ALA B 51 48.51 -7.37 38.18
N SER B 52 47.89 -6.23 37.91
CA SER B 52 48.37 -5.00 38.50
C SER B 52 47.26 -4.01 38.81
N SER B 53 46.03 -4.34 38.43
CA SER B 53 44.91 -3.42 38.57
C SER B 53 44.19 -3.71 39.89
N LEU B 54 44.13 -2.70 40.76
CA LEU B 54 43.48 -2.83 42.04
C LEU B 54 41.97 -2.89 41.89
N GLN B 55 41.33 -3.67 42.77
CA GLN B 55 39.88 -3.79 42.76
C GLN B 55 39.26 -2.64 43.54
N SER B 56 38.13 -2.15 43.04
CA SER B 56 37.42 -1.07 43.72
C SER B 56 36.98 -1.51 45.11
N GLY B 57 37.24 -0.65 46.10
CA GLY B 57 36.92 -0.96 47.48
C GLY B 57 38.01 -1.68 48.24
N VAL B 58 39.21 -1.74 47.68
CA VAL B 58 40.34 -2.44 48.30
C VAL B 58 41.37 -1.39 48.67
N PRO B 59 41.83 -1.34 49.91
CA PRO B 59 42.77 -0.28 50.32
C PRO B 59 44.01 -0.26 49.45
N SER B 60 44.58 0.94 49.31
CA SER B 60 45.67 1.16 48.38
C SER B 60 47.00 0.57 48.84
N ARG B 61 47.07 0.05 50.07
CA ARG B 61 48.29 -0.62 50.50
C ARG B 61 48.54 -1.88 49.69
N PHE B 62 47.49 -2.50 49.17
CA PHE B 62 47.61 -3.66 48.30
C PHE B 62 47.99 -3.21 46.90
N SER B 63 48.93 -3.94 46.30
CA SER B 63 49.37 -3.61 44.95
C SER B 63 49.88 -4.86 44.26
N GLY B 64 49.70 -4.90 42.96
CA GLY B 64 50.11 -6.06 42.17
C GLY B 64 51.01 -5.62 41.03
N SER B 65 51.98 -6.48 40.70
CA SER B 65 52.92 -6.17 39.65
C SER B 65 53.37 -7.46 38.98
N GLY B 66 54.11 -7.31 37.90
CA GLY B 66 54.65 -8.43 37.16
C GLY B 66 53.82 -8.76 35.94
N SER B 67 54.36 -9.67 35.13
CA SER B 67 53.67 -10.16 33.93
C SER B 67 54.55 -11.22 33.30
N GLY B 68 53.97 -11.95 32.34
CA GLY B 68 54.69 -13.03 31.71
C GLY B 68 54.70 -14.28 32.55
N THR B 69 55.72 -14.43 33.40
CA THR B 69 55.81 -15.60 34.26
C THR B 69 55.88 -15.29 35.74
N GLU B 70 56.36 -14.12 36.15
CA GLU B 70 56.46 -13.80 37.57
C GLU B 70 55.55 -12.64 37.92
N PHE B 71 54.88 -12.77 39.07
CA PHE B 71 53.94 -11.78 39.57
C PHE B 71 54.14 -11.63 41.07
N THR B 72 53.76 -10.46 41.57
CA THR B 72 53.99 -10.12 42.97
C THR B 72 52.80 -9.36 43.54
N LEU B 73 52.28 -9.85 44.64
CA LEU B 73 51.33 -9.12 45.47
C LEU B 73 52.10 -8.51 46.64
N THR B 74 51.80 -7.25 46.95
CA THR B 74 52.53 -6.54 48.00
C THR B 74 51.57 -5.78 48.89
N ILE B 75 51.75 -5.93 50.19
CA ILE B 75 51.09 -5.11 51.20
C ILE B 75 52.14 -4.16 51.78
N SER B 76 51.93 -2.86 51.62
CA SER B 76 52.92 -1.88 52.06
C SER B 76 53.04 -1.86 53.57
N SER B 77 51.91 -1.71 54.26
CA SER B 77 51.87 -1.69 55.72
C SER B 77 50.80 -2.68 56.17
N LEU B 78 51.21 -3.73 56.87
CA LEU B 78 50.27 -4.75 57.32
C LEU B 78 49.24 -4.14 58.25
N GLN B 79 48.10 -4.82 58.35
CA GLN B 79 47.00 -4.35 59.16
C GLN B 79 46.34 -5.56 59.78
N PRO B 80 45.65 -5.40 60.91
CA PRO B 80 45.02 -6.55 61.55
C PRO B 80 44.10 -7.35 60.63
N GLU B 81 43.24 -6.70 59.87
CA GLU B 81 42.34 -7.45 59.00
C GLU B 81 43.04 -7.98 57.75
N ASP B 82 44.36 -7.88 57.69
CA ASP B 82 45.12 -8.43 56.57
C ASP B 82 45.67 -9.81 56.85
N PHE B 83 45.49 -10.33 58.06
CA PHE B 83 45.95 -11.67 58.37
C PHE B 83 44.92 -12.65 57.82
N ALA B 84 45.27 -13.31 56.73
CA ALA B 84 44.38 -14.22 56.03
C ALA B 84 45.21 -15.09 55.11
N THR B 85 44.55 -15.80 54.20
CA THR B 85 45.24 -16.61 53.20
C THR B 85 45.00 -16.00 51.82
N TYR B 86 46.06 -15.89 51.04
CA TYR B 86 46.02 -15.21 49.75
C TYR B 86 46.29 -16.21 48.64
N TYR B 87 45.43 -16.22 47.62
CA TYR B 87 45.59 -17.12 46.47
C TYR B 87 45.78 -16.32 45.20
N CYS B 88 46.69 -16.76 44.34
CA CYS B 88 46.78 -16.24 42.98
C CYS B 88 46.11 -17.22 42.02
N LEU B 89 45.56 -16.67 40.95
CA LEU B 89 44.78 -17.45 39.99
C LEU B 89 45.13 -16.99 38.60
N GLN B 90 45.54 -17.92 37.74
CA GLN B 90 45.63 -17.63 36.32
C GLN B 90 44.31 -18.06 35.67
N HIS B 91 43.76 -17.21 34.82
CA HIS B 91 42.56 -17.52 34.05
C HIS B 91 42.82 -17.26 32.58
N ASN B 92 44.03 -17.63 32.15
CA ASN B 92 44.45 -17.45 30.76
C ASN B 92 43.99 -18.61 29.89
N SER B 93 44.35 -19.83 30.27
CA SER B 93 44.08 -21.02 29.48
C SER B 93 43.39 -22.08 30.33
N TYR B 94 42.53 -22.89 29.69
CA TYR B 94 41.89 -23.96 30.43
C TYR B 94 42.89 -25.09 30.67
N PRO B 95 42.92 -25.67 31.87
CA PRO B 95 42.05 -25.31 32.98
C PRO B 95 42.62 -24.15 33.78
N TYR B 96 41.75 -23.25 34.22
CA TYR B 96 42.17 -22.21 35.15
C TYR B 96 42.72 -22.87 36.39
N THR B 97 43.82 -22.35 36.91
CA THR B 97 44.45 -22.98 38.06
C THR B 97 44.81 -21.94 39.11
N PHE B 98 44.61 -22.29 40.37
CA PHE B 98 44.99 -21.43 41.46
C PHE B 98 46.40 -21.77 41.92
N GLY B 99 46.97 -20.88 42.71
CA GLY B 99 48.19 -21.21 43.42
C GLY B 99 47.90 -22.06 44.62
N GLN B 100 48.97 -22.51 45.26
CA GLN B 100 48.81 -23.33 46.45
C GLN B 100 48.33 -22.53 47.65
N GLY B 101 48.37 -21.21 47.58
CA GLY B 101 47.93 -20.37 48.67
C GLY B 101 49.07 -19.95 49.58
N THR B 102 48.89 -18.80 50.22
CA THR B 102 49.86 -18.27 51.18
C THR B 102 49.11 -17.79 52.40
N LYS B 103 49.39 -18.38 53.56
CA LYS B 103 48.72 -17.98 54.78
C LYS B 103 49.59 -16.98 55.52
N LEU B 104 49.04 -15.81 55.81
CA LEU B 104 49.76 -14.73 56.47
C LEU B 104 49.36 -14.76 57.94
N GLU B 105 50.30 -15.16 58.80
CA GLU B 105 50.05 -15.35 60.21
C GLU B 105 50.64 -14.22 61.04
N ILE B 106 50.18 -14.14 62.28
CA ILE B 106 50.68 -13.13 63.21
C ILE B 106 51.99 -13.63 63.79
N LYS B 107 52.94 -12.71 63.99
CA LYS B 107 54.23 -13.06 64.55
C LYS B 107 54.25 -12.70 66.02
N ARG B 108 54.75 -13.62 66.84
CA ARG B 108 54.92 -13.40 68.27
C ARG B 108 56.24 -14.01 68.69
N THR B 109 56.53 -13.90 69.98
CA THR B 109 57.73 -14.50 70.55
C THR B 109 57.58 -16.00 70.68
N VAL B 110 58.71 -16.70 70.58
CA VAL B 110 58.68 -18.15 70.70
C VAL B 110 58.13 -18.55 72.07
N ALA B 111 57.27 -19.57 72.08
CA ALA B 111 56.68 -20.08 73.31
C ALA B 111 56.65 -21.59 73.25
N ALA B 112 57.11 -22.23 74.33
CA ALA B 112 57.15 -23.69 74.36
C ALA B 112 55.82 -24.24 74.87
N PRO B 113 55.40 -25.39 74.37
CA PRO B 113 54.07 -25.91 74.73
C PRO B 113 54.07 -26.52 76.12
N SER B 114 52.96 -26.35 76.83
CA SER B 114 52.72 -27.17 78.01
C SER B 114 52.21 -28.50 77.50
N VAL B 115 52.89 -29.58 77.86
CA VAL B 115 52.54 -30.90 77.34
C VAL B 115 51.77 -31.65 78.41
N PHE B 116 50.67 -32.28 78.03
CA PHE B 116 49.88 -33.12 78.92
C PHE B 116 49.53 -34.41 78.19
N ILE B 117 49.30 -35.48 78.94
CA ILE B 117 48.89 -36.74 78.35
C ILE B 117 47.71 -37.28 79.13
N PHE B 118 46.76 -37.87 78.40
CA PHE B 118 45.49 -38.36 78.94
C PHE B 118 45.36 -39.81 78.54
N PRO B 119 45.30 -40.74 79.50
CA PRO B 119 45.05 -42.14 79.19
C PRO B 119 43.63 -42.33 78.70
N PRO B 120 43.30 -43.52 78.21
CA PRO B 120 41.91 -43.79 77.84
C PRO B 120 41.00 -43.81 79.05
N SER B 121 39.80 -43.29 78.86
CA SER B 121 38.76 -43.36 79.89
C SER B 121 38.32 -44.80 80.09
N ASP B 122 37.89 -45.12 81.31
CA ASP B 122 37.40 -46.46 81.55
C ASP B 122 36.18 -46.76 80.69
N GLU B 123 35.34 -45.75 80.43
CA GLU B 123 34.16 -45.95 79.60
C GLU B 123 34.54 -46.39 78.19
N GLN B 124 35.49 -45.69 77.57
CA GLN B 124 35.88 -46.07 76.21
C GLN B 124 36.44 -47.48 76.19
N LEU B 125 37.24 -47.85 77.20
CA LEU B 125 37.74 -49.22 77.29
C LEU B 125 36.58 -50.21 77.36
N LYS B 126 35.56 -49.88 78.15
CA LYS B 126 34.35 -50.68 78.20
C LYS B 126 33.73 -50.80 76.81
N SER B 127 33.90 -49.78 75.96
CA SER B 127 33.35 -49.82 74.60
C SER B 127 34.12 -50.76 73.67
N GLY B 128 35.38 -51.07 73.99
CA GLY B 128 36.20 -51.94 73.17
C GLY B 128 37.30 -51.25 72.39
N THR B 129 37.50 -49.95 72.59
CA THR B 129 38.57 -49.18 71.94
C THR B 129 39.26 -48.33 72.99
N ALA B 130 40.48 -47.90 72.69
CA ALA B 130 41.23 -47.05 73.60
C ALA B 130 41.84 -45.91 72.80
N SER B 131 41.78 -44.70 73.35
CA SER B 131 42.39 -43.53 72.73
C SER B 131 43.22 -42.81 73.76
N VAL B 132 44.51 -42.62 73.46
CA VAL B 132 45.41 -41.84 74.29
C VAL B 132 45.59 -40.47 73.65
N VAL B 133 45.46 -39.41 74.44
CA VAL B 133 45.49 -38.06 73.91
C VAL B 133 46.70 -37.33 74.46
N CYS B 134 47.41 -36.63 73.58
CA CYS B 134 48.54 -35.81 73.99
C CYS B 134 48.26 -34.38 73.56
N LEU B 135 48.33 -33.45 74.50
CA LEU B 135 47.97 -32.06 74.27
C LEU B 135 49.22 -31.20 74.37
N LEU B 136 49.44 -30.34 73.37
CA LEU B 136 50.48 -29.33 73.38
C LEU B 136 49.76 -27.99 73.43
N ASN B 137 49.91 -27.26 74.53
CA ASN B 137 49.09 -26.09 74.81
C ASN B 137 49.90 -24.82 74.68
N ASN B 138 49.42 -23.91 73.83
CA ASN B 138 49.83 -22.51 73.72
C ASN B 138 51.34 -22.38 73.45
N PHE B 139 51.70 -22.75 72.24
CA PHE B 139 53.08 -22.63 71.74
C PHE B 139 53.13 -21.78 70.47
N TYR B 140 54.36 -21.37 70.12
CA TYR B 140 54.66 -20.62 68.90
C TYR B 140 56.14 -20.78 68.63
N PRO B 141 56.56 -21.03 67.38
CA PRO B 141 55.73 -21.19 66.17
C PRO B 141 54.98 -22.50 66.15
N ARG B 142 54.15 -22.68 65.12
CA ARG B 142 53.29 -23.86 65.08
C ARG B 142 54.05 -25.16 64.80
N GLU B 143 55.25 -25.10 64.23
CA GLU B 143 56.01 -26.30 63.93
C GLU B 143 56.36 -27.08 65.20
N ALA B 144 55.82 -28.28 65.35
CA ALA B 144 56.17 -29.15 66.47
C ALA B 144 56.10 -30.59 66.00
N LYS B 145 56.85 -31.47 66.68
CA LYS B 145 56.91 -32.87 66.28
C LYS B 145 56.53 -33.75 67.47
N VAL B 146 55.51 -34.58 67.28
CA VAL B 146 55.01 -35.50 68.31
C VAL B 146 55.29 -36.92 67.86
N GLN B 147 55.88 -37.72 68.76
CA GLN B 147 56.12 -39.14 68.53
C GLN B 147 55.48 -39.95 69.65
N TRP B 148 54.74 -40.99 69.29
CA TRP B 148 54.15 -41.89 70.27
C TRP B 148 55.04 -43.12 70.45
N LYS B 149 55.24 -43.53 71.70
CA LYS B 149 56.04 -44.69 72.01
C LYS B 149 55.26 -45.59 72.97
N VAL B 150 54.92 -46.78 72.50
CA VAL B 150 54.23 -47.78 73.31
C VAL B 150 55.25 -48.85 73.66
N ASP B 151 55.58 -48.96 74.94
CA ASP B 151 56.63 -49.85 75.43
C ASP B 151 57.92 -49.61 74.66
N ASN B 152 58.27 -48.33 74.52
CA ASN B 152 59.45 -47.85 73.82
C ASN B 152 59.48 -48.23 72.34
N ALA B 153 58.36 -48.69 71.79
CA ALA B 153 58.25 -49.01 70.38
C ALA B 153 57.56 -47.84 69.68
N LEU B 154 58.25 -47.25 68.71
CA LEU B 154 57.73 -46.06 68.03
C LEU B 154 56.51 -46.44 67.20
N GLN B 155 55.41 -45.72 67.39
CA GLN B 155 54.15 -46.01 66.71
C GLN B 155 53.97 -45.10 65.49
N SER B 156 53.41 -45.68 64.42
CA SER B 156 53.24 -44.98 63.15
C SER B 156 51.94 -45.43 62.50
N GLY B 157 51.15 -44.47 62.04
CA GLY B 157 49.93 -44.78 61.31
C GLY B 157 48.71 -45.06 62.16
N ASN B 158 48.80 -44.85 63.47
CA ASN B 158 47.66 -45.04 64.36
C ASN B 158 47.33 -43.79 65.18
N SER B 159 47.83 -42.64 64.76
CA SER B 159 47.55 -41.40 65.46
C SER B 159 47.20 -40.33 64.44
N GLN B 160 46.39 -39.37 64.88
CA GLN B 160 46.03 -38.20 64.11
C GLN B 160 46.19 -36.97 64.99
N GLU B 161 46.69 -35.87 64.43
CA GLU B 161 46.76 -34.63 65.19
C GLU B 161 45.95 -33.56 64.48
N SER B 162 45.51 -32.59 65.27
CA SER B 162 44.88 -31.39 64.75
C SER B 162 45.28 -30.22 65.64
N VAL B 163 45.47 -29.05 65.03
CA VAL B 163 45.94 -27.87 65.72
C VAL B 163 44.89 -26.78 65.61
N THR B 164 44.76 -25.98 66.66
CA THR B 164 43.82 -24.88 66.64
C THR B 164 44.33 -23.77 65.74
N GLU B 165 43.43 -22.85 65.41
CA GLU B 165 43.84 -21.62 64.77
C GLU B 165 44.60 -20.76 65.77
N GLN B 166 45.36 -19.80 65.24
CA GLN B 166 46.14 -18.92 66.11
C GLN B 166 45.23 -18.21 67.09
N ASP B 167 45.52 -18.35 68.39
CA ASP B 167 44.62 -17.85 69.42
C ASP B 167 44.44 -16.35 69.34
N SER B 168 43.21 -15.91 69.66
CA SER B 168 42.87 -14.50 69.46
C SER B 168 43.57 -13.60 70.45
N LYS B 169 43.90 -14.10 71.64
CA LYS B 169 44.52 -13.28 72.68
C LYS B 169 46.04 -13.29 72.57
N ASP B 170 46.66 -14.47 72.63
CA ASP B 170 48.11 -14.56 72.70
C ASP B 170 48.74 -15.10 71.43
N SER B 171 47.94 -15.36 70.40
CA SER B 171 48.44 -15.78 69.09
C SER B 171 49.26 -17.07 69.18
N THR B 172 48.92 -17.93 70.13
CA THR B 172 49.61 -19.20 70.33
C THR B 172 48.77 -20.35 69.80
N TYR B 173 49.45 -21.40 69.37
CA TYR B 173 48.79 -22.58 68.83
C TYR B 173 48.62 -23.64 69.91
N SER B 174 47.67 -24.53 69.68
CA SER B 174 47.49 -25.70 70.53
C SER B 174 47.23 -26.88 69.62
N LEU B 175 47.91 -27.98 69.89
CA LEU B 175 47.85 -29.17 69.07
C LEU B 175 47.39 -30.35 69.91
N SER B 176 46.65 -31.26 69.29
CA SER B 176 46.25 -32.49 69.96
C SER B 176 46.61 -33.64 69.07
N SER B 177 47.28 -34.65 69.63
CA SER B 177 47.64 -35.86 68.94
C SER B 177 46.95 -37.03 69.64
N THR B 178 46.08 -37.73 68.91
CA THR B 178 45.30 -38.80 69.47
C THR B 178 45.74 -40.12 68.84
N LEU B 179 46.20 -41.03 69.69
CA LEU B 179 46.64 -42.37 69.32
C LEU B 179 45.52 -43.36 69.62
N THR B 180 45.19 -44.19 68.64
CA THR B 180 44.05 -45.08 68.74
C THR B 180 44.53 -46.52 68.72
N LEU B 181 44.06 -47.31 69.69
CA LEU B 181 44.36 -48.73 69.78
C LEU B 181 43.07 -49.47 70.06
N SER B 182 43.10 -50.77 69.82
CA SER B 182 42.02 -51.58 70.32
C SER B 182 42.22 -51.79 71.82
N LYS B 183 41.11 -52.11 72.52
CA LYS B 183 41.25 -52.42 73.94
C LYS B 183 42.23 -53.56 74.13
N ALA B 184 42.18 -54.57 73.24
CA ALA B 184 43.11 -55.68 73.29
C ALA B 184 44.56 -55.19 73.22
N ASP B 185 44.90 -54.46 72.15
CA ASP B 185 46.27 -53.96 72.02
C ASP B 185 46.62 -53.00 73.14
N TYR B 186 45.64 -52.25 73.64
CA TYR B 186 45.95 -51.34 74.74
C TYR B 186 46.35 -52.11 75.98
N GLU B 187 45.70 -53.24 76.25
CA GLU B 187 45.99 -54.00 77.45
C GLU B 187 47.21 -54.90 77.29
N LYS B 188 47.77 -54.98 76.08
CA LYS B 188 49.00 -55.72 75.87
C LYS B 188 50.25 -54.99 76.33
N HIS B 189 50.14 -53.74 76.79
CA HIS B 189 51.34 -52.92 76.98
C HIS B 189 51.21 -52.07 78.24
N LYS B 190 52.35 -51.55 78.68
CA LYS B 190 52.45 -50.84 79.96
C LYS B 190 52.72 -49.35 79.79
N VAL B 191 53.82 -48.98 79.16
CA VAL B 191 54.26 -47.59 79.12
C VAL B 191 53.76 -46.92 77.85
N TYR B 192 53.01 -45.84 78.02
CA TYR B 192 52.55 -45.02 76.91
C TYR B 192 53.20 -43.65 77.07
N ALA B 193 53.95 -43.24 76.05
CA ALA B 193 54.72 -42.00 76.14
C ALA B 193 54.50 -41.16 74.90
N CYS B 194 54.47 -39.85 75.12
CA CYS B 194 54.33 -38.83 74.09
C CYS B 194 55.57 -37.96 74.16
N GLU B 195 56.33 -37.92 73.06
CA GLU B 195 57.59 -37.19 73.02
C GLU B 195 57.43 -36.00 72.08
N VAL B 196 57.59 -34.81 72.62
CA VAL B 196 57.36 -33.56 71.93
C VAL B 196 58.71 -32.88 71.71
N THR B 197 58.97 -32.45 70.49
CA THR B 197 60.11 -31.62 70.16
C THR B 197 59.58 -30.32 69.56
N HIS B 198 60.09 -29.19 70.06
CA HIS B 198 59.63 -27.88 69.63
C HIS B 198 60.80 -26.92 69.69
N GLN B 199 60.70 -25.86 68.89
CA GLN B 199 61.74 -24.84 68.86
C GLN B 199 61.98 -24.27 70.25
N GLY B 200 60.92 -24.10 71.03
CA GLY B 200 61.02 -23.54 72.36
C GLY B 200 61.59 -24.46 73.41
N LEU B 201 62.04 -25.65 73.04
CA LEU B 201 62.57 -26.61 73.99
C LEU B 201 64.03 -26.92 73.67
N SER B 202 64.87 -26.96 74.70
CA SER B 202 66.27 -27.30 74.51
C SER B 202 66.45 -28.79 74.27
N SER B 203 65.64 -29.61 74.90
CA SER B 203 65.67 -31.06 74.76
C SER B 203 64.24 -31.56 74.70
N PRO B 204 64.00 -32.64 73.95
CA PRO B 204 62.63 -33.16 73.83
C PRO B 204 61.99 -33.44 75.17
N VAL B 205 60.70 -33.14 75.28
CA VAL B 205 59.93 -33.34 76.49
C VAL B 205 59.08 -34.59 76.32
N THR B 206 59.24 -35.56 77.21
CA THR B 206 58.44 -36.78 77.15
C THR B 206 57.51 -36.82 78.34
N LYS B 207 56.22 -37.00 78.07
CA LYS B 207 55.22 -37.20 79.11
C LYS B 207 54.60 -38.58 78.93
N SER B 208 54.55 -39.36 80.00
CA SER B 208 54.22 -40.77 79.86
C SER B 208 53.41 -41.22 81.06
N PHE B 209 52.82 -42.41 80.93
CA PHE B 209 52.10 -43.04 82.01
C PHE B 209 52.20 -44.55 81.85
N ASN B 210 51.91 -45.26 82.94
CA ASN B 210 51.88 -46.71 82.97
C ASN B 210 50.44 -47.18 83.10
N ARG B 211 50.04 -48.15 82.28
CA ARG B 211 48.64 -48.55 82.20
C ARG B 211 48.11 -49.00 83.55
N GLY B 212 47.03 -48.36 84.00
CA GLY B 212 46.39 -48.67 85.26
C GLY B 212 47.26 -48.41 86.47
N GLU B 213 47.88 -47.24 86.53
CA GLU B 213 48.65 -46.83 87.70
C GLU B 213 48.41 -45.35 87.97
N CYS B 214 48.71 -44.94 89.20
CA CYS B 214 48.55 -43.56 89.63
C CYS B 214 49.81 -43.08 90.34
N THR C 15 47.07 -22.29 -1.41
CA THR C 15 46.83 -22.03 -0.01
C THR C 15 47.73 -20.91 0.52
N ASN C 16 47.55 -19.70 0.00
CA ASN C 16 48.26 -18.53 0.49
C ASN C 16 47.58 -18.04 1.76
N LEU C 17 48.33 -17.94 2.85
CA LEU C 17 47.78 -17.51 4.13
C LEU C 17 47.84 -16.00 4.26
N CYS C 18 46.86 -15.43 4.94
CA CYS C 18 46.77 -13.98 5.06
C CYS C 18 47.81 -13.44 6.03
N PRO C 19 48.55 -12.38 5.66
CA PRO C 19 49.64 -11.90 6.54
C PRO C 19 49.12 -11.14 7.76
N PHE C 20 48.32 -11.83 8.57
CA PHE C 20 47.82 -11.20 9.79
C PHE C 20 48.93 -10.95 10.80
N GLY C 21 50.04 -11.68 10.71
CA GLY C 21 51.19 -11.40 11.57
C GLY C 21 51.76 -10.01 11.36
N GLU C 22 51.70 -9.51 10.12
CA GLU C 22 52.13 -8.14 9.85
C GLU C 22 51.29 -7.14 10.63
N VAL C 23 50.00 -7.42 10.78
CA VAL C 23 49.09 -6.47 11.41
C VAL C 23 49.13 -6.60 12.92
N PHE C 24 48.98 -7.84 13.42
CA PHE C 24 48.88 -8.09 14.86
C PHE C 24 50.25 -8.07 15.53
N ASN C 25 51.20 -8.82 14.99
CA ASN C 25 52.53 -8.91 15.55
C ASN C 25 53.44 -7.80 15.05
N ALA C 26 52.88 -6.62 14.77
CA ALA C 26 53.65 -5.50 14.27
C ALA C 26 54.46 -4.84 15.38
N THR C 27 55.60 -4.25 15.00
CA THR C 27 56.50 -3.67 16.00
C THR C 27 55.90 -2.42 16.62
N ARG C 28 55.41 -1.49 15.79
CA ARG C 28 54.79 -0.25 16.26
C ARG C 28 53.41 -0.09 15.66
N PHE C 29 52.48 0.40 16.48
CA PHE C 29 51.10 0.69 16.11
C PHE C 29 50.89 2.20 16.05
N ALA C 30 49.88 2.61 15.29
CA ALA C 30 49.59 4.02 15.07
C ALA C 30 48.68 4.58 16.17
N SER C 31 48.76 5.89 16.37
CA SER C 31 47.79 6.55 17.23
C SER C 31 46.40 6.48 16.59
N VAL C 32 45.38 6.58 17.43
CA VAL C 32 44.02 6.31 16.95
C VAL C 32 43.61 7.34 15.92
N TYR C 33 43.99 8.61 16.11
CA TYR C 33 43.61 9.63 15.14
C TYR C 33 44.25 9.38 13.79
N ALA C 34 45.46 8.84 13.78
CA ALA C 34 46.14 8.47 12.54
C ALA C 34 46.10 6.97 12.33
N TRP C 35 44.93 6.37 12.52
CA TRP C 35 44.81 4.91 12.51
C TRP C 35 45.27 4.34 11.17
N ASN C 36 45.92 3.17 11.24
CA ASN C 36 46.53 2.58 10.06
C ASN C 36 45.58 1.55 9.46
N ARG C 37 45.66 1.36 8.14
CA ARG C 37 44.82 0.36 7.48
C ARG C 37 45.64 -0.54 6.57
N LYS C 38 45.35 -1.85 6.62
CA LYS C 38 45.98 -2.85 5.78
C LYS C 38 44.93 -3.52 4.92
N ARG C 39 45.07 -3.40 3.60
CA ARG C 39 44.20 -4.09 2.66
C ARG C 39 44.64 -5.54 2.54
N ILE C 40 43.68 -6.46 2.59
CA ILE C 40 43.95 -7.88 2.62
C ILE C 40 43.11 -8.54 1.55
N SER C 41 43.78 -9.21 0.60
CA SER C 41 43.08 -9.82 -0.52
C SER C 41 43.91 -10.98 -1.04
N ASN C 42 43.22 -11.91 -1.70
CA ASN C 42 43.84 -13.06 -2.36
C ASN C 42 44.71 -13.85 -1.37
N CYS C 43 44.06 -14.31 -0.31
CA CYS C 43 44.70 -15.15 0.69
C CYS C 43 43.61 -15.91 1.44
N VAL C 44 44.04 -16.88 2.24
CA VAL C 44 43.14 -17.72 3.02
C VAL C 44 43.30 -17.31 4.47
N ALA C 45 42.21 -16.85 5.08
CA ALA C 45 42.23 -16.31 6.42
C ALA C 45 41.66 -17.32 7.40
N ASP C 46 42.43 -17.63 8.45
CA ASP C 46 41.99 -18.53 9.49
C ASP C 46 41.62 -17.67 10.69
N TYR C 47 40.38 -17.18 10.71
CA TYR C 47 39.93 -16.36 11.82
C TYR C 47 39.79 -17.17 13.10
N SER C 48 39.50 -18.47 12.97
CA SER C 48 39.26 -19.32 14.14
C SER C 48 40.46 -19.33 15.08
N VAL C 49 41.67 -19.44 14.53
CA VAL C 49 42.88 -19.46 15.35
C VAL C 49 42.95 -18.21 16.22
N LEU C 50 42.63 -17.07 15.62
CA LEU C 50 42.66 -15.82 16.36
C LEU C 50 41.60 -15.81 17.45
N TYR C 51 40.38 -16.24 17.13
CA TYR C 51 39.29 -16.17 18.09
C TYR C 51 39.59 -16.97 19.36
N ASN C 52 40.22 -18.13 19.22
CA ASN C 52 40.51 -19.01 20.34
C ASN C 52 41.92 -18.82 20.88
N SER C 53 42.46 -17.61 20.83
CA SER C 53 43.89 -17.44 21.02
C SER C 53 44.33 -17.20 22.47
N ALA C 54 43.41 -17.01 23.40
CA ALA C 54 43.68 -16.72 24.81
C ALA C 54 44.61 -15.52 25.00
N SER C 55 44.90 -14.79 23.92
CA SER C 55 45.81 -13.67 23.93
C SER C 55 45.09 -12.33 23.94
N PHE C 56 43.97 -12.21 23.20
CA PHE C 56 43.27 -10.97 23.08
C PHE C 56 42.27 -10.85 24.22
N SER C 57 42.15 -9.66 24.78
CA SER C 57 41.16 -9.46 25.81
C SER C 57 39.76 -9.21 25.25
N THR C 58 39.66 -8.75 23.99
CA THR C 58 38.38 -8.47 23.36
C THR C 58 38.38 -9.01 21.94
N PHE C 59 37.28 -9.65 21.56
CA PHE C 59 37.05 -10.14 20.20
C PHE C 59 35.54 -10.22 19.96
N LYS C 60 34.93 -9.09 19.61
CA LYS C 60 33.48 -9.01 19.44
C LYS C 60 33.15 -8.74 17.98
N CYS C 61 32.19 -9.47 17.44
CA CYS C 61 31.83 -9.30 16.04
C CYS C 61 30.40 -8.80 15.93
N TYR C 62 30.13 -8.12 14.81
CA TYR C 62 28.83 -7.52 14.54
C TYR C 62 28.48 -7.86 13.10
N GLY C 63 27.28 -8.39 12.88
CA GLY C 63 26.86 -8.87 11.59
C GLY C 63 27.28 -10.30 11.30
N VAL C 64 28.40 -10.74 11.87
CA VAL C 64 28.87 -12.11 11.71
C VAL C 64 28.84 -12.77 13.09
N SER C 65 28.96 -14.10 13.10
CA SER C 65 29.10 -14.87 14.33
C SER C 65 30.50 -15.48 14.40
N PRO C 66 31.30 -15.11 15.40
CA PRO C 66 32.72 -15.49 15.38
C PRO C 66 32.97 -16.98 15.49
N THR C 67 32.02 -17.75 16.00
CA THR C 67 32.26 -19.16 16.31
C THR C 67 32.58 -19.97 15.06
N LYS C 68 31.91 -19.67 13.96
CA LYS C 68 32.14 -20.36 12.69
C LYS C 68 32.03 -19.33 11.55
N LEU C 69 32.84 -18.29 11.66
CA LEU C 69 32.85 -17.27 10.63
C LEU C 69 33.86 -17.57 9.53
N ASN C 70 34.83 -18.44 9.78
CA ASN C 70 35.76 -18.81 8.72
C ASN C 70 35.15 -19.82 7.75
N ASP C 71 33.84 -20.03 7.82
CA ASP C 71 33.10 -20.70 6.76
C ASP C 71 32.55 -19.71 5.74
N LEU C 72 33.15 -18.52 5.66
CA LEU C 72 32.65 -17.41 4.86
C LEU C 72 33.73 -16.86 3.95
N CYS C 73 33.28 -16.12 2.94
CA CYS C 73 34.15 -15.47 1.96
C CYS C 73 33.76 -14.01 1.83
N PHE C 74 34.75 -13.17 1.54
CA PHE C 74 34.51 -11.76 1.28
C PHE C 74 35.38 -11.32 0.12
N THR C 75 35.08 -10.14 -0.41
CA THR C 75 35.88 -9.61 -1.50
C THR C 75 37.22 -9.08 -0.99
N ASN C 76 37.18 -8.17 -0.02
CA ASN C 76 38.41 -7.67 0.59
C ASN C 76 38.23 -7.62 2.10
N VAL C 77 39.36 -7.56 2.82
CA VAL C 77 39.34 -7.44 4.26
C VAL C 77 40.22 -6.27 4.67
N TYR C 78 39.67 -5.31 5.38
CA TYR C 78 40.43 -4.17 5.86
C TYR C 78 40.78 -4.40 7.32
N ALA C 79 42.07 -4.41 7.62
CA ALA C 79 42.57 -4.58 8.98
C ALA C 79 43.05 -3.21 9.46
N ASP C 80 42.22 -2.52 10.22
CA ASP C 80 42.61 -1.25 10.82
C ASP C 80 43.29 -1.52 12.15
N SER C 81 44.36 -0.78 12.43
CA SER C 81 45.11 -1.00 13.66
C SER C 81 45.46 0.34 14.29
N PHE C 82 45.40 0.39 15.61
CA PHE C 82 45.73 1.60 16.36
C PHE C 82 45.86 1.23 17.83
N VAL C 83 45.99 2.25 18.68
CA VAL C 83 46.19 2.06 20.12
C VAL C 83 45.32 3.05 20.87
N ILE C 84 44.59 2.57 21.88
CA ILE C 84 43.76 3.44 22.70
C ILE C 84 43.91 3.10 24.17
N ARG C 85 43.10 3.71 25.01
CA ARG C 85 43.04 3.36 26.42
C ARG C 85 42.03 2.23 26.60
N GLY C 86 42.24 1.44 27.66
CA GLY C 86 41.42 0.25 27.83
C GLY C 86 39.94 0.56 27.93
N ASP C 87 39.56 1.54 28.75
CA ASP C 87 38.16 1.86 28.93
C ASP C 87 37.54 2.39 27.65
N GLU C 88 38.36 2.81 26.70
CA GLU C 88 37.87 3.30 25.41
C GLU C 88 37.62 2.16 24.43
N VAL C 89 38.02 0.93 24.75
CA VAL C 89 37.75 -0.21 23.88
C VAL C 89 36.26 -0.40 23.69
N ARG C 90 35.46 -0.09 24.70
CA ARG C 90 34.02 -0.22 24.56
C ARG C 90 33.48 0.69 23.45
N GLN C 91 34.22 1.74 23.08
CA GLN C 91 33.75 2.69 22.09
C GLN C 91 33.95 2.19 20.67
N ILE C 92 34.78 1.18 20.46
CA ILE C 92 35.01 0.65 19.12
C ILE C 92 33.89 -0.33 18.79
N ALA C 93 32.70 0.21 18.52
CA ALA C 93 31.52 -0.60 18.28
C ALA C 93 30.50 0.25 17.55
N PRO C 94 29.58 -0.36 16.81
CA PRO C 94 28.55 0.43 16.12
C PRO C 94 27.69 1.19 17.11
N GLY C 95 27.29 2.40 16.71
CA GLY C 95 26.43 3.22 17.51
C GLY C 95 27.00 3.53 18.87
N GLN C 96 28.16 4.16 18.92
CA GLN C 96 28.79 4.53 20.19
C GLN C 96 29.16 6.01 20.16
N THR C 97 29.09 6.63 21.35
CA THR C 97 29.54 8.01 21.52
C THR C 97 30.72 8.04 22.48
N GLY C 98 31.42 9.16 22.47
CA GLY C 98 32.67 9.31 23.19
C GLY C 98 33.73 9.95 22.33
N LYS C 99 34.83 10.32 22.98
CA LYS C 99 35.88 11.05 22.28
C LYS C 99 36.40 10.25 21.09
N ILE C 100 36.63 8.95 21.28
CA ILE C 100 37.21 8.14 20.21
C ILE C 100 36.21 7.91 19.09
N ALA C 101 34.97 7.57 19.45
CA ALA C 101 33.97 7.30 18.43
C ALA C 101 33.54 8.55 17.67
N ASP C 102 33.70 9.72 18.27
CA ASP C 102 33.33 10.96 17.62
C ASP C 102 34.46 11.59 16.80
N TYR C 103 35.68 11.60 17.34
CA TYR C 103 36.75 12.37 16.75
C TYR C 103 37.91 11.52 16.24
N ASN C 104 37.84 10.20 16.35
CA ASN C 104 39.02 9.38 16.05
C ASN C 104 38.73 8.21 15.13
N TYR C 105 37.76 7.37 15.48
CA TYR C 105 37.45 6.17 14.71
C TYR C 105 35.97 5.88 14.89
N LYS C 106 35.20 5.96 13.81
CA LYS C 106 33.75 5.77 13.87
C LYS C 106 33.38 4.53 13.08
N LEU C 107 32.64 3.61 13.71
CA LEU C 107 32.13 2.50 12.93
C LEU C 107 30.70 2.78 12.48
N PRO C 108 30.31 2.28 11.31
CA PRO C 108 28.95 2.51 10.81
C PRO C 108 27.91 1.70 11.56
N ASP C 109 26.67 2.20 11.54
CA ASP C 109 25.60 1.48 12.21
C ASP C 109 25.40 0.09 11.61
N ASP C 110 25.61 -0.05 10.32
CA ASP C 110 25.51 -1.34 9.64
C ASP C 110 26.85 -2.03 9.52
N PHE C 111 27.69 -1.90 10.55
CA PHE C 111 29.03 -2.47 10.51
C PHE C 111 28.97 -3.99 10.47
N THR C 112 29.77 -4.58 9.59
CA THR C 112 29.89 -6.03 9.50
C THR C 112 31.37 -6.38 9.63
N GLY C 113 31.76 -6.87 10.79
CA GLY C 113 33.15 -7.18 11.04
C GLY C 113 33.40 -7.35 12.53
N CYS C 114 34.67 -7.49 12.87
CA CYS C 114 35.06 -7.82 14.24
C CYS C 114 35.98 -6.76 14.80
N VAL C 115 35.95 -6.62 16.13
CA VAL C 115 36.80 -5.71 16.87
C VAL C 115 37.64 -6.57 17.79
N ILE C 116 38.96 -6.44 17.69
CA ILE C 116 39.89 -7.24 18.47
C ILE C 116 40.81 -6.29 19.21
N ALA C 117 40.96 -6.51 20.51
CA ALA C 117 41.81 -5.65 21.33
C ALA C 117 42.56 -6.52 22.30
N TRP C 118 43.82 -6.16 22.55
CA TRP C 118 44.59 -6.84 23.57
C TRP C 118 45.45 -5.84 24.31
N ASN C 119 45.66 -6.14 25.59
CA ASN C 119 46.45 -5.26 26.45
C ASN C 119 47.90 -5.24 26.00
N SER C 120 48.46 -4.05 25.89
CA SER C 120 49.85 -3.82 25.47
C SER C 120 50.57 -2.95 26.49
N ASN C 121 50.31 -3.16 27.78
CA ASN C 121 50.99 -2.37 28.79
C ASN C 121 52.50 -2.63 28.76
N ASN C 122 52.89 -3.88 28.51
CA ASN C 122 54.31 -4.24 28.53
C ASN C 122 55.09 -3.61 27.39
N LEU C 123 54.42 -3.21 26.31
CA LEU C 123 55.10 -2.66 25.14
C LEU C 123 54.94 -1.15 24.99
N ASP C 124 53.75 -0.62 25.23
CA ASP C 124 53.44 0.77 24.92
C ASP C 124 53.37 1.65 26.16
N SER C 125 53.99 1.24 27.25
CA SER C 125 54.14 2.06 28.45
C SER C 125 55.59 2.51 28.61
N LYS C 126 55.76 3.56 29.40
CA LYS C 126 57.07 4.11 29.71
C LYS C 126 56.97 4.79 31.06
N VAL C 127 58.02 4.65 31.88
CA VAL C 127 58.02 5.28 33.18
C VAL C 127 57.96 6.79 33.00
N GLY C 128 56.99 7.43 33.65
CA GLY C 128 56.79 8.86 33.49
C GLY C 128 55.92 9.27 32.32
N GLY C 129 55.51 8.34 31.47
CA GLY C 129 54.60 8.68 30.38
C GLY C 129 55.22 8.50 29.01
N ASN C 130 54.54 7.72 28.16
CA ASN C 130 54.88 7.58 26.76
C ASN C 130 53.98 8.50 25.95
N TYR C 131 54.59 9.44 25.22
CA TYR C 131 53.83 10.45 24.48
C TYR C 131 53.80 10.15 22.98
N ASN C 132 54.17 8.93 22.59
CA ASN C 132 54.09 8.54 21.19
C ASN C 132 52.64 8.44 20.72
N TYR C 133 51.72 8.08 21.61
CA TYR C 133 50.33 7.84 21.27
C TYR C 133 49.46 9.03 21.64
N LEU C 134 48.68 9.52 20.68
CA LEU C 134 47.83 10.69 20.84
C LEU C 134 46.43 10.33 20.35
N TYR C 135 45.47 11.19 20.69
CA TYR C 135 44.09 11.02 20.23
C TYR C 135 43.48 12.41 20.07
N ARG C 136 42.53 12.52 19.15
CA ARG C 136 41.90 13.80 18.87
C ARG C 136 40.91 14.14 19.99
N LEU C 137 41.06 15.34 20.57
CA LEU C 137 40.24 15.79 21.68
C LEU C 137 39.16 16.78 21.27
N PHE C 138 39.41 17.58 20.23
CA PHE C 138 38.46 18.56 19.74
C PHE C 138 38.27 18.37 18.24
N ARG C 139 37.05 18.59 17.77
CA ARG C 139 36.76 18.60 16.34
C ARG C 139 35.43 19.32 16.12
N LYS C 140 35.30 19.98 14.97
CA LYS C 140 34.09 20.75 14.71
C LYS C 140 32.86 19.87 14.61
N SER C 141 33.00 18.70 14.00
CA SER C 141 31.89 17.76 13.85
C SER C 141 32.40 16.34 14.04
N ASN C 142 31.45 15.42 14.19
CA ASN C 142 31.77 14.02 14.37
C ASN C 142 32.28 13.41 13.07
N LEU C 143 33.05 12.34 13.21
CA LEU C 143 33.60 11.68 12.04
C LEU C 143 32.51 10.89 11.32
N LYS C 144 32.56 10.89 9.99
CA LYS C 144 31.79 9.93 9.24
C LYS C 144 32.45 8.56 9.38
N PRO C 145 31.70 7.48 9.19
CA PRO C 145 32.27 6.14 9.36
C PRO C 145 33.52 5.96 8.51
N PHE C 146 34.55 5.37 9.12
CA PHE C 146 35.81 5.05 8.43
C PHE C 146 36.53 6.30 7.92
N GLU C 147 36.32 7.44 8.56
CA GLU C 147 37.02 8.68 8.18
C GLU C 147 38.28 8.87 9.02
N ARG C 148 39.34 9.35 8.37
CA ARG C 148 40.62 9.59 9.02
C ARG C 148 41.01 11.05 8.88
N ASP C 149 41.11 11.75 10.01
CA ASP C 149 41.41 13.18 10.06
C ASP C 149 42.71 13.39 10.82
N ILE C 150 43.78 13.74 10.10
CA ILE C 150 45.09 13.96 10.71
C ILE C 150 45.44 15.45 10.80
N SER C 151 44.45 16.32 10.73
CA SER C 151 44.69 17.76 10.82
C SER C 151 45.17 18.16 12.21
N THR C 152 46.20 19.01 12.26
CA THR C 152 46.69 19.58 13.51
C THR C 152 46.37 21.07 13.59
N GLU C 153 45.20 21.46 13.08
CA GLU C 153 44.82 22.87 13.09
C GLU C 153 44.34 23.28 14.48
N ILE C 154 44.80 24.44 14.93
CA ILE C 154 44.44 24.95 16.25
C ILE C 154 42.92 25.10 16.32
N TYR C 155 42.28 24.28 17.16
CA TYR C 155 40.83 24.31 17.30
C TYR C 155 40.37 25.61 17.95
N GLN C 156 39.42 26.28 17.29
CA GLN C 156 38.85 27.55 17.78
C GLN C 156 37.58 27.25 18.56
N ALA C 157 37.69 27.22 19.88
CA ALA C 157 36.53 26.97 20.72
C ALA C 157 35.70 28.22 20.92
N GLY C 158 36.33 29.38 20.95
CA GLY C 158 35.64 30.64 21.17
C GLY C 158 35.19 31.28 19.88
N SER C 159 35.04 32.61 19.94
CA SER C 159 34.53 33.37 18.82
C SER C 159 35.62 34.17 18.11
N THR C 160 36.70 34.49 18.80
CA THR C 160 37.75 35.22 18.10
C THR C 160 38.72 34.23 17.45
N PRO C 161 39.20 34.54 16.24
CA PRO C 161 40.08 33.59 15.55
C PRO C 161 41.37 33.38 16.32
N CYS C 162 41.97 32.20 16.10
CA CYS C 162 43.13 31.78 16.86
C CYS C 162 44.44 32.24 16.26
N ASN C 163 44.44 32.60 14.97
CA ASN C 163 45.63 33.14 14.32
C ASN C 163 46.79 32.15 14.38
N GLY C 164 46.48 30.86 14.39
CA GLY C 164 47.48 29.81 14.42
C GLY C 164 48.28 29.71 15.70
N VAL C 165 47.84 30.39 16.77
CA VAL C 165 48.51 30.32 18.07
C VAL C 165 47.47 29.93 19.12
N GLU C 166 47.90 29.11 20.08
CA GLU C 166 46.99 28.51 21.05
C GLU C 166 47.10 29.19 22.40
N GLY C 167 45.99 29.20 23.13
CA GLY C 167 45.88 29.89 24.40
C GLY C 167 44.45 29.86 24.90
N PHE C 168 43.91 31.02 25.27
CA PHE C 168 42.53 31.11 25.71
C PHE C 168 41.60 30.78 24.55
N ASN C 169 40.76 29.75 24.74
CA ASN C 169 39.80 29.26 23.75
C ASN C 169 40.48 28.87 22.43
N CYS C 170 41.78 28.62 22.46
CA CYS C 170 42.52 28.14 21.30
C CYS C 170 43.35 26.93 21.73
N TYR C 171 42.94 25.75 21.30
CA TYR C 171 43.49 24.50 21.78
C TYR C 171 44.16 23.72 20.65
N PHE C 172 45.27 23.08 20.97
CA PHE C 172 45.84 22.10 20.06
C PHE C 172 44.94 20.87 20.03
N PRO C 173 44.56 20.36 18.86
CA PRO C 173 43.46 19.38 18.80
C PRO C 173 43.84 17.99 19.29
N LEU C 174 45.12 17.66 19.39
CA LEU C 174 45.54 16.32 19.78
C LEU C 174 45.97 16.33 21.24
N GLN C 175 45.53 15.34 21.99
CA GLN C 175 45.92 15.15 23.38
C GLN C 175 46.74 13.85 23.50
N SER C 176 47.70 13.85 24.40
CA SER C 176 48.60 12.71 24.55
C SER C 176 48.18 11.82 25.71
N TYR C 177 48.24 10.50 25.49
CA TYR C 177 48.07 9.54 26.58
C TYR C 177 49.33 9.52 27.42
N GLY C 178 49.19 9.60 28.74
CA GLY C 178 50.36 9.52 29.58
C GLY C 178 50.67 8.10 30.00
N PHE C 179 51.01 7.24 29.03
CA PHE C 179 51.06 5.80 29.27
C PHE C 179 52.17 5.38 30.22
N GLN C 180 51.82 5.26 31.50
CA GLN C 180 52.66 4.71 32.55
C GLN C 180 52.18 3.30 32.89
N PRO C 181 53.11 2.35 33.10
CA PRO C 181 52.69 0.98 33.44
C PRO C 181 51.98 0.90 34.79
N THR C 182 52.05 1.95 35.59
CA THR C 182 51.44 1.97 36.91
C THR C 182 49.97 2.36 36.87
N ASN C 183 49.42 2.66 35.69
CA ASN C 183 48.02 3.03 35.58
C ASN C 183 47.12 1.83 35.81
N GLY C 184 45.84 2.11 36.09
CA GLY C 184 44.81 1.08 36.12
C GLY C 184 44.58 0.53 34.72
N VAL C 185 43.71 -0.49 34.64
CA VAL C 185 43.50 -1.12 33.35
C VAL C 185 42.81 -0.17 32.38
N GLY C 186 41.81 0.56 32.86
CA GLY C 186 41.09 1.52 32.03
C GLY C 186 41.99 2.53 31.36
N TYR C 187 43.18 2.74 31.93
CA TYR C 187 44.13 3.74 31.44
C TYR C 187 45.42 3.11 30.92
N GLN C 188 45.42 1.82 30.68
CA GLN C 188 46.55 1.13 30.08
C GLN C 188 46.40 1.07 28.56
N PRO C 189 47.51 0.93 27.84
CA PRO C 189 47.43 0.89 26.38
C PRO C 189 46.86 -0.42 25.90
N TYR C 190 45.96 -0.33 24.93
CA TYR C 190 45.41 -1.51 24.28
C TYR C 190 45.61 -1.36 22.79
N ARG C 191 46.14 -2.40 22.16
CA ARG C 191 46.26 -2.43 20.71
C ARG C 191 44.99 -3.01 20.13
N VAL C 192 44.49 -2.38 19.07
CA VAL C 192 43.20 -2.70 18.49
C VAL C 192 43.36 -2.95 17.00
N VAL C 193 42.74 -4.03 16.53
CA VAL C 193 42.58 -4.37 15.12
C VAL C 193 41.09 -4.54 14.82
N VAL C 194 40.58 -3.75 13.89
CA VAL C 194 39.21 -3.87 13.41
C VAL C 194 39.24 -4.51 12.04
N LEU C 195 38.59 -5.65 11.92
CA LEU C 195 38.47 -6.37 10.66
C LEU C 195 37.14 -6.02 10.04
N SER C 196 37.17 -5.31 8.92
CA SER C 196 36.00 -4.97 8.15
C SER C 196 35.97 -5.84 6.90
N PHE C 197 34.80 -6.37 6.57
CA PHE C 197 34.64 -7.31 5.47
C PHE C 197 33.93 -6.60 4.31
N GLU C 198 34.71 -6.21 3.29
CA GLU C 198 34.19 -5.51 2.13
C GLU C 198 33.72 -6.50 1.07
N LEU C 199 32.58 -6.18 0.45
CA LEU C 199 31.82 -7.08 -0.41
C LEU C 199 31.44 -6.35 -1.69
N LEU C 200 32.23 -6.49 -2.74
CA LEU C 200 31.96 -5.82 -3.99
C LEU C 200 31.39 -6.80 -5.02
N HIS C 201 31.01 -6.27 -6.18
CA HIS C 201 30.51 -7.12 -7.27
C HIS C 201 31.65 -7.64 -8.13
N ALA C 202 32.51 -8.42 -7.48
CA ALA C 202 33.76 -8.86 -8.05
C ALA C 202 34.07 -10.23 -7.49
N PRO C 203 35.07 -10.93 -8.04
CA PRO C 203 35.42 -12.25 -7.48
C PRO C 203 35.91 -12.12 -6.03
N ALA C 204 35.38 -13.00 -5.17
CA ALA C 204 35.67 -12.96 -3.74
C ALA C 204 37.04 -13.60 -3.47
N THR C 205 37.99 -12.81 -2.98
CA THR C 205 39.38 -13.23 -2.91
C THR C 205 39.85 -13.65 -1.51
N VAL C 206 39.06 -13.43 -0.47
CA VAL C 206 39.45 -13.80 0.90
C VAL C 206 38.42 -14.78 1.45
N CYS C 207 38.78 -16.06 1.50
CA CYS C 207 37.94 -17.10 2.08
C CYS C 207 38.66 -17.73 3.27
N GLY C 208 37.90 -18.49 4.05
CA GLY C 208 38.45 -19.24 5.15
C GLY C 208 39.04 -20.56 4.69
N PRO C 209 39.36 -21.43 5.63
CA PRO C 209 39.89 -22.75 5.27
C PRO C 209 38.92 -23.61 4.47
N LYS C 210 37.64 -23.23 4.42
CA LYS C 210 36.64 -23.96 3.62
C LYS C 210 35.52 -23.03 3.17
N GLU D 1 6.34 24.07 -24.67
CA GLU D 1 6.19 23.68 -26.06
C GLU D 1 7.51 23.12 -26.59
N VAL D 2 7.49 21.89 -27.07
CA VAL D 2 8.69 21.25 -27.58
C VAL D 2 9.05 21.85 -28.94
N GLN D 3 10.33 22.16 -29.13
CA GLN D 3 10.78 22.86 -30.32
C GLN D 3 12.18 22.43 -30.71
N LEU D 4 12.38 22.24 -32.01
CA LEU D 4 13.67 21.92 -32.61
C LEU D 4 13.95 22.89 -33.75
N LEU D 5 15.11 23.55 -33.70
CA LEU D 5 15.49 24.57 -34.69
C LEU D 5 16.80 24.18 -35.35
N GLU D 6 16.75 23.86 -36.63
CA GLU D 6 17.96 23.53 -37.38
C GLU D 6 18.59 24.78 -37.98
N SER D 7 19.88 24.66 -38.24
CA SER D 7 20.65 25.67 -38.98
C SER D 7 21.90 25.00 -39.51
N GLY D 8 22.55 25.67 -40.45
CA GLY D 8 23.85 25.24 -40.94
C GLY D 8 23.88 24.72 -42.36
N GLY D 9 22.74 24.65 -43.04
CA GLY D 9 22.72 24.22 -44.42
C GLY D 9 23.13 25.32 -45.37
N GLY D 10 23.34 24.94 -46.63
CA GLY D 10 23.69 25.88 -47.66
C GLY D 10 24.30 25.13 -48.85
N LEU D 11 24.95 25.90 -49.73
CA LEU D 11 25.65 25.34 -50.87
C LEU D 11 27.09 25.03 -50.48
N VAL D 12 27.57 23.88 -50.92
CA VAL D 12 28.96 23.51 -50.66
C VAL D 12 29.40 22.54 -51.76
N GLN D 13 30.67 22.65 -52.17
CA GLN D 13 31.19 21.82 -53.23
C GLN D 13 31.53 20.44 -52.69
N PRO D 14 31.60 19.43 -53.57
CA PRO D 14 31.92 18.07 -53.12
C PRO D 14 33.26 18.01 -52.40
N GLY D 15 33.34 17.10 -51.43
CA GLY D 15 34.49 16.99 -50.57
C GLY D 15 34.55 18.00 -49.45
N GLY D 16 33.65 18.98 -49.43
CA GLY D 16 33.64 19.99 -48.41
C GLY D 16 33.11 19.47 -47.09
N SER D 17 32.95 20.40 -46.15
CA SER D 17 32.41 20.09 -44.84
C SER D 17 31.23 21.01 -44.57
N LEU D 18 30.40 20.59 -43.61
CA LEU D 18 29.21 21.35 -43.25
C LEU D 18 28.77 20.88 -41.87
N ARG D 19 28.27 21.80 -41.05
CA ARG D 19 27.92 21.44 -39.68
C ARG D 19 26.49 21.87 -39.41
N LEU D 20 25.57 20.90 -39.33
CA LEU D 20 24.18 21.19 -39.00
C LEU D 20 24.03 21.20 -37.50
N SER D 21 23.21 22.11 -37.00
CA SER D 21 22.90 22.16 -35.59
C SER D 21 21.39 22.20 -35.40
N CYS D 22 20.95 21.64 -34.28
CA CYS D 22 19.54 21.56 -33.92
C CYS D 22 19.43 21.95 -32.45
N ALA D 23 18.90 23.14 -32.20
CA ALA D 23 18.69 23.63 -30.85
C ALA D 23 17.33 23.15 -30.36
N ALA D 24 17.30 22.52 -29.19
CA ALA D 24 16.09 21.94 -28.63
C ALA D 24 15.64 22.72 -27.40
N SER D 25 14.33 22.79 -27.20
CA SER D 25 13.79 23.45 -26.02
C SER D 25 12.40 22.94 -25.70
N GLY D 26 12.04 22.97 -24.43
CA GLY D 26 10.72 22.56 -24.00
C GLY D 26 10.59 21.13 -23.49
N PHE D 27 11.70 20.47 -23.17
CA PHE D 27 11.69 19.12 -22.60
C PHE D 27 13.11 18.83 -22.12
N THR D 28 13.23 17.80 -21.30
CA THR D 28 14.55 17.41 -20.79
C THR D 28 15.37 16.83 -21.93
N PHE D 29 16.24 17.66 -22.51
CA PHE D 29 17.00 17.26 -23.70
C PHE D 29 17.95 16.10 -23.41
N SER D 30 18.63 16.14 -22.26
CA SER D 30 19.65 15.15 -21.95
C SER D 30 19.09 13.76 -21.70
N SER D 31 17.77 13.59 -21.71
CA SER D 31 17.16 12.31 -21.37
C SER D 31 16.71 11.52 -22.59
N TYR D 32 16.64 12.13 -23.77
CA TYR D 32 16.12 11.48 -24.96
C TYR D 32 17.22 11.36 -26.03
N ALA D 33 17.13 10.29 -26.83
CA ALA D 33 17.99 10.16 -27.99
C ALA D 33 17.53 11.10 -29.11
N MET D 34 18.45 11.44 -30.01
CA MET D 34 18.14 12.36 -31.09
C MET D 34 18.53 11.75 -32.43
N ASN D 35 17.80 12.15 -33.48
CA ASN D 35 17.97 11.58 -34.81
C ASN D 35 18.14 12.66 -35.86
N TRP D 36 18.89 12.29 -36.89
CA TRP D 36 18.96 13.04 -38.14
C TRP D 36 18.36 12.18 -39.25
N VAL D 37 17.44 12.77 -40.02
CA VAL D 37 16.75 12.13 -41.12
C VAL D 37 16.76 13.08 -42.31
N ARG D 38 17.18 12.60 -43.48
CA ARG D 38 17.26 13.45 -44.65
C ARG D 38 16.21 13.06 -45.68
N GLN D 39 15.92 13.99 -46.59
CA GLN D 39 15.01 13.75 -47.70
C GLN D 39 15.56 14.42 -48.94
N ALA D 40 15.93 13.60 -49.92
CA ALA D 40 16.41 14.10 -51.20
C ALA D 40 15.29 14.83 -51.93
N PRO D 41 15.63 15.72 -52.87
CA PRO D 41 14.57 16.47 -53.57
C PRO D 41 13.64 15.55 -54.34
N GLY D 42 12.34 15.67 -54.06
CA GLY D 42 11.35 14.87 -54.75
C GLY D 42 11.41 13.40 -54.47
N LYS D 43 12.11 12.98 -53.43
CA LYS D 43 12.23 11.59 -53.05
C LYS D 43 11.73 11.38 -51.62
N GLY D 44 11.87 10.16 -51.13
CA GLY D 44 11.29 9.78 -49.85
C GLY D 44 12.18 10.12 -48.67
N LEU D 45 11.73 9.69 -47.50
CA LEU D 45 12.47 9.90 -46.28
C LEU D 45 13.55 8.84 -46.12
N GLU D 46 14.68 9.24 -45.56
CA GLU D 46 15.78 8.32 -45.28
C GLU D 46 16.39 8.65 -43.93
N TRP D 47 16.47 7.66 -43.05
CA TRP D 47 17.07 7.85 -41.74
C TRP D 47 18.59 7.90 -41.86
N VAL D 48 19.22 8.83 -41.15
CA VAL D 48 20.66 9.08 -41.25
C VAL D 48 21.39 8.64 -39.99
N SER D 49 21.01 9.17 -38.83
CA SER D 49 21.84 8.91 -37.67
C SER D 49 21.04 9.02 -36.37
N VAL D 50 21.53 8.33 -35.34
CA VAL D 50 21.00 8.41 -33.98
C VAL D 50 22.16 8.59 -33.00
N ILE D 51 21.94 9.42 -31.98
CA ILE D 51 22.82 9.51 -30.82
C ILE D 51 22.00 9.36 -29.55
N SER D 52 22.58 8.69 -28.55
CA SER D 52 21.93 8.47 -27.28
C SER D 52 21.94 9.75 -26.44
N GLY D 53 21.16 9.75 -25.36
CA GLY D 53 21.10 10.92 -24.50
C GLY D 53 22.42 11.21 -23.82
N SER D 54 23.07 10.17 -23.30
CA SER D 54 24.38 10.34 -22.70
C SER D 54 25.43 10.72 -23.73
N GLY D 55 25.16 10.53 -25.01
CA GLY D 55 26.12 10.75 -26.06
C GLY D 55 27.08 9.62 -26.30
N GLY D 56 26.94 8.50 -25.57
CA GLY D 56 27.90 7.41 -25.66
C GLY D 56 27.68 6.47 -26.82
N SER D 57 26.45 6.38 -27.33
CA SER D 57 26.12 5.45 -28.40
C SER D 57 25.71 6.24 -29.64
N THR D 58 26.31 5.92 -30.78
CA THR D 58 25.99 6.56 -32.04
C THR D 58 25.87 5.50 -33.12
N TYR D 59 24.86 5.64 -33.97
CA TYR D 59 24.67 4.72 -35.08
C TYR D 59 24.33 5.48 -36.35
N TYR D 60 24.90 5.04 -37.47
CA TYR D 60 24.82 5.74 -38.74
C TYR D 60 24.34 4.79 -39.83
N ALA D 61 23.64 5.35 -40.81
CA ALA D 61 23.34 4.61 -42.03
C ALA D 61 24.62 4.33 -42.81
N ASP D 62 24.61 3.25 -43.59
CA ASP D 62 25.82 2.85 -44.32
C ASP D 62 26.26 3.92 -45.31
N SER D 63 25.30 4.62 -45.94
CA SER D 63 25.66 5.61 -46.94
C SER D 63 26.41 6.80 -46.35
N VAL D 64 26.44 6.96 -45.03
CA VAL D 64 27.12 8.10 -44.42
C VAL D 64 28.09 7.58 -43.38
N ARG D 65 28.33 6.28 -43.36
CA ARG D 65 29.19 5.69 -42.34
C ARG D 65 30.61 6.19 -42.51
N GLY D 66 31.24 6.55 -41.39
CA GLY D 66 32.61 7.02 -41.41
C GLY D 66 32.78 8.42 -41.95
N ARG D 67 31.77 8.95 -42.65
CA ARG D 67 31.83 10.29 -43.20
C ARG D 67 31.11 11.31 -42.32
N PHE D 68 29.88 11.00 -41.92
CA PHE D 68 29.13 11.87 -41.03
C PHE D 68 29.41 11.49 -39.58
N THR D 69 29.22 12.46 -38.69
CA THR D 69 29.41 12.22 -37.26
C THR D 69 28.35 12.99 -36.49
N ILE D 70 27.59 12.28 -35.68
CA ILE D 70 26.55 12.88 -34.85
C ILE D 70 27.13 13.16 -33.47
N SER D 71 26.66 14.22 -32.83
CA SER D 71 27.13 14.57 -31.50
C SER D 71 26.09 15.43 -30.82
N ARG D 72 26.33 15.76 -29.56
CA ARG D 72 25.40 16.60 -28.84
C ARG D 72 26.11 17.28 -27.68
N ASP D 73 25.72 18.52 -27.41
CA ASP D 73 26.17 19.25 -26.23
C ASP D 73 24.94 19.43 -25.36
N ASN D 74 24.89 18.68 -24.25
CA ASN D 74 23.74 18.73 -23.35
C ASN D 74 23.72 19.99 -22.50
N SER D 75 24.87 20.63 -22.26
CA SER D 75 24.84 21.90 -21.55
C SER D 75 24.22 22.99 -22.42
N LYS D 76 24.39 22.88 -23.74
CA LYS D 76 23.86 23.83 -24.70
C LYS D 76 22.53 23.37 -25.32
N ASN D 77 22.07 22.17 -24.98
CA ASN D 77 20.83 21.62 -25.53
C ASN D 77 20.86 21.65 -27.06
N THR D 78 21.90 21.03 -27.61
CA THR D 78 22.07 21.11 -29.05
C THR D 78 22.55 19.78 -29.63
N LEU D 79 21.96 19.40 -30.76
CA LEU D 79 22.38 18.24 -31.53
C LEU D 79 23.16 18.72 -32.75
N TYR D 80 24.20 17.98 -33.11
CA TYR D 80 25.05 18.37 -34.23
C TYR D 80 25.21 17.21 -35.19
N LEU D 81 25.21 17.54 -36.48
CA LEU D 81 25.56 16.59 -37.52
C LEU D 81 26.72 17.20 -38.31
N GLN D 82 27.91 16.65 -38.13
CA GLN D 82 29.12 17.11 -38.81
C GLN D 82 29.27 16.26 -40.07
N MET D 83 29.14 16.90 -41.23
CA MET D 83 29.15 16.22 -42.52
C MET D 83 30.45 16.56 -43.24
N ASN D 84 31.33 15.56 -43.35
CA ASN D 84 32.57 15.67 -44.10
C ASN D 84 32.49 14.77 -45.32
N SER D 85 33.37 15.01 -46.29
CA SER D 85 33.47 14.20 -47.49
C SER D 85 32.15 14.16 -48.25
N LEU D 86 31.50 15.32 -48.35
CA LEU D 86 30.16 15.40 -48.90
C LEU D 86 30.14 15.00 -50.37
N ARG D 87 29.15 14.19 -50.75
CA ARG D 87 28.91 13.79 -52.13
C ARG D 87 27.66 14.50 -52.63
N ALA D 88 27.52 14.53 -53.96
CA ALA D 88 26.37 15.19 -54.56
C ALA D 88 25.06 14.53 -54.12
N GLU D 89 25.08 13.21 -53.89
CA GLU D 89 23.89 12.48 -53.49
C GLU D 89 23.43 12.85 -52.08
N ASP D 90 24.28 13.49 -51.29
CA ASP D 90 23.88 13.93 -49.96
C ASP D 90 23.03 15.21 -50.00
N THR D 91 22.80 15.77 -51.17
CA THR D 91 21.93 16.94 -51.27
C THR D 91 20.53 16.57 -50.81
N ALA D 92 20.05 17.24 -49.78
CA ALA D 92 18.76 16.89 -49.19
C ALA D 92 18.36 17.96 -48.19
N VAL D 93 17.11 17.90 -47.75
CA VAL D 93 16.68 18.64 -46.58
C VAL D 93 16.86 17.73 -45.37
N TYR D 94 17.57 18.24 -44.37
CA TYR D 94 17.95 17.47 -43.19
C TYR D 94 17.08 17.91 -42.02
N CYS D 95 16.41 16.94 -41.41
CA CYS D 95 15.52 17.15 -40.29
C CYS D 95 16.06 16.52 -39.01
N CYS D 96 15.82 17.21 -37.91
CA CYS D 96 16.21 16.78 -36.58
C CYS D 96 14.97 16.29 -35.86
N ALA D 97 15.03 15.07 -35.32
CA ALA D 97 13.85 14.42 -34.76
C ALA D 97 14.11 13.88 -33.36
N LYS D 98 13.16 14.12 -32.46
CA LYS D 98 13.27 13.67 -31.08
C LYS D 98 13.00 12.18 -31.01
N GLY D 99 13.88 11.46 -30.35
CA GLY D 99 13.81 10.02 -30.24
C GLY D 99 13.17 9.57 -28.94
N TYR D 100 13.53 8.36 -28.52
CA TYR D 100 12.96 7.76 -27.33
C TYR D 100 13.81 8.04 -26.11
N TYR D 101 13.20 7.82 -24.94
CA TYR D 101 13.89 8.04 -23.68
C TYR D 101 15.09 7.11 -23.59
N TYR D 102 16.29 7.70 -23.56
CA TYR D 102 17.55 6.94 -23.48
C TYR D 102 18.52 7.77 -22.66
N ASP D 103 18.56 7.50 -21.35
CA ASP D 103 19.40 8.30 -20.46
C ASP D 103 20.69 7.53 -20.20
N SER D 104 21.39 7.88 -19.12
CA SER D 104 22.61 7.16 -18.75
C SER D 104 22.36 5.77 -18.20
N SER D 105 21.14 5.45 -17.79
CA SER D 105 20.85 4.17 -17.16
C SER D 105 20.12 3.20 -18.09
N GLY D 106 19.77 3.61 -19.30
CA GLY D 106 19.12 2.75 -20.26
C GLY D 106 17.99 3.46 -20.97
N TYR D 107 17.21 2.69 -21.71
CA TYR D 107 16.11 3.22 -22.50
C TYR D 107 14.79 2.77 -21.89
N TYR D 108 13.75 3.59 -22.09
CA TYR D 108 12.48 3.40 -21.39
C TYR D 108 11.32 3.06 -22.32
N PHE D 109 11.02 3.87 -23.32
CA PHE D 109 9.82 3.72 -24.12
C PHE D 109 10.23 3.70 -25.60
N ARG D 110 10.91 2.63 -26.02
CA ARG D 110 11.55 2.67 -27.34
C ARG D 110 10.55 2.75 -28.48
N GLU D 111 9.27 2.48 -28.24
CA GLU D 111 8.28 2.64 -29.30
C GLU D 111 8.00 4.11 -29.58
N ASP D 112 7.96 4.93 -28.53
CA ASP D 112 7.67 6.35 -28.67
C ASP D 112 8.93 7.06 -29.17
N ALA D 113 8.95 7.34 -30.46
CA ALA D 113 10.05 8.04 -31.09
C ALA D 113 9.51 8.88 -32.23
N PHE D 114 10.32 9.83 -32.69
CA PHE D 114 9.96 10.68 -33.83
C PHE D 114 8.63 11.39 -33.61
N ASP D 115 8.34 11.77 -32.36
CA ASP D 115 7.10 12.48 -32.09
C ASP D 115 7.17 13.95 -32.52
N ILE D 116 8.36 14.54 -32.51
CA ILE D 116 8.54 15.96 -32.79
C ILE D 116 9.71 16.12 -33.75
N TRP D 117 9.50 16.86 -34.84
CA TRP D 117 10.51 17.07 -35.87
C TRP D 117 10.83 18.55 -35.98
N GLY D 118 12.09 18.85 -36.32
CA GLY D 118 12.45 20.22 -36.59
C GLY D 118 12.00 20.68 -37.96
N GLN D 119 12.09 21.99 -38.19
CA GLN D 119 11.61 22.54 -39.45
C GLN D 119 12.50 22.16 -40.62
N GLY D 120 13.68 21.60 -40.36
CA GLY D 120 14.58 21.16 -41.41
C GLY D 120 15.45 22.26 -41.97
N THR D 121 16.62 21.90 -42.50
CA THR D 121 17.49 22.87 -43.17
C THR D 121 18.04 22.23 -44.45
N LEU D 122 18.28 23.06 -45.45
CA LEU D 122 18.65 22.56 -46.78
C LEU D 122 20.16 22.47 -46.93
N VAL D 123 20.64 21.33 -47.44
CA VAL D 123 22.05 21.11 -47.75
C VAL D 123 22.16 20.74 -49.22
N THR D 124 22.86 21.57 -50.00
CA THR D 124 23.03 21.40 -51.44
C THR D 124 24.52 21.20 -51.74
N VAL D 125 24.91 19.98 -52.05
CA VAL D 125 26.28 19.65 -52.40
C VAL D 125 26.39 19.58 -53.92
N SER D 126 27.15 20.52 -54.51
CA SER D 126 27.28 20.59 -55.96
C SER D 126 28.54 21.36 -56.30
N SER D 127 29.15 20.99 -57.44
CA SER D 127 30.32 21.67 -57.99
C SER D 127 29.95 22.77 -58.98
N ALA D 128 28.68 23.14 -59.05
CA ALA D 128 28.25 24.16 -60.00
C ALA D 128 28.62 25.55 -59.49
N SER D 129 28.51 26.53 -60.39
CA SER D 129 28.74 27.93 -60.08
C SER D 129 27.46 28.71 -60.34
N THR D 130 27.24 29.76 -59.57
CA THR D 130 25.99 30.50 -59.67
C THR D 130 25.85 31.17 -61.04
N LYS D 131 25.08 30.55 -61.92
CA LYS D 131 24.95 31.01 -63.30
C LYS D 131 23.47 31.21 -63.63
N GLY D 132 23.16 32.34 -64.24
CA GLY D 132 21.80 32.65 -64.60
C GLY D 132 21.25 31.75 -65.68
N PRO D 133 19.95 31.87 -65.95
CA PRO D 133 19.29 31.00 -66.93
C PRO D 133 19.18 31.62 -68.32
N SER D 134 19.27 30.75 -69.33
CA SER D 134 18.98 31.09 -70.71
C SER D 134 17.49 30.87 -70.99
N VAL D 135 16.82 31.92 -71.46
CA VAL D 135 15.37 31.89 -71.65
C VAL D 135 15.09 31.83 -73.14
N PHE D 136 14.39 30.78 -73.58
CA PHE D 136 13.99 30.63 -74.97
C PHE D 136 12.47 30.61 -75.08
N PRO D 137 11.91 31.04 -76.21
CA PRO D 137 10.45 31.04 -76.35
C PRO D 137 9.92 29.73 -76.91
N LEU D 138 8.63 29.52 -76.67
CA LEU D 138 7.88 28.37 -77.18
C LEU D 138 6.64 28.96 -77.81
N ALA D 139 6.68 29.15 -79.14
CA ALA D 139 5.70 29.93 -79.88
C ALA D 139 4.44 29.09 -80.13
N PRO D 140 3.27 29.71 -80.06
CA PRO D 140 2.02 28.97 -80.27
C PRO D 140 1.76 28.65 -81.73
N SER D 141 2.79 28.24 -82.46
CA SER D 141 2.68 27.97 -83.89
C SER D 141 1.97 26.66 -84.19
N SER D 142 0.93 26.33 -83.42
CA SER D 142 0.15 25.13 -83.66
C SER D 142 -0.86 25.30 -84.79
N LYS D 143 -0.45 26.00 -85.86
CA LYS D 143 -1.23 26.16 -87.09
C LYS D 143 -2.49 26.99 -86.87
N SER D 144 -2.78 27.35 -85.62
CA SER D 144 -4.08 27.90 -85.23
C SER D 144 -5.18 26.89 -85.58
N THR D 145 -4.99 25.65 -85.11
CA THR D 145 -5.89 24.54 -85.42
C THR D 145 -7.32 24.82 -84.97
N SER D 146 -8.16 25.22 -85.92
CA SER D 146 -9.57 25.55 -85.68
C SER D 146 -9.76 26.67 -84.67
N GLY D 147 -8.72 27.48 -84.45
CA GLY D 147 -8.79 28.50 -83.42
C GLY D 147 -8.84 27.88 -82.03
N GLY D 148 -9.89 28.18 -81.27
CA GLY D 148 -10.03 27.65 -79.94
C GLY D 148 -8.99 28.17 -78.97
N THR D 149 -8.22 27.25 -78.37
CA THR D 149 -7.16 27.61 -77.45
C THR D 149 -5.81 27.12 -77.98
N ALA D 150 -4.77 27.91 -77.73
CA ALA D 150 -3.41 27.59 -78.16
C ALA D 150 -2.48 27.71 -76.96
N ALA D 151 -1.43 26.88 -76.97
CA ALA D 151 -0.48 26.83 -75.87
C ALA D 151 0.83 27.50 -76.27
N LEU D 152 1.35 28.32 -75.36
CA LEU D 152 2.64 28.98 -75.57
C LEU D 152 3.41 28.96 -74.26
N GLY D 153 4.71 29.27 -74.33
CA GLY D 153 5.47 29.19 -73.10
C GLY D 153 6.89 29.68 -73.22
N CYS D 154 7.65 29.41 -72.15
CA CYS D 154 9.05 29.81 -72.03
C CYS D 154 9.84 28.64 -71.47
N LEU D 155 11.02 28.40 -72.07
CA LEU D 155 11.96 27.39 -71.60
C LEU D 155 13.10 28.08 -70.85
N VAL D 156 13.19 27.83 -69.56
CA VAL D 156 14.22 28.43 -68.71
C VAL D 156 15.27 27.34 -68.48
N LYS D 157 16.40 27.43 -69.17
CA LYS D 157 17.36 26.33 -69.27
C LYS D 157 18.70 26.74 -68.68
N ASP D 158 19.36 25.78 -68.01
CA ASP D 158 20.76 25.88 -67.60
C ASP D 158 20.97 27.05 -66.63
N TYR D 159 20.44 26.87 -65.42
CA TYR D 159 20.68 27.81 -64.33
C TYR D 159 21.07 27.07 -63.07
N PHE D 160 21.66 27.80 -62.14
CA PHE D 160 22.07 27.25 -60.85
C PHE D 160 22.33 28.40 -59.90
N PRO D 161 21.96 28.29 -58.62
CA PRO D 161 21.17 27.17 -58.11
C PRO D 161 19.70 27.54 -58.14
N GLU D 162 18.84 26.71 -57.54
CA GLU D 162 17.44 27.07 -57.41
C GLU D 162 17.29 28.23 -56.44
N PRO D 163 16.19 28.99 -56.55
CA PRO D 163 15.07 28.82 -57.47
C PRO D 163 14.99 29.87 -58.59
N VAL D 164 14.09 29.61 -59.53
CA VAL D 164 13.69 30.58 -60.55
C VAL D 164 12.20 30.82 -60.40
N THR D 165 11.78 32.08 -60.45
CA THR D 165 10.36 32.41 -60.42
C THR D 165 9.92 32.92 -61.78
N VAL D 166 8.75 32.48 -62.24
CA VAL D 166 8.26 32.80 -63.58
C VAL D 166 6.83 33.32 -63.47
N SER D 167 6.60 34.54 -63.96
CA SER D 167 5.27 35.13 -64.07
C SER D 167 4.99 35.44 -65.53
N TRP D 168 3.75 35.85 -65.80
CA TRP D 168 3.34 36.18 -67.16
C TRP D 168 2.67 37.55 -67.19
N ASN D 169 3.14 38.42 -68.07
CA ASN D 169 2.62 39.77 -68.23
C ASN D 169 2.64 40.53 -66.90
N SER D 170 3.79 40.44 -66.23
CA SER D 170 4.03 41.13 -64.95
C SER D 170 2.95 40.83 -63.92
N GLY D 171 2.47 39.58 -63.90
CA GLY D 171 1.50 39.14 -62.93
C GLY D 171 0.06 39.26 -63.35
N ALA D 172 -0.21 39.84 -64.53
CA ALA D 172 -1.58 40.03 -65.00
C ALA D 172 -2.20 38.73 -65.47
N LEU D 173 -1.39 37.79 -65.94
CA LEU D 173 -1.86 36.53 -66.49
C LEU D 173 -1.50 35.42 -65.50
N THR D 174 -2.54 34.79 -64.94
CA THR D 174 -2.33 33.71 -63.96
C THR D 174 -3.21 32.52 -64.29
N SER D 175 -4.34 32.75 -64.97
CA SER D 175 -5.30 31.69 -65.25
C SER D 175 -4.72 30.72 -66.27
N GLY D 176 -4.82 29.42 -65.98
CA GLY D 176 -4.33 28.42 -66.91
C GLY D 176 -2.84 28.39 -67.08
N VAL D 177 -2.08 28.93 -66.13
CA VAL D 177 -0.62 28.88 -66.16
C VAL D 177 -0.14 27.62 -65.46
N HIS D 178 0.90 26.99 -66.03
CA HIS D 178 1.53 25.82 -65.42
C HIS D 178 3.04 26.01 -65.52
N THR D 179 3.71 26.19 -64.38
CA THR D 179 5.16 26.28 -64.31
C THR D 179 5.71 24.97 -63.76
N PHE D 180 6.44 24.23 -64.58
CA PHE D 180 6.84 22.88 -64.20
C PHE D 180 7.97 22.91 -63.18
N PRO D 181 8.09 21.87 -62.37
CA PRO D 181 9.24 21.77 -61.47
C PRO D 181 10.54 21.59 -62.24
N ALA D 182 11.57 22.30 -61.80
CA ALA D 182 12.88 22.22 -62.43
C ALA D 182 13.44 20.80 -62.34
N VAL D 183 14.09 20.36 -63.41
CA VAL D 183 14.78 19.08 -63.45
C VAL D 183 16.28 19.35 -63.40
N LEU D 184 17.01 18.44 -62.74
CA LEU D 184 18.45 18.54 -62.66
C LEU D 184 19.05 17.75 -63.81
N GLN D 185 19.54 18.45 -64.82
CA GLN D 185 20.08 17.81 -66.01
C GLN D 185 21.42 17.15 -65.67
N SER D 186 21.84 16.24 -66.55
CA SER D 186 23.11 15.54 -66.34
C SER D 186 24.29 16.51 -66.30
N SER D 187 24.14 17.73 -66.81
CA SER D 187 25.17 18.76 -66.80
C SER D 187 25.36 19.42 -65.44
N GLY D 188 24.50 19.15 -64.47
CA GLY D 188 24.53 19.84 -63.20
C GLY D 188 23.70 21.10 -63.12
N LEU D 189 23.13 21.55 -64.23
CA LEU D 189 22.30 22.75 -64.25
C LEU D 189 20.81 22.39 -64.30
N TYR D 190 19.99 23.25 -63.72
CA TYR D 190 18.55 23.04 -63.67
C TYR D 190 17.87 23.60 -64.91
N SER D 191 16.72 23.03 -65.24
CA SER D 191 15.97 23.48 -66.40
C SER D 191 14.49 23.20 -66.18
N LEU D 192 13.66 24.19 -66.46
CA LEU D 192 12.22 24.04 -66.35
C LEU D 192 11.58 24.77 -67.53
N SER D 193 10.25 24.71 -67.59
CA SER D 193 9.52 25.43 -68.61
C SER D 193 8.15 25.79 -68.05
N SER D 194 7.64 26.95 -68.46
CA SER D 194 6.36 27.46 -67.99
C SER D 194 5.47 27.71 -69.20
N VAL D 195 4.29 27.11 -69.20
CA VAL D 195 3.38 27.21 -70.34
C VAL D 195 2.05 27.79 -69.87
N VAL D 196 1.27 28.23 -70.85
CA VAL D 196 -0.06 28.76 -70.59
C VAL D 196 -0.89 28.60 -71.86
N THR D 197 -2.14 28.21 -71.67
CA THR D 197 -3.12 28.10 -72.75
C THR D 197 -3.92 29.39 -72.80
N VAL D 198 -4.03 29.97 -74.00
CA VAL D 198 -4.70 31.25 -74.18
C VAL D 198 -5.69 31.10 -75.33
N PRO D 199 -6.64 32.03 -75.44
CA PRO D 199 -7.46 32.07 -76.66
C PRO D 199 -6.60 32.39 -77.87
N SER D 200 -6.57 31.46 -78.83
CA SER D 200 -5.78 31.69 -80.05
C SER D 200 -6.35 32.82 -80.88
N SER D 201 -7.63 33.19 -80.68
CA SER D 201 -8.22 34.30 -81.40
C SER D 201 -7.57 35.63 -81.07
N SER D 202 -6.82 35.69 -79.97
CA SER D 202 -6.18 36.92 -79.52
C SER D 202 -4.66 36.85 -79.68
N LEU D 203 -4.16 35.95 -80.53
CA LEU D 203 -2.72 35.82 -80.71
C LEU D 203 -2.12 37.02 -81.44
N GLY D 204 -2.92 37.71 -82.25
CA GLY D 204 -2.42 38.84 -83.00
C GLY D 204 -2.53 40.15 -82.23
N THR D 205 -3.46 40.20 -81.28
CA THR D 205 -3.73 41.41 -80.53
C THR D 205 -3.04 41.45 -79.17
N GLN D 206 -2.95 40.31 -78.48
CA GLN D 206 -2.37 40.24 -77.15
C GLN D 206 -0.88 39.95 -77.20
N THR D 207 -0.10 40.74 -76.45
CA THR D 207 1.32 40.51 -76.31
C THR D 207 1.55 39.58 -75.12
N TYR D 208 2.37 38.55 -75.32
CA TYR D 208 2.68 37.57 -74.28
C TYR D 208 4.14 37.67 -73.92
N ILE D 209 4.41 38.02 -72.67
CA ILE D 209 5.75 38.18 -72.15
C ILE D 209 5.86 37.38 -70.86
N CYS D 210 6.87 36.53 -70.76
CA CYS D 210 7.16 35.80 -69.54
C CYS D 210 8.29 36.51 -68.80
N ASN D 211 8.10 36.71 -67.50
CA ASN D 211 9.06 37.38 -66.64
C ASN D 211 9.73 36.33 -65.78
N VAL D 212 11.04 36.19 -65.90
CA VAL D 212 11.83 35.19 -65.21
C VAL D 212 12.82 35.88 -64.30
N ASN D 213 12.88 35.44 -63.05
CA ASN D 213 13.77 36.04 -62.06
C ASN D 213 14.58 34.92 -61.40
N HIS D 214 15.90 35.07 -61.43
CA HIS D 214 16.86 34.21 -60.77
C HIS D 214 17.72 35.11 -59.89
N LYS D 215 17.31 35.23 -58.63
CA LYS D 215 18.04 36.04 -57.66
C LYS D 215 19.49 35.60 -57.44
N PRO D 216 19.81 34.30 -57.31
CA PRO D 216 21.19 33.95 -56.92
C PRO D 216 22.24 34.50 -57.86
N SER D 217 21.90 34.75 -59.12
CA SER D 217 22.83 35.28 -60.10
C SER D 217 22.56 36.72 -60.46
N ASN D 218 21.50 37.30 -59.91
CA ASN D 218 21.05 38.65 -60.27
C ASN D 218 20.67 38.71 -61.74
N THR D 219 19.74 37.84 -62.13
CA THR D 219 19.29 37.73 -63.50
C THR D 219 17.79 37.94 -63.57
N LYS D 220 17.35 38.95 -64.31
CA LYS D 220 15.94 39.14 -64.62
C LYS D 220 15.82 39.19 -66.13
N VAL D 221 14.85 38.46 -66.67
CA VAL D 221 14.64 38.36 -68.11
C VAL D 221 13.16 38.54 -68.42
N ASP D 222 12.85 39.49 -69.30
CA ASP D 222 11.51 39.65 -69.84
C ASP D 222 11.55 39.17 -71.28
N LYS D 223 10.97 38.01 -71.56
CA LYS D 223 11.02 37.41 -72.89
C LYS D 223 9.64 37.47 -73.52
N LYS D 224 9.55 38.10 -74.68
CA LYS D 224 8.31 38.16 -75.44
C LYS D 224 8.24 36.95 -76.36
N VAL D 225 7.09 36.28 -76.36
CA VAL D 225 6.88 35.08 -77.17
C VAL D 225 6.16 35.51 -78.44
N GLU D 226 6.93 35.69 -79.51
CA GLU D 226 6.36 36.07 -80.79
C GLU D 226 5.78 34.84 -81.46
N PRO D 227 4.50 34.82 -81.79
CA PRO D 227 3.93 33.66 -82.50
C PRO D 227 4.53 33.55 -83.90
N LYS D 228 4.99 32.34 -84.23
CA LYS D 228 5.50 32.08 -85.58
C LYS D 228 4.35 31.85 -86.54
N ASP E 1 19.65 -4.97 -44.01
CA ASP E 1 18.66 -3.91 -44.14
C ASP E 1 17.23 -4.43 -44.20
N ILE E 2 16.44 -4.10 -43.17
CA ILE E 2 15.03 -4.43 -43.19
C ILE E 2 14.36 -3.53 -44.22
N GLN E 3 13.54 -4.12 -45.08
CA GLN E 3 12.94 -3.41 -46.20
C GLN E 3 11.44 -3.24 -45.97
N MET E 4 10.96 -2.00 -46.05
CA MET E 4 9.57 -1.67 -45.85
C MET E 4 8.90 -1.46 -47.20
N THR E 5 7.89 -2.27 -47.50
CA THR E 5 7.16 -2.23 -48.77
C THR E 5 5.78 -1.65 -48.49
N GLN E 6 5.51 -0.49 -49.08
CA GLN E 6 4.21 0.15 -48.95
C GLN E 6 3.36 -0.20 -50.17
N SER E 7 2.07 -0.45 -49.93
CA SER E 7 1.14 -0.68 -51.02
C SER E 7 -0.15 0.06 -50.71
N PRO E 8 -0.68 0.86 -51.66
CA PRO E 8 -0.07 1.08 -52.98
C PRO E 8 0.97 2.19 -52.94
N SER E 9 1.65 2.47 -54.06
CA SER E 9 2.55 3.61 -54.08
C SER E 9 1.78 4.91 -54.25
N ALA E 10 0.76 4.90 -55.11
CA ALA E 10 -0.15 6.02 -55.28
C ALA E 10 -1.57 5.50 -55.15
N MET E 11 -2.52 6.42 -54.98
CA MET E 11 -3.88 6.05 -54.69
C MET E 11 -4.75 7.30 -54.77
N SER E 12 -5.90 7.16 -55.42
CA SER E 12 -6.88 8.24 -55.54
C SER E 12 -8.18 7.82 -54.88
N ALA E 13 -8.77 8.74 -54.12
CA ALA E 13 -10.02 8.46 -53.42
C ALA E 13 -10.79 9.76 -53.23
N SER E 14 -12.10 9.61 -53.02
CA SER E 14 -12.97 10.75 -52.78
C SER E 14 -13.10 11.02 -51.28
N VAL E 15 -13.64 12.19 -50.94
CA VAL E 15 -13.86 12.54 -49.54
C VAL E 15 -14.84 11.54 -48.92
N GLY E 16 -14.50 11.02 -47.75
CA GLY E 16 -15.37 10.12 -47.04
C GLY E 16 -15.01 8.65 -47.17
N ASP E 17 -14.22 8.29 -48.17
CA ASP E 17 -13.89 6.90 -48.44
C ASP E 17 -13.08 6.30 -47.28
N ARG E 18 -13.10 4.97 -47.20
CA ARG E 18 -12.25 4.25 -46.28
C ARG E 18 -10.98 3.86 -47.00
N VAL E 19 -9.85 4.40 -46.55
CA VAL E 19 -8.56 4.26 -47.22
C VAL E 19 -7.67 3.37 -46.36
N THR E 20 -7.00 2.42 -47.00
CA THR E 20 -6.15 1.45 -46.31
C THR E 20 -4.80 1.39 -47.01
N ILE E 21 -3.74 1.65 -46.25
CA ILE E 21 -2.36 1.52 -46.71
C ILE E 21 -1.71 0.36 -45.98
N THR E 22 -0.95 -0.45 -46.71
CA THR E 22 -0.30 -1.61 -46.14
C THR E 22 1.22 -1.40 -46.12
N CYS E 23 1.84 -1.89 -45.06
CA CYS E 23 3.28 -1.78 -44.87
C CYS E 23 3.81 -3.15 -44.45
N ARG E 24 4.66 -3.74 -45.29
CA ARG E 24 5.24 -5.07 -45.03
C ARG E 24 6.73 -4.94 -44.75
N ALA E 25 7.18 -5.63 -43.71
CA ALA E 25 8.60 -5.65 -43.34
C ALA E 25 9.23 -6.97 -43.78
N SER E 26 10.48 -6.89 -44.25
CA SER E 26 11.17 -8.10 -44.69
C SER E 26 11.50 -9.02 -43.52
N GLN E 27 11.60 -8.49 -42.31
CA GLN E 27 11.82 -9.25 -41.09
C GLN E 27 10.83 -8.81 -40.03
N GLY E 28 10.96 -9.39 -38.84
CA GLY E 28 10.09 -9.01 -37.73
C GLY E 28 10.53 -7.69 -37.12
N ILE E 29 9.55 -6.83 -36.84
CA ILE E 29 9.85 -5.53 -36.25
C ILE E 29 8.97 -5.31 -35.02
N SER E 30 8.31 -6.38 -34.55
CA SER E 30 7.41 -6.32 -33.41
C SER E 30 6.36 -5.23 -33.56
N ASN E 31 6.40 -4.22 -32.69
CA ASN E 31 5.47 -3.10 -32.77
C ASN E 31 6.19 -1.76 -32.90
N TYR E 32 7.48 -1.77 -33.24
CA TYR E 32 8.24 -0.54 -33.43
C TYR E 32 8.00 -0.05 -34.86
N LEU E 33 6.78 0.40 -35.10
CA LEU E 33 6.40 0.90 -36.41
C LEU E 33 5.59 2.18 -36.25
N ALA E 34 5.92 3.19 -37.05
CA ALA E 34 5.23 4.46 -37.00
C ALA E 34 4.75 4.87 -38.40
N TRP E 35 3.68 5.65 -38.40
CA TRP E 35 3.07 6.20 -39.60
C TRP E 35 3.10 7.72 -39.50
N PHE E 36 3.65 8.35 -40.55
CA PHE E 36 3.78 9.80 -40.67
C PHE E 36 3.09 10.30 -41.93
N GLN E 37 2.51 11.50 -41.84
CA GLN E 37 1.92 12.21 -42.96
C GLN E 37 2.78 13.41 -43.34
N GLN E 38 2.89 13.68 -44.64
CA GLN E 38 3.69 14.79 -45.13
C GLN E 38 2.95 15.48 -46.28
N LYS E 39 2.57 16.72 -46.07
CA LYS E 39 2.13 17.60 -47.15
C LYS E 39 3.35 18.23 -47.81
N PRO E 40 3.21 18.68 -49.07
CA PRO E 40 4.38 19.21 -49.79
C PRO E 40 5.02 20.41 -49.10
N GLY E 41 6.36 20.39 -49.06
CA GLY E 41 7.12 21.46 -48.48
C GLY E 41 7.06 21.57 -46.97
N LYS E 42 6.42 20.65 -46.30
CA LYS E 42 6.30 20.67 -44.85
C LYS E 42 7.04 19.46 -44.26
N VAL E 43 7.11 19.46 -42.94
CA VAL E 43 7.87 18.46 -42.18
C VAL E 43 6.98 17.27 -41.90
N PRO E 44 7.50 16.04 -41.94
CA PRO E 44 6.70 14.88 -41.56
C PRO E 44 6.09 15.06 -40.17
N LYS E 45 4.80 14.72 -40.06
CA LYS E 45 4.06 14.79 -38.81
C LYS E 45 3.60 13.38 -38.43
N ARG E 46 3.85 12.98 -37.20
CA ARG E 46 3.58 11.62 -36.79
C ARG E 46 2.09 11.39 -36.60
N LEU E 47 1.61 10.25 -37.08
CA LEU E 47 0.23 9.83 -36.93
C LEU E 47 0.08 8.65 -35.97
N ILE E 48 0.91 7.61 -36.09
CA ILE E 48 0.78 6.42 -35.25
C ILE E 48 2.17 5.95 -34.85
N TYR E 49 2.34 5.52 -33.58
CA TYR E 49 3.70 5.21 -33.13
C TYR E 49 3.91 3.81 -32.59
N ALA E 50 2.87 3.08 -32.22
CA ALA E 50 3.16 1.71 -31.81
C ALA E 50 2.40 0.70 -32.66
N ALA E 51 2.46 0.88 -33.98
CA ALA E 51 1.72 0.09 -34.97
C ALA E 51 0.23 0.35 -34.88
N SER E 52 -0.24 0.81 -33.72
CA SER E 52 -1.68 0.99 -33.50
C SER E 52 -2.02 2.14 -32.60
N SER E 53 -1.06 2.84 -32.01
CA SER E 53 -1.34 3.83 -31.00
C SER E 53 -1.48 5.21 -31.64
N LEU E 54 -2.63 5.84 -31.44
CA LEU E 54 -2.87 7.17 -31.99
C LEU E 54 -2.04 8.21 -31.24
N GLN E 55 -1.54 9.20 -32.00
CA GLN E 55 -0.77 10.29 -31.42
C GLN E 55 -1.71 11.38 -30.93
N SER E 56 -1.36 11.99 -29.79
CA SER E 56 -2.16 13.10 -29.28
C SER E 56 -2.16 14.23 -30.30
N GLY E 57 -3.35 14.76 -30.58
CA GLY E 57 -3.55 15.78 -31.58
C GLY E 57 -3.85 15.29 -32.98
N VAL E 58 -4.12 14.00 -33.15
CA VAL E 58 -4.44 13.42 -34.44
C VAL E 58 -5.89 12.93 -34.38
N PRO E 59 -6.75 13.33 -35.32
CA PRO E 59 -8.14 12.90 -35.29
C PRO E 59 -8.28 11.39 -35.30
N SER E 60 -9.38 10.91 -34.71
CA SER E 60 -9.57 9.48 -34.47
C SER E 60 -9.87 8.68 -35.73
N ARG E 61 -10.09 9.33 -36.87
CA ARG E 61 -10.32 8.59 -38.11
C ARG E 61 -9.09 7.79 -38.52
N PHE E 62 -7.91 8.20 -38.08
CA PHE E 62 -6.70 7.43 -38.31
C PHE E 62 -6.63 6.28 -37.32
N SER E 63 -6.21 5.12 -37.82
CA SER E 63 -6.08 3.94 -36.97
C SER E 63 -5.00 3.04 -37.54
N GLY E 64 -4.35 2.30 -36.66
CA GLY E 64 -3.28 1.41 -37.06
C GLY E 64 -3.54 0.02 -36.52
N SER E 65 -3.12 -0.97 -37.30
CA SER E 65 -3.30 -2.36 -36.91
C SER E 65 -2.17 -3.18 -37.49
N GLY E 66 -2.11 -4.44 -37.06
CA GLY E 66 -1.10 -5.35 -37.54
C GLY E 66 0.05 -5.50 -36.56
N SER E 67 0.93 -6.46 -36.87
CA SER E 67 2.11 -6.71 -36.06
C SER E 67 2.92 -7.81 -36.73
N GLY E 68 4.15 -7.98 -36.26
CA GLY E 68 5.05 -8.96 -36.84
C GLY E 68 5.69 -8.45 -38.12
N THR E 69 5.07 -8.75 -39.26
CA THR E 69 5.58 -8.32 -40.55
C THR E 69 4.63 -7.45 -41.34
N GLU E 70 3.33 -7.53 -41.10
CA GLU E 70 2.37 -6.75 -41.86
C GLU E 70 1.62 -5.78 -40.95
N PHE E 71 1.45 -4.55 -41.46
CA PHE E 71 0.77 -3.48 -40.74
C PHE E 71 -0.14 -2.73 -41.69
N THR E 72 -1.14 -2.06 -41.12
CA THR E 72 -2.18 -1.38 -41.88
C THR E 72 -2.50 -0.05 -41.24
N LEU E 73 -2.39 1.02 -42.03
CA LEU E 73 -2.90 2.33 -41.67
C LEU E 73 -4.25 2.51 -42.33
N THR E 74 -5.22 3.04 -41.59
CA THR E 74 -6.58 3.16 -42.11
C THR E 74 -7.16 4.51 -41.75
N ILE E 75 -7.72 5.19 -42.74
CA ILE E 75 -8.54 6.36 -42.54
C ILE E 75 -9.98 5.96 -42.82
N SER E 76 -10.84 6.06 -41.80
CA SER E 76 -12.22 5.63 -41.96
C SER E 76 -12.99 6.54 -42.90
N SER E 77 -12.95 7.85 -42.63
CA SER E 77 -13.65 8.85 -43.42
C SER E 77 -12.66 9.91 -43.86
N LEU E 78 -12.38 9.99 -45.16
CA LEU E 78 -11.39 10.91 -45.69
C LEU E 78 -11.82 12.36 -45.48
N GLN E 79 -10.84 13.26 -45.57
CA GLN E 79 -11.01 14.69 -45.33
C GLN E 79 -10.12 15.47 -46.26
N PRO E 80 -10.43 16.75 -46.51
CA PRO E 80 -9.59 17.56 -47.41
C PRO E 80 -8.12 17.60 -47.02
N GLU E 81 -7.82 17.87 -45.76
CA GLU E 81 -6.43 17.95 -45.29
C GLU E 81 -5.78 16.59 -45.11
N ASP E 82 -6.41 15.51 -45.58
CA ASP E 82 -5.80 14.18 -45.54
C ASP E 82 -5.09 13.82 -46.84
N PHE E 83 -5.15 14.69 -47.85
CA PHE E 83 -4.44 14.43 -49.10
C PHE E 83 -2.97 14.82 -48.93
N ALA E 84 -2.12 13.81 -48.83
CA ALA E 84 -0.70 14.00 -48.59
C ALA E 84 0.00 12.70 -48.93
N THR E 85 1.25 12.58 -48.51
CA THR E 85 1.99 11.34 -48.67
C THR E 85 2.26 10.73 -47.31
N TYR E 86 2.06 9.42 -47.19
CA TYR E 86 2.14 8.73 -45.93
C TYR E 86 3.29 7.74 -45.99
N TYR E 87 4.15 7.79 -44.98
CA TYR E 87 5.30 6.90 -44.88
C TYR E 87 5.15 6.05 -43.63
N CYS E 88 5.45 4.77 -43.76
CA CYS E 88 5.63 3.93 -42.59
C CYS E 88 7.14 3.77 -42.35
N LEU E 89 7.49 3.62 -41.07
CA LEU E 89 8.88 3.60 -40.67
C LEU E 89 9.05 2.57 -39.57
N GLN E 90 9.99 1.65 -39.76
CA GLN E 90 10.41 0.78 -38.67
C GLN E 90 11.63 1.38 -37.99
N HIS E 91 11.62 1.40 -36.66
CA HIS E 91 12.76 1.83 -35.86
C HIS E 91 13.09 0.77 -34.83
N ASN E 92 13.00 -0.49 -35.27
CA ASN E 92 13.27 -1.65 -34.45
C ASN E 92 14.77 -1.96 -34.41
N SER E 93 15.37 -2.14 -35.60
CA SER E 93 16.76 -2.53 -35.74
C SER E 93 17.47 -1.56 -36.68
N TYR E 94 18.75 -1.36 -36.42
CA TYR E 94 19.53 -0.49 -37.30
C TYR E 94 19.85 -1.20 -38.62
N PRO E 95 19.75 -0.49 -39.75
CA PRO E 95 19.36 0.92 -39.83
C PRO E 95 17.84 1.10 -39.89
N TYR E 96 17.34 2.16 -39.25
CA TYR E 96 15.94 2.50 -39.40
C TYR E 96 15.63 2.73 -40.87
N THR E 97 14.51 2.19 -41.33
CA THR E 97 14.16 2.27 -42.74
C THR E 97 12.69 2.67 -42.89
N PHE E 98 12.44 3.53 -43.88
CA PHE E 98 11.10 3.96 -44.23
C PHE E 98 10.57 3.12 -45.38
N GLY E 99 9.27 3.23 -45.60
CA GLY E 99 8.71 2.75 -46.84
C GLY E 99 8.95 3.74 -47.96
N GLN E 100 8.59 3.33 -49.17
CA GLN E 100 8.74 4.24 -50.31
C GLN E 100 7.71 5.36 -50.30
N GLY E 101 6.69 5.27 -49.45
CA GLY E 101 5.68 6.31 -49.38
C GLY E 101 4.46 5.97 -50.22
N THR E 102 3.33 6.55 -49.84
CA THR E 102 2.07 6.38 -50.55
C THR E 102 1.42 7.73 -50.72
N LYS E 103 1.22 8.16 -51.96
CA LYS E 103 0.59 9.45 -52.22
C LYS E 103 -0.91 9.27 -52.45
N LEU E 104 -1.69 9.98 -51.67
CA LEU E 104 -3.15 9.87 -51.71
C LEU E 104 -3.68 11.06 -52.50
N GLU E 105 -4.22 10.80 -53.70
CA GLU E 105 -4.66 11.83 -54.62
C GLU E 105 -6.19 11.96 -54.60
N ILE E 106 -6.67 13.06 -55.18
CA ILE E 106 -8.11 13.26 -55.34
C ILE E 106 -8.55 12.49 -56.59
N LYS E 107 -9.74 11.93 -56.55
CA LYS E 107 -10.30 11.21 -57.68
C LYS E 107 -11.31 12.09 -58.39
N ARG E 108 -11.21 12.14 -59.72
CA ARG E 108 -12.11 12.91 -60.58
C ARG E 108 -12.39 12.09 -61.83
N THR E 109 -13.17 12.68 -62.74
CA THR E 109 -13.48 12.01 -63.99
C THR E 109 -12.28 12.01 -64.92
N VAL E 110 -12.17 10.94 -65.72
CA VAL E 110 -11.05 10.81 -66.64
C VAL E 110 -11.05 11.98 -67.61
N ALA E 111 -9.87 12.54 -67.86
CA ALA E 111 -9.71 13.66 -68.78
C ALA E 111 -8.48 13.43 -69.64
N ALA E 112 -8.64 13.61 -70.92
CA ALA E 112 -7.56 13.38 -71.86
C ALA E 112 -6.70 14.63 -72.02
N PRO E 113 -5.40 14.46 -72.21
CA PRO E 113 -4.50 15.62 -72.28
C PRO E 113 -4.59 16.35 -73.61
N SER E 114 -4.49 17.67 -73.55
CA SER E 114 -4.23 18.44 -74.76
C SER E 114 -2.74 18.40 -75.05
N VAL E 115 -2.36 17.88 -76.21
CA VAL E 115 -0.95 17.70 -76.54
C VAL E 115 -0.50 18.79 -77.49
N PHE E 116 0.65 19.40 -77.18
CA PHE E 116 1.30 20.38 -78.04
C PHE E 116 2.78 20.04 -78.15
N ILE E 117 3.41 20.49 -79.25
CA ILE E 117 4.82 20.25 -79.49
C ILE E 117 5.49 21.56 -79.91
N PHE E 118 6.71 21.77 -79.43
CA PHE E 118 7.45 23.02 -79.61
C PHE E 118 8.82 22.70 -80.17
N PRO E 119 9.15 23.16 -81.37
CA PRO E 119 10.49 22.98 -81.93
C PRO E 119 11.51 23.86 -81.22
N PRO E 120 12.80 23.67 -81.47
CA PRO E 120 13.80 24.59 -80.91
C PRO E 120 13.73 25.97 -81.57
N SER E 121 13.89 27.00 -80.74
CA SER E 121 13.96 28.37 -81.26
C SER E 121 15.25 28.58 -82.03
N ASP E 122 15.21 29.54 -82.96
CA ASP E 122 16.40 29.85 -83.75
C ASP E 122 17.56 30.31 -82.87
N GLU E 123 17.26 31.01 -81.77
CA GLU E 123 18.30 31.48 -80.88
C GLU E 123 19.09 30.32 -80.28
N GLN E 124 18.39 29.35 -79.71
CA GLN E 124 19.05 28.20 -79.12
C GLN E 124 19.85 27.44 -80.17
N LEU E 125 19.30 27.33 -81.39
CA LEU E 125 20.04 26.69 -82.48
C LEU E 125 21.34 27.42 -82.78
N LYS E 126 21.31 28.75 -82.84
CA LYS E 126 22.54 29.52 -83.01
C LYS E 126 23.51 29.27 -81.86
N SER E 127 22.99 28.99 -80.66
CA SER E 127 23.87 28.72 -79.53
C SER E 127 24.55 27.35 -79.63
N GLY E 128 24.00 26.43 -80.42
CA GLY E 128 24.60 25.11 -80.58
C GLY E 128 23.89 23.95 -79.93
N THR E 129 22.70 24.17 -79.36
CA THR E 129 21.91 23.09 -78.76
C THR E 129 20.46 23.24 -79.23
N ALA E 130 19.72 22.14 -79.16
CA ALA E 130 18.32 22.10 -79.57
C ALA E 130 17.52 21.36 -78.52
N SER E 131 16.35 21.91 -78.17
CA SER E 131 15.44 21.31 -77.22
C SER E 131 14.04 21.29 -77.82
N VAL E 132 13.45 20.11 -77.90
CA VAL E 132 12.06 19.94 -78.34
C VAL E 132 11.21 19.70 -77.11
N VAL E 133 10.09 20.41 -77.02
CA VAL E 133 9.24 20.36 -75.83
C VAL E 133 7.89 19.74 -76.21
N CYS E 134 7.43 18.78 -75.41
CA CYS E 134 6.11 18.18 -75.61
C CYS E 134 5.29 18.39 -74.34
N LEU E 135 4.12 19.00 -74.50
CA LEU E 135 3.26 19.39 -73.40
C LEU E 135 1.97 18.58 -73.42
N LEU E 136 1.62 18.01 -72.26
CA LEU E 136 0.35 17.33 -72.03
C LEU E 136 -0.39 18.16 -70.98
N ASN E 137 -1.50 18.77 -71.38
CA ASN E 137 -2.18 19.77 -70.56
C ASN E 137 -3.48 19.21 -70.00
N ASN E 138 -3.60 19.27 -68.66
CA ASN E 138 -4.84 19.05 -67.91
C ASN E 138 -5.44 17.67 -68.21
N PHE E 139 -4.74 16.64 -67.73
CA PHE E 139 -5.22 15.27 -67.83
C PHE E 139 -5.33 14.62 -66.45
N TYR E 140 -6.05 13.50 -66.42
CA TYR E 140 -6.24 12.68 -65.23
C TYR E 140 -6.66 11.27 -65.64
N PRO E 141 -6.07 10.21 -65.04
CA PRO E 141 -5.04 10.27 -64.01
C PRO E 141 -3.67 10.67 -64.54
N ARG E 142 -2.69 10.82 -63.64
CA ARG E 142 -1.38 11.32 -64.05
C ARG E 142 -0.60 10.28 -64.85
N GLU E 143 -0.97 9.00 -64.76
CA GLU E 143 -0.29 7.96 -65.51
C GLU E 143 -0.46 8.18 -67.01
N ALA E 144 0.64 8.51 -67.69
CA ALA E 144 0.66 8.71 -69.13
C ALA E 144 2.01 8.26 -69.65
N LYS E 145 2.07 7.93 -70.94
CA LYS E 145 3.30 7.46 -71.56
C LYS E 145 3.62 8.32 -72.77
N VAL E 146 4.81 8.92 -72.76
CA VAL E 146 5.30 9.78 -73.84
C VAL E 146 6.46 9.08 -74.53
N GLN E 147 6.43 9.04 -75.86
CA GLN E 147 7.50 8.48 -76.67
C GLN E 147 7.98 9.52 -77.67
N TRP E 148 9.30 9.68 -77.78
CA TRP E 148 9.90 10.56 -78.77
C TRP E 148 10.32 9.74 -79.98
N LYS E 149 10.01 10.24 -81.18
CA LYS E 149 10.39 9.56 -82.41
C LYS E 149 11.00 10.56 -83.37
N VAL E 150 12.28 10.36 -83.69
CA VAL E 150 13.00 11.20 -84.65
C VAL E 150 13.13 10.39 -85.93
N ASP E 151 12.46 10.84 -86.98
CA ASP E 151 12.38 10.12 -88.25
C ASP E 151 11.87 8.69 -88.03
N ASN E 152 10.79 8.58 -87.26
CA ASN E 152 10.15 7.31 -86.88
C ASN E 152 11.07 6.40 -86.06
N ALA E 153 12.19 6.92 -85.56
CA ALA E 153 13.11 6.16 -84.72
C ALA E 153 12.91 6.56 -83.26
N LEU E 154 12.58 5.58 -82.42
CA LEU E 154 12.30 5.84 -81.01
C LEU E 154 13.56 6.29 -80.27
N GLN E 155 13.45 7.40 -79.54
CA GLN E 155 14.56 7.98 -78.80
C GLN E 155 14.50 7.58 -77.33
N SER E 156 15.66 7.36 -76.73
CA SER E 156 15.73 6.89 -75.34
C SER E 156 16.95 7.48 -74.65
N GLY E 157 16.74 7.99 -73.43
CA GLY E 157 17.83 8.46 -72.60
C GLY E 157 18.32 9.85 -72.89
N ASN E 158 17.64 10.61 -73.73
CA ASN E 158 18.02 11.98 -74.05
C ASN E 158 16.89 12.97 -73.78
N SER E 159 15.90 12.58 -72.99
CA SER E 159 14.79 13.46 -72.64
C SER E 159 14.51 13.33 -71.15
N GLN E 160 13.97 14.40 -70.59
CA GLN E 160 13.54 14.44 -69.20
C GLN E 160 12.12 14.96 -69.12
N GLU E 161 11.33 14.38 -68.23
CA GLU E 161 9.98 14.86 -68.03
C GLU E 161 9.80 15.30 -66.59
N SER E 162 8.85 16.22 -66.41
CA SER E 162 8.42 16.65 -65.09
C SER E 162 6.93 16.94 -65.16
N VAL E 163 6.24 16.62 -64.07
CA VAL E 163 4.80 16.74 -63.98
C VAL E 163 4.45 17.74 -62.89
N THR E 164 3.42 18.54 -63.13
CA THR E 164 2.99 19.49 -62.11
C THR E 164 2.25 18.74 -61.02
N GLU E 165 2.05 19.43 -59.90
CA GLU E 165 1.17 18.89 -58.87
C GLU E 165 -0.27 18.94 -59.36
N GLN E 166 -1.12 18.17 -58.69
CA GLN E 166 -2.53 18.12 -59.03
C GLN E 166 -3.11 19.53 -58.95
N ASP E 167 -3.69 20.01 -60.05
CA ASP E 167 -4.10 21.40 -60.14
C ASP E 167 -5.12 21.73 -59.06
N SER E 168 -5.03 22.95 -58.54
CA SER E 168 -5.88 23.36 -57.42
C SER E 168 -7.32 23.56 -57.84
N LYS E 169 -7.56 23.86 -59.12
CA LYS E 169 -8.89 24.20 -59.61
C LYS E 169 -9.69 22.95 -59.99
N ASP E 170 -9.18 22.17 -60.94
CA ASP E 170 -9.88 21.02 -61.49
C ASP E 170 -9.23 19.68 -61.17
N SER E 171 -8.17 19.66 -60.36
CA SER E 171 -7.49 18.42 -59.95
C SER E 171 -6.90 17.66 -61.13
N THR E 172 -6.42 18.37 -62.15
CA THR E 172 -5.82 17.75 -63.33
C THR E 172 -4.30 17.90 -63.31
N TYR E 173 -3.62 16.94 -63.91
CA TYR E 173 -2.17 16.95 -64.02
C TYR E 173 -1.72 17.51 -65.37
N SER E 174 -0.48 18.00 -65.41
CA SER E 174 0.14 18.48 -66.63
C SER E 174 1.57 18.00 -66.68
N LEU E 175 2.00 17.50 -67.84
CA LEU E 175 3.33 16.92 -68.00
C LEU E 175 4.10 17.64 -69.10
N SER E 176 5.41 17.74 -68.89
CA SER E 176 6.33 18.31 -69.86
C SER E 176 7.48 17.34 -70.09
N SER E 177 7.75 17.03 -71.37
CA SER E 177 8.87 16.17 -71.75
C SER E 177 9.78 16.96 -72.68
N THR E 178 11.04 17.13 -72.28
CA THR E 178 12.02 17.92 -73.01
C THR E 178 13.09 16.98 -73.56
N LEU E 179 13.23 16.98 -74.89
CA LEU E 179 14.23 16.20 -75.59
C LEU E 179 15.39 17.10 -76.02
N THR E 180 16.62 16.71 -75.69
CA THR E 180 17.80 17.54 -75.89
C THR E 180 18.76 16.89 -76.88
N LEU E 181 19.13 17.64 -77.93
CA LEU E 181 20.08 17.20 -78.93
C LEU E 181 21.05 18.34 -79.25
N SER E 182 22.16 17.99 -79.91
CA SER E 182 23.04 19.00 -80.47
C SER E 182 22.47 19.56 -81.77
N LYS E 183 22.93 20.76 -82.13
CA LYS E 183 22.52 21.39 -83.38
C LYS E 183 22.81 20.49 -84.58
N ALA E 184 23.99 19.85 -84.58
CA ALA E 184 24.37 18.95 -85.65
C ALA E 184 23.37 17.79 -85.77
N ASP E 185 23.16 17.06 -84.68
CA ASP E 185 22.21 15.94 -84.71
C ASP E 185 20.79 16.41 -85.00
N TYR E 186 20.43 17.62 -84.57
CA TYR E 186 19.10 18.14 -84.86
C TYR E 186 18.93 18.35 -86.36
N GLU E 187 19.96 18.89 -87.02
CA GLU E 187 19.88 19.17 -88.45
C GLU E 187 20.24 17.97 -89.33
N LYS E 188 20.66 16.84 -88.73
CA LYS E 188 20.86 15.61 -89.48
C LYS E 188 19.58 14.88 -89.83
N HIS E 189 18.44 15.36 -89.33
CA HIS E 189 17.17 14.63 -89.42
C HIS E 189 16.04 15.62 -89.69
N LYS E 190 14.89 15.09 -90.08
CA LYS E 190 13.77 15.92 -90.52
C LYS E 190 12.55 15.81 -89.62
N VAL E 191 12.00 14.62 -89.40
CA VAL E 191 10.70 14.45 -88.75
C VAL E 191 10.90 14.25 -87.25
N TYR E 192 10.29 15.13 -86.45
CA TYR E 192 10.27 15.02 -85.00
C TYR E 192 8.84 14.87 -84.51
N ALA E 193 8.56 13.78 -83.78
CA ALA E 193 7.21 13.44 -83.37
C ALA E 193 7.16 13.07 -81.89
N CYS E 194 6.07 13.44 -81.24
CA CYS E 194 5.80 13.11 -79.84
C CYS E 194 4.51 12.30 -79.81
N GLU E 195 4.58 11.08 -79.29
CA GLU E 195 3.46 10.15 -79.25
C GLU E 195 3.02 9.94 -77.80
N VAL E 196 1.77 10.30 -77.52
CA VAL E 196 1.21 10.27 -76.17
C VAL E 196 0.15 9.18 -76.11
N THR E 197 0.24 8.33 -75.10
CA THR E 197 -0.77 7.34 -74.78
C THR E 197 -1.28 7.57 -73.36
N HIS E 198 -2.60 7.59 -73.21
CA HIS E 198 -3.24 7.90 -71.94
C HIS E 198 -4.52 7.10 -71.80
N GLN E 199 -4.95 6.91 -70.56
CA GLN E 199 -6.19 6.17 -70.31
C GLN E 199 -7.38 6.81 -71.01
N GLY E 200 -7.42 8.14 -71.04
CA GLY E 200 -8.49 8.92 -71.64
C GLY E 200 -8.48 9.02 -73.15
N LEU E 201 -7.61 8.27 -73.83
CA LEU E 201 -7.49 8.32 -75.28
C LEU E 201 -7.81 6.95 -75.87
N SER E 202 -8.60 6.95 -76.94
CA SER E 202 -8.94 5.71 -77.61
C SER E 202 -7.78 5.18 -78.45
N SER E 203 -6.99 6.06 -79.04
CA SER E 203 -5.83 5.69 -79.84
C SER E 203 -4.69 6.66 -79.55
N PRO E 204 -3.44 6.19 -79.64
CA PRO E 204 -2.30 7.07 -79.36
C PRO E 204 -2.31 8.30 -80.25
N VAL E 205 -1.98 9.45 -79.67
CA VAL E 205 -1.99 10.71 -80.40
C VAL E 205 -0.55 11.11 -80.69
N THR E 206 -0.23 11.31 -81.97
CA THR E 206 1.10 11.74 -82.38
C THR E 206 1.01 13.15 -82.94
N LYS E 207 1.84 14.05 -82.41
CA LYS E 207 1.96 15.40 -82.96
C LYS E 207 3.42 15.62 -83.36
N SER E 208 3.63 16.14 -84.57
CA SER E 208 4.96 16.15 -85.16
C SER E 208 5.19 17.43 -85.95
N PHE E 209 6.46 17.63 -86.32
CA PHE E 209 6.88 18.74 -87.17
C PHE E 209 8.08 18.33 -87.99
N ASN E 210 8.35 19.11 -89.02
CA ASN E 210 9.51 18.94 -89.90
C ASN E 210 10.48 20.08 -89.64
N ARG E 211 11.77 19.74 -89.54
CA ARG E 211 12.78 20.70 -89.12
C ARG E 211 12.79 21.93 -90.03
N GLY E 212 12.53 23.09 -89.44
CA GLY E 212 12.53 24.35 -90.17
C GLY E 212 11.51 24.42 -91.28
N GLU E 213 10.23 24.16 -90.98
CA GLU E 213 9.18 24.16 -91.99
C GLU E 213 7.98 24.94 -91.46
N CYS E 214 8.10 26.27 -91.49
CA CYS E 214 7.06 27.18 -90.99
C CYS E 214 6.67 26.88 -89.56
N THR F 15 32.11 -23.54 -19.68
CA THR F 15 31.33 -22.42 -20.19
C THR F 15 29.84 -22.70 -20.13
N ASN F 16 29.31 -22.87 -18.92
CA ASN F 16 27.87 -23.08 -18.73
C ASN F 16 27.14 -21.73 -18.80
N LEU F 17 26.20 -21.61 -19.73
CA LEU F 17 25.46 -20.39 -19.97
C LEU F 17 24.19 -20.32 -19.12
N CYS F 18 23.80 -19.10 -18.77
CA CYS F 18 22.64 -18.87 -17.91
C CYS F 18 21.35 -19.07 -18.70
N PRO F 19 20.37 -19.80 -18.17
CA PRO F 19 19.13 -20.10 -18.91
C PRO F 19 18.16 -18.93 -18.96
N PHE F 20 18.62 -17.81 -19.52
CA PHE F 20 17.74 -16.66 -19.64
C PHE F 20 16.59 -16.90 -20.61
N GLY F 21 16.74 -17.85 -21.54
CA GLY F 21 15.64 -18.19 -22.41
C GLY F 21 14.43 -18.72 -21.66
N GLU F 22 14.67 -19.43 -20.55
CA GLU F 22 13.56 -19.92 -19.75
C GLU F 22 12.72 -18.78 -19.21
N VAL F 23 13.35 -17.68 -18.82
CA VAL F 23 12.61 -16.59 -18.20
C VAL F 23 11.99 -15.68 -19.25
N PHE F 24 12.78 -15.28 -20.25
CA PHE F 24 12.30 -14.31 -21.23
C PHE F 24 11.38 -14.96 -22.24
N ASN F 25 11.79 -16.10 -22.80
CA ASN F 25 11.03 -16.82 -23.82
C ASN F 25 10.01 -17.79 -23.23
N ALA F 26 9.44 -17.49 -22.07
CA ALA F 26 8.48 -18.40 -21.48
C ALA F 26 7.14 -18.33 -22.22
N THR F 27 6.41 -19.44 -22.21
CA THR F 27 5.13 -19.49 -22.91
C THR F 27 4.08 -18.66 -22.20
N ARG F 28 3.98 -18.81 -20.88
CA ARG F 28 3.02 -18.09 -20.06
C ARG F 28 3.77 -17.33 -18.97
N PHE F 29 3.31 -16.11 -18.70
CA PHE F 29 3.83 -15.25 -17.64
C PHE F 29 2.84 -15.15 -16.50
N ALA F 30 3.36 -14.82 -15.33
CA ALA F 30 2.54 -14.72 -14.12
C ALA F 30 1.89 -13.35 -14.01
N SER F 31 0.77 -13.30 -13.29
CA SER F 31 0.19 -12.02 -12.94
C SER F 31 1.12 -11.28 -11.98
N VAL F 32 0.98 -9.94 -11.96
CA VAL F 32 1.94 -9.13 -11.21
C VAL F 32 1.85 -9.44 -9.72
N TYR F 33 0.65 -9.68 -9.20
CA TYR F 33 0.53 -9.98 -7.78
C TYR F 33 1.20 -11.30 -7.43
N ALA F 34 1.16 -12.27 -8.34
CA ALA F 34 1.81 -13.56 -8.14
C ALA F 34 3.09 -13.66 -8.96
N TRP F 35 3.94 -12.63 -8.89
CA TRP F 35 5.11 -12.56 -9.76
C TRP F 35 6.02 -13.76 -9.54
N ASN F 36 6.63 -14.21 -10.64
CA ASN F 36 7.42 -15.44 -10.60
C ASN F 36 8.90 -15.10 -10.45
N ARG F 37 9.64 -15.98 -9.78
CA ARG F 37 11.07 -15.78 -9.54
C ARG F 37 11.89 -16.99 -9.95
N LYS F 38 13.00 -16.72 -10.64
CA LYS F 38 13.96 -17.73 -11.07
C LYS F 38 15.30 -17.38 -10.42
N ARG F 39 15.78 -18.24 -9.54
CA ARG F 39 17.08 -18.01 -8.94
C ARG F 39 18.14 -18.50 -9.93
N ILE F 40 19.18 -17.70 -10.15
CA ILE F 40 20.16 -17.94 -11.19
C ILE F 40 21.55 -17.89 -10.57
N SER F 41 22.29 -18.99 -10.70
CA SER F 41 23.61 -19.13 -10.11
C SER F 41 24.41 -20.13 -10.92
N ASN F 42 25.74 -20.04 -10.79
CA ASN F 42 26.70 -20.97 -11.41
C ASN F 42 26.55 -20.99 -12.93
N CYS F 43 26.66 -19.81 -13.53
CA CYS F 43 26.61 -19.69 -14.97
C CYS F 43 27.23 -18.37 -15.37
N VAL F 44 27.45 -18.22 -16.67
CA VAL F 44 28.03 -17.01 -17.25
C VAL F 44 26.93 -16.28 -18.01
N ALA F 45 26.65 -15.06 -17.61
CA ALA F 45 25.54 -14.30 -18.17
C ALA F 45 26.07 -13.24 -19.13
N ASP F 46 25.53 -13.23 -20.34
CA ASP F 46 25.90 -12.24 -21.36
C ASP F 46 24.79 -11.19 -21.41
N TYR F 47 24.89 -10.21 -20.51
CA TYR F 47 23.91 -9.14 -20.49
C TYR F 47 24.01 -8.28 -21.74
N SER F 48 25.19 -8.23 -22.36
CA SER F 48 25.39 -7.39 -23.54
C SER F 48 24.40 -7.75 -24.63
N VAL F 49 24.21 -9.05 -24.88
CA VAL F 49 23.28 -9.49 -25.92
C VAL F 49 21.87 -9.00 -25.62
N LEU F 50 21.43 -9.13 -24.36
CA LEU F 50 20.10 -8.69 -23.99
C LEU F 50 19.94 -7.18 -24.13
N TYR F 51 20.90 -6.41 -23.63
CA TYR F 51 20.76 -4.96 -23.66
C TYR F 51 20.70 -4.46 -25.09
N ASN F 52 21.50 -5.04 -25.98
CA ASN F 52 21.54 -4.65 -27.39
C ASN F 52 20.61 -5.47 -28.25
N SER F 53 19.48 -5.91 -27.71
CA SER F 53 18.65 -6.90 -28.37
C SER F 53 17.60 -6.29 -29.28
N ALA F 54 17.41 -4.97 -29.24
CA ALA F 54 16.43 -4.27 -30.07
C ALA F 54 15.02 -4.85 -29.93
N SER F 55 14.83 -5.73 -28.94
CA SER F 55 13.57 -6.42 -28.71
C SER F 55 12.77 -5.81 -27.57
N PHE F 56 13.44 -5.36 -26.52
CA PHE F 56 12.77 -4.86 -25.33
C PHE F 56 12.48 -3.37 -25.48
N SER F 57 11.30 -2.95 -25.01
CA SER F 57 10.98 -1.54 -25.08
C SER F 57 11.60 -0.76 -23.94
N THR F 58 11.90 -1.43 -22.83
CA THR F 58 12.52 -0.81 -21.66
C THR F 58 13.65 -1.70 -21.18
N PHE F 59 14.77 -1.09 -20.83
CA PHE F 59 15.92 -1.76 -20.24
C PHE F 59 16.64 -0.69 -19.40
N LYS F 60 16.16 -0.50 -18.18
CA LYS F 60 16.68 0.54 -17.29
C LYS F 60 17.33 -0.12 -16.07
N CYS F 61 18.54 0.30 -15.73
CA CYS F 61 19.25 -0.30 -14.60
C CYS F 61 19.47 0.74 -13.51
N TYR F 62 19.60 0.23 -12.28
CA TYR F 62 19.76 1.04 -11.08
C TYR F 62 20.87 0.42 -10.26
N GLY F 63 21.83 1.25 -9.84
CA GLY F 63 23.02 0.77 -9.16
C GLY F 63 24.14 0.33 -10.08
N VAL F 64 23.80 -0.12 -11.28
CA VAL F 64 24.78 -0.54 -12.28
C VAL F 64 24.65 0.39 -13.48
N SER F 65 25.63 0.30 -14.37
CA SER F 65 25.55 0.96 -15.67
C SER F 65 25.42 -0.12 -16.73
N PRO F 66 24.35 -0.13 -17.53
CA PRO F 66 24.12 -1.28 -18.40
C PRO F 66 25.19 -1.50 -19.46
N THR F 67 25.90 -0.45 -19.87
CA THR F 67 26.96 -0.64 -20.86
C THR F 67 28.15 -1.35 -20.24
N LYS F 68 28.52 -0.96 -19.02
CA LYS F 68 29.63 -1.55 -18.29
C LYS F 68 29.08 -2.54 -17.27
N LEU F 69 28.14 -3.37 -17.72
CA LEU F 69 27.44 -4.28 -16.82
C LEU F 69 27.99 -5.70 -16.81
N ASN F 70 28.17 -6.33 -17.97
CA ASN F 70 28.66 -7.71 -17.94
C ASN F 70 30.15 -7.80 -17.64
N ASP F 71 30.75 -6.71 -17.14
CA ASP F 71 32.07 -6.76 -16.53
C ASP F 71 32.00 -6.99 -15.02
N LEU F 72 30.91 -7.58 -14.54
CA LEU F 72 30.66 -7.69 -13.11
C LEU F 72 30.35 -9.13 -12.72
N CYS F 73 30.47 -9.40 -11.42
CA CYS F 73 30.16 -10.69 -10.83
C CYS F 73 29.25 -10.49 -9.64
N PHE F 74 28.35 -11.45 -9.43
CA PHE F 74 27.47 -11.44 -8.26
C PHE F 74 27.35 -12.84 -7.71
N THR F 75 26.81 -12.93 -6.50
CA THR F 75 26.60 -14.23 -5.87
C THR F 75 25.39 -14.92 -6.49
N ASN F 76 24.24 -14.24 -6.54
CA ASN F 76 23.08 -14.80 -7.22
C ASN F 76 22.42 -13.71 -8.04
N VAL F 77 21.59 -14.12 -9.01
CA VAL F 77 20.77 -13.20 -9.76
C VAL F 77 19.34 -13.72 -9.75
N TYR F 78 18.41 -12.90 -9.28
CA TYR F 78 17.01 -13.28 -9.23
C TYR F 78 16.30 -12.66 -10.43
N ALA F 79 15.71 -13.52 -11.27
CA ALA F 79 14.99 -13.09 -12.46
C ALA F 79 13.50 -13.20 -12.15
N ASP F 80 12.89 -12.07 -11.81
CA ASP F 80 11.45 -12.01 -11.59
C ASP F 80 10.77 -11.68 -12.91
N SER F 81 9.64 -12.31 -13.15
CA SER F 81 8.89 -12.09 -14.38
C SER F 81 7.42 -11.97 -14.03
N PHE F 82 6.74 -11.07 -14.73
CA PHE F 82 5.32 -10.83 -14.53
C PHE F 82 4.81 -9.99 -15.70
N VAL F 83 3.54 -9.57 -15.62
CA VAL F 83 2.91 -8.81 -16.69
C VAL F 83 2.10 -7.69 -16.07
N ILE F 84 2.23 -6.49 -16.63
CA ILE F 84 1.46 -5.31 -16.21
C ILE F 84 0.99 -4.57 -17.46
N ARG F 85 0.34 -3.42 -17.26
CA ARG F 85 0.02 -2.58 -18.40
C ARG F 85 1.15 -1.57 -18.64
N GLY F 86 1.21 -1.07 -19.88
CA GLY F 86 2.35 -0.26 -20.30
C GLY F 86 2.57 0.95 -19.42
N ASP F 87 1.51 1.70 -19.13
CA ASP F 87 1.67 2.91 -18.32
C ASP F 87 2.14 2.60 -16.90
N GLU F 88 2.01 1.35 -16.47
CA GLU F 88 2.49 0.92 -15.16
C GLU F 88 3.95 0.47 -15.17
N VAL F 89 4.57 0.36 -16.35
CA VAL F 89 5.99 0.00 -16.40
C VAL F 89 6.83 1.02 -15.65
N ARG F 90 6.38 2.29 -15.60
CA ARG F 90 7.11 3.31 -14.85
C ARG F 90 7.19 3.00 -13.36
N GLN F 91 6.30 2.15 -12.84
CA GLN F 91 6.34 1.86 -11.41
C GLN F 91 7.39 0.82 -11.04
N ILE F 92 7.96 0.11 -12.02
CA ILE F 92 8.99 -0.86 -11.71
C ILE F 92 10.34 -0.15 -11.62
N ALA F 93 10.53 0.58 -10.53
CA ALA F 93 11.73 1.37 -10.28
C ALA F 93 11.78 1.66 -8.79
N PRO F 94 12.98 1.91 -8.25
CA PRO F 94 13.08 2.24 -6.81
C PRO F 94 12.35 3.52 -6.47
N GLY F 95 11.75 3.54 -5.28
CA GLY F 95 11.04 4.71 -4.79
C GLY F 95 9.88 5.17 -5.65
N GLN F 96 8.88 4.30 -5.82
CA GLN F 96 7.69 4.62 -6.59
C GLN F 96 6.44 4.33 -5.76
N THR F 97 5.41 5.13 -5.97
CA THR F 97 4.09 4.89 -5.39
C THR F 97 3.08 4.61 -6.50
N GLY F 98 1.96 4.02 -6.12
CA GLY F 98 0.96 3.54 -7.04
C GLY F 98 0.53 2.13 -6.71
N LYS F 99 -0.55 1.71 -7.38
CA LYS F 99 -1.15 0.42 -7.05
C LYS F 99 -0.16 -0.72 -7.21
N ILE F 100 0.61 -0.73 -8.30
CA ILE F 100 1.53 -1.84 -8.57
C ILE F 100 2.69 -1.82 -7.59
N ALA F 101 3.33 -0.66 -7.43
CA ALA F 101 4.51 -0.56 -6.57
C ALA F 101 4.16 -0.67 -5.09
N ASP F 102 2.93 -0.36 -4.70
CA ASP F 102 2.55 -0.45 -3.30
C ASP F 102 2.01 -1.83 -2.94
N TYR F 103 1.20 -2.43 -3.82
CA TYR F 103 0.45 -3.63 -3.49
C TYR F 103 0.82 -4.86 -4.31
N ASN F 104 1.81 -4.77 -5.21
CA ASN F 104 2.09 -5.89 -6.10
C ASN F 104 3.57 -6.25 -6.18
N TYR F 105 4.43 -5.27 -6.51
CA TYR F 105 5.85 -5.53 -6.67
C TYR F 105 6.62 -4.30 -6.24
N LYS F 106 7.36 -4.41 -5.14
CA LYS F 106 8.10 -3.28 -4.57
C LYS F 106 9.58 -3.57 -4.64
N LEU F 107 10.34 -2.64 -5.24
CA LEU F 107 11.79 -2.69 -5.24
C LEU F 107 12.33 -1.86 -4.08
N PRO F 108 13.43 -2.29 -3.47
CA PRO F 108 14.01 -1.52 -2.38
C PRO F 108 14.67 -0.26 -2.91
N ASP F 109 14.82 0.71 -2.00
CA ASP F 109 15.41 1.99 -2.38
C ASP F 109 16.84 1.81 -2.89
N ASP F 110 17.57 0.86 -2.33
CA ASP F 110 18.94 0.55 -2.77
C ASP F 110 18.98 -0.56 -3.79
N PHE F 111 17.98 -0.63 -4.68
CA PHE F 111 17.94 -1.72 -5.65
C PHE F 111 19.13 -1.63 -6.60
N THR F 112 19.78 -2.77 -6.81
CA THR F 112 20.90 -2.89 -7.72
C THR F 112 20.54 -3.98 -8.71
N GLY F 113 20.14 -3.58 -9.91
CA GLY F 113 19.67 -4.51 -10.91
C GLY F 113 18.96 -3.76 -12.01
N CYS F 114 18.37 -4.54 -12.91
CA CYS F 114 17.77 -3.99 -14.11
C CYS F 114 16.29 -4.36 -14.20
N VAL F 115 15.54 -3.52 -14.90
CA VAL F 115 14.15 -3.73 -15.22
C VAL F 115 14.03 -3.73 -16.73
N ILE F 116 13.48 -4.81 -17.29
CA ILE F 116 13.35 -5.01 -18.72
C ILE F 116 11.88 -5.26 -19.01
N ALA F 117 11.34 -4.56 -20.01
CA ALA F 117 9.94 -4.71 -20.34
C ALA F 117 9.78 -4.71 -21.86
N TRP F 118 8.88 -5.55 -22.35
CA TRP F 118 8.58 -5.55 -23.78
C TRP F 118 7.09 -5.78 -24.00
N ASN F 119 6.59 -5.20 -25.09
CA ASN F 119 5.18 -5.26 -25.43
C ASN F 119 4.78 -6.68 -25.82
N SER F 120 3.72 -7.19 -25.20
CA SER F 120 3.20 -8.53 -25.42
C SER F 120 1.72 -8.49 -25.75
N ASN F 121 1.31 -7.52 -26.58
CA ASN F 121 -0.09 -7.45 -27.01
C ASN F 121 -0.48 -8.67 -27.84
N ASN F 122 0.44 -9.16 -28.66
CA ASN F 122 0.13 -10.29 -29.53
C ASN F 122 -0.09 -11.58 -28.76
N LEU F 123 0.44 -11.68 -27.55
CA LEU F 123 0.39 -12.90 -26.75
C LEU F 123 -0.61 -12.86 -25.62
N ASP F 124 -0.71 -11.75 -24.91
CA ASP F 124 -1.50 -11.65 -23.69
C ASP F 124 -2.79 -10.86 -23.88
N SER F 125 -3.25 -10.68 -25.11
CA SER F 125 -4.55 -10.08 -25.35
C SER F 125 -5.52 -11.15 -25.83
N LYS F 126 -6.81 -10.86 -25.65
CA LYS F 126 -7.87 -11.75 -26.06
C LYS F 126 -9.10 -10.90 -26.30
N VAL F 127 -9.82 -11.18 -27.39
CA VAL F 127 -10.99 -10.38 -27.74
C VAL F 127 -12.05 -10.51 -26.66
N GLY F 128 -12.56 -9.36 -26.21
CA GLY F 128 -13.50 -9.33 -25.10
C GLY F 128 -12.87 -9.30 -23.74
N GLY F 129 -11.54 -9.42 -23.66
CA GLY F 129 -10.84 -9.30 -22.40
C GLY F 129 -10.25 -10.62 -21.95
N ASN F 130 -8.95 -10.65 -21.67
CA ASN F 130 -8.31 -11.81 -21.07
C ASN F 130 -8.22 -11.57 -19.57
N TYR F 131 -8.84 -12.45 -18.79
CA TYR F 131 -8.90 -12.28 -17.35
C TYR F 131 -7.91 -13.18 -16.63
N ASN F 132 -6.94 -13.74 -17.35
CA ASN F 132 -5.91 -14.54 -16.70
C ASN F 132 -5.00 -13.68 -15.83
N TYR F 133 -4.79 -12.42 -16.20
CA TYR F 133 -3.86 -11.53 -15.53
C TYR F 133 -4.61 -10.60 -14.58
N LEU F 134 -4.15 -10.54 -13.34
CA LEU F 134 -4.79 -9.75 -12.28
C LEU F 134 -3.74 -8.89 -11.57
N TYR F 135 -4.22 -7.93 -10.78
CA TYR F 135 -3.36 -7.10 -9.95
C TYR F 135 -4.09 -6.76 -8.66
N ARG F 136 -3.33 -6.58 -7.59
CA ARG F 136 -3.92 -6.27 -6.29
C ARG F 136 -4.35 -4.82 -6.25
N LEU F 137 -5.60 -4.57 -5.87
CA LEU F 137 -6.15 -3.23 -5.84
C LEU F 137 -6.29 -2.65 -4.45
N PHE F 138 -6.46 -3.50 -3.43
CA PHE F 138 -6.60 -3.07 -2.05
C PHE F 138 -5.63 -3.85 -1.17
N ARG F 139 -5.11 -3.20 -0.13
CA ARG F 139 -4.29 -3.87 0.85
C ARG F 139 -4.24 -3.00 2.11
N LYS F 140 -4.09 -3.66 3.26
CA LYS F 140 -4.08 -2.93 4.54
C LYS F 140 -2.83 -2.05 4.67
N SER F 141 -1.70 -2.53 4.18
CA SER F 141 -0.44 -1.79 4.22
C SER F 141 0.33 -2.05 2.94
N ASN F 142 1.37 -1.24 2.72
CA ASN F 142 2.20 -1.41 1.53
C ASN F 142 3.09 -2.65 1.66
N LEU F 143 3.50 -3.17 0.51
CA LEU F 143 4.36 -4.35 0.48
C LEU F 143 5.78 -3.99 0.89
N LYS F 144 6.42 -4.91 1.60
CA LYS F 144 7.86 -4.83 1.80
C LYS F 144 8.59 -5.22 0.51
N PRO F 145 9.81 -4.73 0.30
CA PRO F 145 10.52 -5.03 -0.96
C PRO F 145 10.66 -6.53 -1.21
N PHE F 146 10.41 -6.92 -2.47
CA PHE F 146 10.50 -8.31 -2.93
C PHE F 146 9.51 -9.22 -2.23
N GLU F 147 8.39 -8.68 -1.76
CA GLU F 147 7.34 -9.48 -1.14
C GLU F 147 6.30 -9.87 -2.18
N ARG F 148 5.81 -11.11 -2.10
CA ARG F 148 4.80 -11.61 -3.01
C ARG F 148 3.60 -12.04 -2.17
N ASP F 149 2.48 -11.35 -2.36
CA ASP F 149 1.28 -11.55 -1.55
C ASP F 149 0.15 -12.04 -2.45
N ILE F 150 -0.19 -13.32 -2.33
CA ILE F 150 -1.26 -13.92 -3.12
C ILE F 150 -2.50 -14.16 -2.27
N SER F 151 -2.60 -13.48 -1.13
CA SER F 151 -3.77 -13.65 -0.28
C SER F 151 -4.99 -13.11 -1.01
N THR F 152 -6.08 -13.87 -0.95
CA THR F 152 -7.36 -13.45 -1.52
C THR F 152 -8.40 -13.16 -0.43
N GLU F 153 -7.97 -12.62 0.70
CA GLU F 153 -8.88 -12.31 1.80
C GLU F 153 -9.64 -11.03 1.49
N ILE F 154 -10.95 -11.05 1.77
CA ILE F 154 -11.84 -9.93 1.52
C ILE F 154 -11.33 -8.70 2.26
N TYR F 155 -10.91 -7.68 1.50
CA TYR F 155 -10.41 -6.46 2.11
C TYR F 155 -11.54 -5.73 2.82
N GLN F 156 -11.34 -5.42 4.10
CA GLN F 156 -12.34 -4.77 4.91
C GLN F 156 -12.07 -3.27 4.87
N ALA F 157 -12.83 -2.55 4.05
CA ALA F 157 -12.67 -1.11 3.93
C ALA F 157 -13.32 -0.35 5.06
N GLY F 158 -14.43 -0.87 5.59
CA GLY F 158 -15.17 -0.23 6.67
C GLY F 158 -14.74 -0.70 8.04
N SER F 159 -15.67 -0.59 8.99
CA SER F 159 -15.42 -0.95 10.38
C SER F 159 -16.08 -2.25 10.81
N THR F 160 -17.14 -2.70 10.13
CA THR F 160 -17.73 -3.98 10.51
C THR F 160 -17.05 -5.13 9.77
N PRO F 161 -16.84 -6.27 10.44
CA PRO F 161 -16.10 -7.36 9.80
C PRO F 161 -16.84 -7.92 8.59
N CYS F 162 -16.06 -8.50 7.68
CA CYS F 162 -16.59 -8.98 6.41
C CYS F 162 -17.03 -10.45 6.46
N ASN F 163 -16.55 -11.22 7.43
CA ASN F 163 -16.93 -12.62 7.59
C ASN F 163 -16.60 -13.44 6.35
N GLY F 164 -15.58 -13.02 5.60
CA GLY F 164 -15.22 -13.73 4.39
C GLY F 164 -16.23 -13.62 3.27
N VAL F 165 -17.19 -12.71 3.36
CA VAL F 165 -18.14 -12.44 2.29
C VAL F 165 -18.14 -10.94 2.03
N GLU F 166 -18.27 -10.55 0.76
CA GLU F 166 -18.08 -9.17 0.35
C GLU F 166 -19.42 -8.47 0.14
N GLY F 167 -19.37 -7.14 0.24
CA GLY F 167 -20.56 -6.33 0.14
C GLY F 167 -20.21 -4.87 0.40
N PHE F 168 -20.96 -4.25 1.30
CA PHE F 168 -20.67 -2.88 1.70
C PHE F 168 -19.33 -2.83 2.44
N ASN F 169 -18.41 -2.01 1.93
CA ASN F 169 -17.08 -1.84 2.51
C ASN F 169 -16.31 -3.14 2.65
N CYS F 170 -16.68 -4.15 1.86
CA CYS F 170 -16.00 -5.43 1.83
C CYS F 170 -15.69 -5.73 0.37
N TYR F 171 -14.42 -5.61 -0.01
CA TYR F 171 -14.02 -5.68 -1.41
C TYR F 171 -13.11 -6.87 -1.64
N PHE F 172 -13.28 -7.51 -2.79
CA PHE F 172 -12.33 -8.51 -3.24
C PHE F 172 -11.03 -7.82 -3.65
N PRO F 173 -9.87 -8.31 -3.19
CA PRO F 173 -8.64 -7.52 -3.34
C PRO F 173 -8.04 -7.50 -4.73
N LEU F 174 -8.42 -8.40 -5.64
CA LEU F 174 -7.82 -8.46 -6.96
C LEU F 174 -8.75 -7.90 -8.03
N GLN F 175 -8.18 -7.10 -8.92
CA GLN F 175 -8.83 -6.54 -10.09
C GLN F 175 -8.21 -7.14 -11.36
N SER F 176 -9.03 -7.34 -12.38
CA SER F 176 -8.59 -8.00 -13.60
C SER F 176 -8.28 -6.99 -14.70
N TYR F 177 -7.19 -7.25 -15.43
CA TYR F 177 -6.88 -6.52 -16.65
C TYR F 177 -7.79 -6.96 -17.78
N GLY F 178 -8.37 -5.99 -18.49
CA GLY F 178 -9.19 -6.33 -19.64
C GLY F 178 -8.38 -6.32 -20.94
N PHE F 179 -7.39 -7.20 -21.04
CA PHE F 179 -6.42 -7.11 -22.12
C PHE F 179 -7.06 -7.42 -23.47
N GLN F 180 -7.54 -6.38 -24.17
CA GLN F 180 -8.04 -6.39 -25.53
C GLN F 180 -7.04 -5.72 -26.46
N PRO F 181 -6.84 -6.25 -27.67
CA PRO F 181 -5.86 -5.65 -28.59
C PRO F 181 -6.21 -4.23 -29.04
N THR F 182 -7.43 -3.77 -28.77
CA THR F 182 -7.88 -2.45 -29.20
C THR F 182 -7.49 -1.32 -28.26
N ASN F 183 -6.88 -1.64 -27.12
CA ASN F 183 -6.53 -0.61 -26.16
C ASN F 183 -5.40 0.27 -26.69
N GLY F 184 -5.24 1.44 -26.05
CA GLY F 184 -4.06 2.25 -26.27
C GLY F 184 -2.81 1.57 -25.72
N VAL F 185 -1.65 2.16 -25.99
CA VAL F 185 -0.41 1.50 -25.57
C VAL F 185 -0.29 1.50 -24.05
N GLY F 186 -0.61 2.62 -23.41
CA GLY F 186 -0.58 2.71 -21.97
C GLY F 186 -1.37 1.62 -21.28
N TYR F 187 -2.32 1.03 -22.00
CA TYR F 187 -3.22 0.01 -21.45
C TYR F 187 -2.98 -1.36 -22.08
N GLN F 188 -1.87 -1.55 -22.79
CA GLN F 188 -1.53 -2.81 -23.42
C GLN F 188 -0.69 -3.69 -22.49
N PRO F 189 -0.72 -5.02 -22.69
CA PRO F 189 0.05 -5.91 -21.80
C PRO F 189 1.54 -5.85 -22.11
N TYR F 190 2.34 -5.74 -21.05
CA TYR F 190 3.79 -5.73 -21.14
C TYR F 190 4.35 -6.80 -20.23
N ARG F 191 5.26 -7.62 -20.77
CA ARG F 191 5.98 -8.61 -20.00
C ARG F 191 7.23 -7.97 -19.44
N VAL F 192 7.48 -8.23 -18.15
CA VAL F 192 8.54 -7.56 -17.39
C VAL F 192 9.42 -8.63 -16.77
N VAL F 193 10.72 -8.46 -16.90
CA VAL F 193 11.73 -9.26 -16.22
C VAL F 193 12.60 -8.30 -15.42
N VAL F 194 12.65 -8.53 -14.12
CA VAL F 194 13.49 -7.74 -13.20
C VAL F 194 14.65 -8.62 -12.78
N LEU F 195 15.86 -8.17 -13.08
CA LEU F 195 17.08 -8.87 -12.68
C LEU F 195 17.61 -8.18 -11.43
N SER F 196 17.63 -8.92 -10.33
CA SER F 196 18.17 -8.46 -9.06
C SER F 196 19.52 -9.12 -8.85
N PHE F 197 20.49 -8.34 -8.39
CA PHE F 197 21.85 -8.82 -8.19
C PHE F 197 22.09 -8.99 -6.69
N GLU F 198 22.01 -10.24 -6.22
CA GLU F 198 22.23 -10.56 -4.81
C GLU F 198 23.71 -10.78 -4.56
N LEU F 199 24.18 -10.23 -3.45
CA LEU F 199 25.60 -10.11 -3.14
C LEU F 199 25.81 -10.56 -1.70
N LEU F 200 26.14 -11.84 -1.52
CA LEU F 200 26.34 -12.41 -0.20
C LEU F 200 27.84 -12.56 0.07
N HIS F 201 28.16 -12.96 1.30
CA HIS F 201 29.56 -13.22 1.67
C HIS F 201 29.91 -14.67 1.34
N ALA F 202 29.88 -14.97 0.04
CA ALA F 202 30.02 -16.31 -0.47
C ALA F 202 30.71 -16.24 -1.82
N PRO F 203 31.11 -17.37 -2.39
CA PRO F 203 31.70 -17.34 -3.73
C PRO F 203 30.71 -16.81 -4.76
N ALA F 204 31.17 -15.83 -5.55
CA ALA F 204 30.33 -15.20 -6.55
C ALA F 204 30.25 -16.10 -7.78
N THR F 205 29.04 -16.59 -8.08
CA THR F 205 28.86 -17.65 -9.07
C THR F 205 28.36 -17.16 -10.42
N VAL F 206 27.96 -15.89 -10.55
CA VAL F 206 27.45 -15.35 -11.80
C VAL F 206 28.36 -14.21 -12.24
N CYS F 207 29.20 -14.46 -13.24
CA CYS F 207 30.06 -13.44 -13.83
C CYS F 207 29.72 -13.29 -15.30
N GLY F 208 30.17 -12.18 -15.89
CA GLY F 208 30.03 -12.02 -17.31
C GLY F 208 31.18 -12.67 -18.04
N PRO F 209 31.23 -12.51 -19.37
CA PRO F 209 32.34 -13.04 -20.16
C PRO F 209 33.66 -12.33 -19.86
N GLU G 1 -34.78 -26.44 38.23
CA GLU G 1 -33.54 -26.19 37.52
C GLU G 1 -33.80 -25.83 36.06
N VAL G 2 -33.33 -24.65 35.66
CA VAL G 2 -33.51 -24.20 34.28
C VAL G 2 -32.56 -24.96 33.37
N GLN G 3 -33.07 -25.45 32.25
CA GLN G 3 -32.28 -26.27 31.33
C GLN G 3 -32.76 -26.05 29.91
N LEU G 4 -31.80 -25.92 29.00
CA LEU G 4 -32.04 -25.80 27.56
C LEU G 4 -31.22 -26.85 26.84
N LEU G 5 -31.86 -27.62 25.97
CA LEU G 5 -31.21 -28.72 25.25
C LEU G 5 -31.37 -28.48 23.75
N GLU G 6 -30.24 -28.22 23.08
CA GLU G 6 -30.28 -28.02 21.64
C GLU G 6 -30.13 -29.34 20.90
N SER G 7 -30.63 -29.36 19.67
CA SER G 7 -30.42 -30.48 18.76
C SER G 7 -30.69 -29.99 17.34
N GLY G 8 -30.22 -30.76 16.37
CA GLY G 8 -30.52 -30.51 14.97
C GLY G 8 -29.37 -30.03 14.12
N GLY G 9 -28.19 -29.84 14.70
CA GLY G 9 -27.04 -29.43 13.92
C GLY G 9 -26.43 -30.59 13.16
N GLY G 10 -25.51 -30.27 12.27
CA GLY G 10 -24.84 -31.30 11.50
C GLY G 10 -24.17 -30.72 10.27
N LEU G 11 -23.88 -31.61 9.32
CA LEU G 11 -23.28 -31.25 8.04
C LEU G 11 -24.37 -30.89 7.04
N VAL G 12 -24.14 -29.83 6.28
CA VAL G 12 -25.09 -29.46 5.25
C VAL G 12 -24.36 -28.68 4.16
N GLN G 13 -24.77 -28.89 2.91
CA GLN G 13 -24.14 -28.24 1.78
C GLN G 13 -24.67 -26.82 1.59
N PRO G 14 -23.92 -25.96 0.89
CA PRO G 14 -24.38 -24.59 0.67
C PRO G 14 -25.73 -24.59 -0.04
N GLY G 15 -26.54 -23.58 0.28
CA GLY G 15 -27.89 -23.49 -0.23
C GLY G 15 -28.88 -24.41 0.44
N GLY G 16 -28.43 -25.34 1.27
CA GLY G 16 -29.32 -26.25 1.95
C GLY G 16 -30.04 -25.60 3.10
N SER G 17 -30.82 -26.41 3.80
CA SER G 17 -31.57 -25.94 4.96
C SER G 17 -31.27 -26.84 6.14
N LEU G 18 -31.56 -26.32 7.34
CA LEU G 18 -31.29 -27.03 8.57
C LEU G 18 -32.15 -26.39 9.65
N ARG G 19 -32.72 -27.19 10.53
CA ARG G 19 -33.65 -26.68 11.51
C ARG G 19 -33.20 -27.10 12.91
N LEU G 20 -32.73 -26.13 13.69
CA LEU G 20 -32.30 -26.35 15.05
C LEU G 20 -33.50 -26.22 15.99
N SER G 21 -33.52 -27.05 17.04
CA SER G 21 -34.53 -26.97 18.08
C SER G 21 -33.87 -26.87 19.44
N CYS G 22 -34.56 -26.20 20.36
CA CYS G 22 -34.09 -25.99 21.73
C CYS G 22 -35.24 -26.29 22.68
N ALA G 23 -35.15 -27.41 23.39
CA ALA G 23 -36.16 -27.81 24.36
C ALA G 23 -35.85 -27.20 25.72
N ALA G 24 -36.85 -26.55 26.32
CA ALA G 24 -36.68 -25.85 27.58
C ALA G 24 -37.43 -26.55 28.69
N SER G 25 -36.89 -26.46 29.91
CA SER G 25 -37.56 -27.01 31.08
C SER G 25 -37.06 -26.30 32.32
N GLY G 26 -37.92 -26.22 33.33
CA GLY G 26 -37.57 -25.63 34.60
C GLY G 26 -37.98 -24.18 34.79
N PHE G 27 -38.88 -23.67 33.96
CA PHE G 27 -39.42 -22.32 34.10
C PHE G 27 -40.57 -22.19 33.11
N THR G 28 -41.38 -21.15 33.31
CA THR G 28 -42.52 -20.88 32.43
C THR G 28 -42.00 -20.38 31.10
N PHE G 29 -41.91 -21.29 30.12
CA PHE G 29 -41.30 -20.97 28.84
C PHE G 29 -42.06 -19.88 28.09
N SER G 30 -43.39 -19.94 28.15
CA SER G 30 -44.21 -18.99 27.38
C SER G 30 -44.11 -17.55 27.87
N SER G 31 -43.33 -17.29 28.94
CA SER G 31 -43.28 -15.96 29.53
C SER G 31 -42.03 -15.16 29.15
N TYR G 32 -40.97 -15.80 28.65
CA TYR G 32 -39.71 -15.13 28.40
C TYR G 32 -39.36 -15.16 26.91
N ALA G 33 -38.65 -14.14 26.46
CA ALA G 33 -38.11 -14.13 25.10
C ALA G 33 -36.93 -15.10 24.99
N MET G 34 -36.69 -15.56 23.76
CA MET G 34 -35.61 -16.52 23.51
C MET G 34 -34.71 -16.00 22.40
N ASN G 35 -33.43 -16.38 22.48
CA ASN G 35 -32.40 -15.88 21.59
C ASN G 35 -31.59 -17.03 20.99
N TRP G 36 -31.12 -16.79 19.78
CA TRP G 36 -30.11 -17.62 19.14
C TRP G 36 -28.84 -16.79 18.99
N VAL G 37 -27.71 -17.36 19.42
CA VAL G 37 -26.40 -16.73 19.38
C VAL G 37 -25.40 -17.73 18.81
N ARG G 38 -24.67 -17.34 17.78
CA ARG G 38 -23.72 -18.26 17.19
C ARG G 38 -22.29 -17.81 17.48
N GLN G 39 -21.38 -18.76 17.37
CA GLN G 39 -19.94 -18.52 17.56
C GLN G 39 -19.22 -19.32 16.50
N ALA G 40 -18.59 -18.63 15.55
CA ALA G 40 -17.81 -19.31 14.53
C ALA G 40 -16.59 -19.99 15.16
N PRO G 41 -16.07 -21.02 14.51
CA PRO G 41 -14.89 -21.70 15.08
C PRO G 41 -13.72 -20.74 15.21
N GLY G 42 -13.17 -20.65 16.42
CA GLY G 42 -12.06 -19.77 16.66
C GLY G 42 -12.38 -18.30 16.56
N LYS G 43 -13.66 -17.94 16.59
CA LYS G 43 -14.09 -16.55 16.53
C LYS G 43 -14.92 -16.21 17.77
N GLY G 44 -15.42 -14.97 17.81
CA GLY G 44 -16.14 -14.46 18.97
C GLY G 44 -17.62 -14.79 18.94
N LEU G 45 -18.35 -14.22 19.91
CA LEU G 45 -19.80 -14.41 19.96
C LEU G 45 -20.49 -13.44 19.01
N GLU G 46 -21.57 -13.92 18.39
CA GLU G 46 -22.38 -13.09 17.50
C GLU G 46 -23.84 -13.39 17.74
N TRP G 47 -24.62 -12.36 18.04
CA TRP G 47 -26.05 -12.54 18.24
C TRP G 47 -26.75 -12.76 16.91
N VAL G 48 -27.70 -13.70 16.90
CA VAL G 48 -28.41 -14.11 15.67
C VAL G 48 -29.85 -13.62 15.67
N SER G 49 -30.63 -13.99 16.68
CA SER G 49 -32.05 -13.69 16.61
C SER G 49 -32.71 -13.65 17.97
N VAL G 50 -33.84 -12.94 18.05
CA VAL G 50 -34.70 -12.89 19.23
C VAL G 50 -36.14 -13.13 18.79
N ILE G 51 -36.88 -13.89 19.59
CA ILE G 51 -38.33 -14.01 19.47
C ILE G 51 -38.96 -13.76 20.83
N SER G 52 -40.13 -13.11 20.83
CA SER G 52 -40.87 -12.80 22.04
C SER G 52 -41.58 -14.05 22.57
N GLY G 53 -42.08 -13.92 23.81
CA GLY G 53 -42.81 -15.03 24.41
C GLY G 53 -44.10 -15.34 23.67
N SER G 54 -44.85 -14.31 23.29
CA SER G 54 -46.05 -14.50 22.49
C SER G 54 -45.75 -15.01 21.09
N GLY G 55 -44.50 -14.90 20.65
CA GLY G 55 -44.11 -15.27 19.30
C GLY G 55 -44.38 -14.22 18.24
N GLY G 56 -44.91 -13.05 18.63
CA GLY G 56 -45.28 -12.04 17.65
C GLY G 56 -44.16 -11.15 17.18
N SER G 57 -43.09 -11.00 17.96
CA SER G 57 -41.99 -10.10 17.64
C SER G 57 -40.74 -10.91 17.36
N THR G 58 -40.11 -10.64 16.21
CA THR G 58 -38.90 -11.33 15.81
C THR G 58 -37.89 -10.32 15.29
N TYR G 59 -36.62 -10.51 15.68
CA TYR G 59 -35.55 -9.63 15.25
C TYR G 59 -34.36 -10.49 14.87
N TYR G 60 -33.68 -10.13 13.79
CA TYR G 60 -32.62 -10.95 13.25
C TYR G 60 -31.35 -10.13 13.05
N ALA G 61 -30.21 -10.82 13.13
CA ALA G 61 -28.95 -10.22 12.74
C ALA G 61 -28.99 -9.92 11.24
N ASP G 62 -28.28 -8.86 10.85
CA ASP G 62 -28.33 -8.42 9.47
C ASP G 62 -27.75 -9.46 8.51
N SER G 63 -26.70 -10.16 8.94
CA SER G 63 -26.07 -11.16 8.08
C SER G 63 -26.95 -12.38 7.81
N VAL G 64 -28.08 -12.52 8.51
CA VAL G 64 -28.94 -13.69 8.34
C VAL G 64 -30.38 -13.30 8.09
N ARG G 65 -30.63 -12.01 7.80
CA ARG G 65 -32.00 -11.55 7.62
C ARG G 65 -32.64 -12.20 6.39
N GLY G 66 -33.91 -12.56 6.53
CA GLY G 66 -34.67 -13.15 5.44
C GLY G 66 -34.29 -14.58 5.10
N ARG G 67 -33.14 -15.04 5.58
CA ARG G 67 -32.68 -16.41 5.37
C ARG G 67 -33.01 -17.30 6.56
N PHE G 68 -32.71 -16.84 7.77
CA PHE G 68 -33.07 -17.56 8.98
C PHE G 68 -34.46 -17.11 9.43
N THR G 69 -35.13 -18.00 10.17
CA THR G 69 -36.47 -17.74 10.68
C THR G 69 -36.61 -18.35 12.07
N ILE G 70 -36.93 -17.54 13.06
CA ILE G 70 -37.10 -18.01 14.43
C ILE G 70 -38.58 -18.24 14.71
N SER G 71 -38.88 -19.25 15.54
CA SER G 71 -40.28 -19.57 15.89
C SER G 71 -40.29 -20.33 17.21
N ARG G 72 -41.49 -20.61 17.72
CA ARG G 72 -41.60 -21.33 18.99
C ARG G 72 -42.94 -22.02 19.12
N ASP G 73 -42.92 -23.19 19.77
CA ASP G 73 -44.11 -23.95 20.17
C ASP G 73 -44.19 -23.91 21.69
N ASN G 74 -45.13 -23.12 22.21
CA ASN G 74 -45.28 -22.99 23.66
C ASN G 74 -45.93 -24.23 24.27
N SER G 75 -46.75 -24.96 23.49
CA SER G 75 -47.37 -26.17 24.03
C SER G 75 -46.33 -27.25 24.26
N LYS G 76 -45.28 -27.30 23.44
CA LYS G 76 -44.20 -28.26 23.61
C LYS G 76 -42.97 -27.67 24.27
N ASN G 77 -42.99 -26.37 24.58
CA ASN G 77 -41.87 -25.66 25.21
C ASN G 77 -40.59 -25.81 24.38
N THR G 78 -40.67 -25.39 23.12
CA THR G 78 -39.54 -25.55 22.21
C THR G 78 -39.34 -24.32 21.33
N LEU G 79 -38.08 -23.95 21.14
CA LEU G 79 -37.68 -22.87 20.25
C LEU G 79 -37.06 -23.44 18.98
N TYR G 80 -37.33 -22.81 17.84
CA TYR G 80 -36.85 -23.32 16.56
C TYR G 80 -36.13 -22.23 15.79
N LEU G 81 -35.04 -22.62 15.13
CA LEU G 81 -34.33 -21.77 14.18
C LEU G 81 -34.26 -22.51 12.85
N GLN G 82 -35.00 -22.00 11.85
CA GLN G 82 -35.01 -22.54 10.51
C GLN G 82 -34.01 -21.76 9.66
N MET G 83 -32.95 -22.43 9.22
CA MET G 83 -31.86 -21.80 8.48
C MET G 83 -31.90 -22.32 7.04
N ASN G 84 -32.30 -21.44 6.11
CA ASN G 84 -32.34 -21.78 4.69
C ASN G 84 -31.24 -21.02 3.97
N SER G 85 -30.89 -21.51 2.78
CA SER G 85 -29.87 -20.87 1.95
C SER G 85 -28.55 -20.72 2.73
N LEU G 86 -28.16 -21.80 3.41
CA LEU G 86 -27.01 -21.73 4.30
C LEU G 86 -25.74 -21.47 3.51
N ARG G 87 -24.92 -20.55 4.02
CA ARG G 87 -23.64 -20.21 3.42
C ARG G 87 -22.53 -20.79 4.27
N ALA G 88 -21.34 -20.93 3.65
CA ALA G 88 -20.20 -21.47 4.37
C ALA G 88 -19.86 -20.63 5.58
N GLU G 89 -20.10 -19.32 5.52
CA GLU G 89 -19.77 -18.43 6.62
C GLU G 89 -20.69 -18.64 7.83
N ASP G 90 -21.83 -19.29 7.65
CA ASP G 90 -22.73 -19.58 8.77
C ASP G 90 -22.27 -20.77 9.60
N THR G 91 -21.17 -21.43 9.25
CA THR G 91 -20.63 -22.52 10.05
C THR G 91 -20.26 -22.02 11.43
N ALA G 92 -20.88 -22.60 12.46
CA ALA G 92 -20.68 -22.12 13.83
C ALA G 92 -21.30 -23.08 14.81
N VAL G 93 -21.02 -22.86 16.09
CA VAL G 93 -21.78 -23.46 17.18
C VAL G 93 -22.90 -22.51 17.56
N TYR G 94 -24.13 -23.00 17.54
CA TYR G 94 -25.32 -22.19 17.78
C TYR G 94 -25.88 -22.50 19.16
N CYS G 95 -26.02 -21.47 19.98
CA CYS G 95 -26.53 -21.56 21.33
C CYS G 95 -27.89 -20.90 21.45
N CYS G 96 -28.72 -21.49 22.29
CA CYS G 96 -30.05 -21.02 22.62
C CYS G 96 -29.99 -20.38 24.00
N ALA G 97 -30.40 -19.13 24.11
CA ALA G 97 -30.20 -18.37 25.34
C ALA G 97 -31.50 -17.72 25.79
N LYS G 98 -31.76 -17.80 27.10
CA LYS G 98 -32.97 -17.24 27.69
C LYS G 98 -32.87 -15.72 27.78
N GLY G 99 -33.89 -15.03 27.30
CA GLY G 99 -33.93 -13.58 27.30
C GLY G 99 -34.70 -13.03 28.48
N TYR G 100 -35.22 -11.82 28.29
CA TYR G 100 -35.95 -11.15 29.36
C TYR G 100 -37.44 -11.47 29.28
N TYR G 101 -38.13 -11.19 30.38
CA TYR G 101 -39.57 -11.40 30.45
C TYR G 101 -40.28 -10.57 29.38
N TYR G 102 -40.94 -11.25 28.44
CA TYR G 102 -41.66 -10.60 27.35
C TYR G 102 -42.92 -11.44 27.13
N ASP G 103 -44.03 -11.00 27.71
CA ASP G 103 -45.26 -11.76 27.73
C ASP G 103 -46.17 -11.30 26.60
N SER G 104 -47.42 -11.73 26.66
CA SER G 104 -48.45 -11.18 25.77
C SER G 104 -48.87 -9.80 26.22
N SER G 105 -48.55 -9.43 27.46
CA SER G 105 -48.97 -8.16 28.04
C SER G 105 -47.85 -7.13 28.10
N GLY G 106 -46.63 -7.52 27.74
CA GLY G 106 -45.50 -6.61 27.71
C GLY G 106 -44.27 -7.27 28.31
N TYR G 107 -43.23 -6.47 28.50
CA TYR G 107 -41.95 -6.93 29.03
C TYR G 107 -41.73 -6.36 30.42
N TYR G 108 -40.98 -7.10 31.24
CA TYR G 108 -40.84 -6.79 32.66
C TYR G 108 -39.42 -6.40 33.05
N PHE G 109 -38.43 -7.23 32.79
CA PHE G 109 -37.07 -7.05 33.32
C PHE G 109 -36.11 -7.02 32.15
N ARG G 110 -36.20 -5.95 31.36
CA ARG G 110 -35.51 -5.88 30.07
C ARG G 110 -33.98 -5.84 30.24
N GLU G 111 -33.48 -5.56 31.44
CA GLU G 111 -32.03 -5.64 31.69
C GLU G 111 -31.59 -7.08 31.92
N ASP G 112 -32.40 -7.87 32.61
CA ASP G 112 -32.07 -9.25 32.93
C ASP G 112 -32.29 -10.11 31.70
N ALA G 113 -31.20 -10.45 31.02
CA ALA G 113 -31.27 -11.30 29.84
C ALA G 113 -30.02 -12.14 29.76
N PHE G 114 -30.08 -13.19 28.94
CA PHE G 114 -28.94 -14.07 28.69
C PHE G 114 -28.41 -14.68 29.98
N ASP G 115 -29.31 -15.02 30.90
CA ASP G 115 -28.87 -15.60 32.17
C ASP G 115 -28.49 -17.07 32.04
N ILE G 116 -29.12 -17.81 31.13
CA ILE G 116 -28.92 -19.26 31.03
C ILE G 116 -28.74 -19.63 29.56
N TRP G 117 -27.69 -20.41 29.26
CA TRP G 117 -27.35 -20.78 27.89
C TRP G 117 -27.43 -22.29 27.74
N GLY G 118 -27.85 -22.72 26.53
CA GLY G 118 -27.87 -24.13 26.18
C GLY G 118 -26.49 -24.66 25.82
N GLN G 119 -26.42 -25.99 25.70
CA GLN G 119 -25.14 -26.63 25.42
C GLN G 119 -24.62 -26.34 24.02
N GLY G 120 -25.47 -25.80 23.14
CA GLY G 120 -25.05 -25.47 21.80
C GLY G 120 -25.05 -26.66 20.87
N THR G 121 -25.21 -26.43 19.58
CA THR G 121 -25.10 -27.51 18.60
C THR G 121 -24.29 -27.01 17.41
N LEU G 122 -23.56 -27.92 16.80
CA LEU G 122 -22.61 -27.56 15.74
C LEU G 122 -23.27 -27.64 14.37
N VAL G 123 -23.09 -26.58 13.57
CA VAL G 123 -23.59 -26.51 12.20
C VAL G 123 -22.39 -26.28 11.30
N THR G 124 -22.13 -27.24 10.41
CA THR G 124 -21.00 -27.18 9.49
C THR G 124 -21.56 -27.14 8.07
N VAL G 125 -21.50 -25.96 7.46
CA VAL G 125 -21.96 -25.75 6.09
C VAL G 125 -20.73 -25.82 5.18
N SER G 126 -20.72 -26.82 4.31
CA SER G 126 -19.59 -27.03 3.42
C SER G 126 -20.06 -27.85 2.24
N SER G 127 -19.45 -27.62 1.09
CA SER G 127 -19.69 -28.43 -0.09
C SER G 127 -18.74 -29.60 -0.16
N ALA G 128 -18.00 -29.87 0.91
CA ALA G 128 -17.06 -30.97 0.91
C ALA G 128 -17.78 -32.30 1.06
N SER G 129 -17.03 -33.37 0.80
CA SER G 129 -17.50 -34.73 0.99
C SER G 129 -16.61 -35.39 2.02
N THR G 130 -17.19 -36.31 2.79
CA THR G 130 -16.45 -36.92 3.87
C THR G 130 -15.25 -37.71 3.34
N LYS G 131 -14.06 -37.21 3.61
CA LYS G 131 -12.82 -37.78 3.10
C LYS G 131 -11.85 -37.98 4.26
N GLY G 132 -11.12 -39.09 4.21
CA GLY G 132 -10.14 -39.41 5.23
C GLY G 132 -8.81 -38.75 4.96
N PRO G 133 -8.08 -38.41 6.02
CA PRO G 133 -6.86 -37.62 5.87
C PRO G 133 -5.72 -38.43 5.28
N SER G 134 -4.69 -37.70 4.87
CA SER G 134 -3.40 -38.28 4.50
C SER G 134 -2.40 -37.93 5.58
N VAL G 135 -1.62 -38.91 6.02
CA VAL G 135 -0.69 -38.74 7.13
C VAL G 135 0.73 -38.80 6.56
N PHE G 136 1.42 -37.66 6.58
CA PHE G 136 2.78 -37.56 6.10
C PHE G 136 3.75 -37.37 7.25
N PRO G 137 4.96 -37.86 7.13
CA PRO G 137 5.89 -37.76 8.28
C PRO G 137 6.76 -36.52 8.23
N LEU G 138 6.67 -35.66 9.24
CA LEU G 138 7.63 -34.59 9.45
C LEU G 138 8.84 -35.23 10.12
N ALA G 139 9.87 -35.54 9.32
CA ALA G 139 10.97 -36.37 9.79
C ALA G 139 12.04 -35.50 10.47
N PRO G 140 12.70 -36.02 11.50
CA PRO G 140 13.80 -35.29 12.11
C PRO G 140 15.09 -35.46 11.32
N SER G 141 15.94 -34.45 11.39
CA SER G 141 17.24 -34.49 10.72
C SER G 141 18.19 -33.58 11.49
N SER G 142 19.32 -33.24 10.87
CA SER G 142 20.21 -32.22 11.44
C SER G 142 19.55 -30.85 11.48
N LYS G 143 18.54 -30.62 10.64
CA LYS G 143 17.86 -29.34 10.53
C LYS G 143 16.74 -29.16 11.56
N SER G 144 16.59 -30.12 12.48
CA SER G 144 15.56 -30.07 13.53
C SER G 144 16.12 -30.56 14.86
N THR G 145 17.38 -30.27 15.13
CA THR G 145 18.01 -30.55 16.42
C THR G 145 18.48 -29.23 17.02
N SER G 146 18.20 -29.03 18.33
CA SER G 146 18.53 -27.78 19.02
C SER G 146 18.95 -28.13 20.46
N GLY G 147 20.18 -28.60 20.60
CA GLY G 147 20.77 -28.85 21.90
C GLY G 147 20.27 -30.10 22.60
N GLY G 148 20.60 -31.27 22.05
CA GLY G 148 20.23 -32.53 22.64
C GLY G 148 18.79 -32.94 22.46
N THR G 149 17.92 -32.05 21.97
CA THR G 149 16.51 -32.36 21.74
C THR G 149 16.20 -32.20 20.26
N ALA G 150 15.35 -33.09 19.74
CA ALA G 150 14.96 -33.09 18.32
C ALA G 150 13.45 -33.13 18.20
N ALA G 151 12.95 -32.51 17.12
CA ALA G 151 11.52 -32.44 16.86
C ALA G 151 11.13 -33.36 15.70
N LEU G 152 10.05 -34.11 15.88
CA LEU G 152 9.49 -34.94 14.81
C LEU G 152 7.97 -34.84 14.88
N GLY G 153 7.28 -35.29 13.84
CA GLY G 153 5.84 -35.15 13.87
C GLY G 153 5.16 -35.77 12.67
N CYS G 154 3.86 -35.49 12.59
CA CYS G 154 2.98 -35.98 11.54
C CYS G 154 2.10 -34.85 11.04
N LEU G 155 1.94 -34.79 9.72
CA LEU G 155 1.03 -33.87 9.07
C LEU G 155 -0.21 -34.64 8.66
N VAL G 156 -1.34 -34.31 9.27
CA VAL G 156 -2.62 -34.95 8.96
C VAL G 156 -3.38 -33.96 8.09
N LYS G 157 -3.37 -34.19 6.79
CA LYS G 157 -3.76 -33.18 5.79
C LYS G 157 -4.97 -33.63 5.00
N ASP G 158 -5.84 -32.67 4.65
CA ASP G 158 -6.90 -32.89 3.67
C ASP G 158 -7.87 -33.99 4.15
N TYR G 159 -8.63 -33.64 5.17
CA TYR G 159 -9.69 -34.50 5.65
C TYR G 159 -10.97 -33.69 5.85
N PHE G 160 -12.10 -34.39 5.91
CA PHE G 160 -13.39 -33.77 6.15
C PHE G 160 -14.37 -34.83 6.58
N PRO G 161 -15.25 -34.54 7.57
CA PRO G 161 -15.17 -33.30 8.34
C PRO G 161 -14.36 -33.52 9.61
N GLU G 162 -14.39 -32.55 10.52
CA GLU G 162 -13.76 -32.76 11.81
C GLU G 162 -14.55 -33.81 12.59
N PRO G 163 -13.91 -34.49 13.56
CA PRO G 163 -12.53 -34.32 14.00
C PRO G 163 -11.60 -35.46 13.60
N VAL G 164 -10.31 -35.24 13.82
CA VAL G 164 -9.28 -36.26 13.71
C VAL G 164 -8.60 -36.37 15.07
N THR G 165 -8.36 -37.60 15.52
CA THR G 165 -7.64 -37.83 16.77
C THR G 165 -6.27 -38.43 16.48
N VAL G 166 -5.24 -37.90 17.14
CA VAL G 166 -3.86 -38.27 16.89
C VAL G 166 -3.19 -38.58 18.22
N SER G 167 -2.68 -39.81 18.34
CA SER G 167 -1.89 -40.22 19.50
C SER G 167 -0.49 -40.62 19.03
N TRP G 168 0.38 -40.92 20.00
CA TRP G 168 1.76 -41.29 19.68
C TRP G 168 2.11 -42.60 20.37
N ASN G 169 2.65 -43.53 19.57
CA ASN G 169 3.07 -44.86 20.05
C ASN G 169 1.91 -45.55 20.76
N SER G 170 0.73 -45.51 20.12
CA SER G 170 -0.49 -46.12 20.64
C SER G 170 -0.77 -45.67 22.07
N GLY G 171 -0.43 -44.40 22.36
CA GLY G 171 -0.65 -43.84 23.67
C GLY G 171 0.52 -43.93 24.62
N ALA G 172 1.63 -44.54 24.21
CA ALA G 172 2.76 -44.69 25.12
C ALA G 172 3.55 -43.39 25.30
N LEU G 173 3.56 -42.52 24.30
CA LEU G 173 4.34 -41.28 24.33
C LEU G 173 3.40 -40.08 24.40
N THR G 174 3.53 -39.30 25.48
CA THR G 174 2.67 -38.13 25.65
C THR G 174 3.42 -36.86 26.04
N SER G 175 4.58 -37.00 26.67
CA SER G 175 5.31 -35.84 27.17
C SER G 175 5.88 -35.01 26.04
N GLY G 176 5.67 -33.69 26.10
CA GLY G 176 6.18 -32.79 25.11
C GLY G 176 5.53 -32.92 23.75
N VAL G 177 4.36 -33.52 23.69
CA VAL G 177 3.60 -33.65 22.45
C VAL G 177 2.69 -32.43 22.32
N HIS G 178 2.54 -31.94 21.10
CA HIS G 178 1.61 -30.85 20.80
C HIS G 178 0.89 -31.20 19.52
N THR G 179 -0.43 -31.39 19.62
CA THR G 179 -1.30 -31.60 18.46
C THR G 179 -2.04 -30.30 18.20
N PHE G 180 -1.73 -29.65 17.09
CA PHE G 180 -2.19 -28.30 16.82
C PHE G 180 -3.66 -28.27 16.41
N PRO G 181 -4.34 -27.14 16.61
CA PRO G 181 -5.71 -27.00 16.12
C PRO G 181 -5.73 -27.08 14.60
N ALA G 182 -6.71 -27.81 14.09
CA ALA G 182 -6.86 -27.95 12.65
C ALA G 182 -7.13 -26.60 12.02
N VAL G 183 -6.53 -26.37 10.86
CA VAL G 183 -6.80 -25.19 10.07
C VAL G 183 -7.67 -25.60 8.90
N LEU G 184 -8.56 -24.71 8.48
CA LEU G 184 -9.43 -24.98 7.35
C LEU G 184 -8.77 -24.43 6.10
N GLN G 185 -8.29 -25.34 5.25
CA GLN G 185 -7.60 -24.92 4.03
C GLN G 185 -8.61 -24.37 3.02
N SER G 186 -8.08 -23.61 2.06
CA SER G 186 -8.91 -23.00 1.03
C SER G 186 -9.66 -24.04 0.19
N SER G 187 -9.22 -25.31 0.22
CA SER G 187 -9.91 -26.37 -0.51
C SER G 187 -11.20 -26.81 0.14
N GLY G 188 -11.52 -26.33 1.33
CA GLY G 188 -12.64 -26.82 2.10
C GLY G 188 -12.30 -27.98 3.02
N LEU G 189 -11.08 -28.50 2.94
CA LEU G 189 -10.64 -29.61 3.76
C LEU G 189 -9.81 -29.11 4.93
N TYR G 190 -9.88 -29.84 6.05
CA TYR G 190 -9.14 -29.50 7.25
C TYR G 190 -7.76 -30.15 7.22
N SER G 191 -6.85 -29.55 7.98
CA SER G 191 -5.50 -30.07 8.10
C SER G 191 -4.92 -29.64 9.43
N LEU G 192 -4.26 -30.58 10.11
CA LEU G 192 -3.61 -30.33 11.39
C LEU G 192 -2.25 -31.01 11.36
N SER G 193 -1.48 -30.81 12.42
CA SER G 193 -0.21 -31.52 12.55
C SER G 193 0.10 -31.69 14.02
N SER G 194 0.74 -32.81 14.34
CA SER G 194 1.07 -33.17 15.71
C SER G 194 2.57 -33.44 15.78
N VAL G 195 3.26 -32.71 16.65
CA VAL G 195 4.70 -32.82 16.77
C VAL G 195 5.06 -33.20 18.21
N VAL G 196 6.30 -33.64 18.38
CA VAL G 196 6.83 -34.00 19.69
C VAL G 196 8.34 -33.85 19.67
N THR G 197 8.86 -33.31 20.77
CA THR G 197 10.29 -33.17 21.00
C THR G 197 10.76 -34.33 21.87
N VAL G 198 11.84 -34.97 21.45
CA VAL G 198 12.37 -36.13 22.14
C VAL G 198 13.87 -35.91 22.34
N PRO G 199 14.51 -36.69 23.22
CA PRO G 199 15.97 -36.68 23.26
C PRO G 199 16.53 -37.15 21.92
N SER G 200 17.31 -36.28 21.29
CA SER G 200 17.88 -36.59 19.98
C SER G 200 18.82 -37.78 20.03
N SER G 201 19.35 -38.11 21.20
CA SER G 201 20.22 -39.26 21.35
C SER G 201 19.48 -40.59 21.16
N SER G 202 18.15 -40.59 21.23
CA SER G 202 17.38 -41.82 21.21
C SER G 202 16.58 -42.01 19.93
N LEU G 203 16.96 -41.32 18.84
CA LEU G 203 16.24 -41.49 17.58
C LEU G 203 16.48 -42.87 16.95
N GLY G 204 17.58 -43.53 17.30
CA GLY G 204 17.91 -44.82 16.74
C GLY G 204 17.32 -46.00 17.49
N THR G 205 17.02 -45.81 18.77
CA THR G 205 16.51 -46.90 19.61
C THR G 205 14.99 -46.89 19.74
N GLN G 206 14.38 -45.73 19.87
CA GLN G 206 12.93 -45.62 20.02
C GLN G 206 12.26 -45.40 18.67
N THR G 207 11.24 -46.20 18.37
CA THR G 207 10.45 -46.02 17.17
C THR G 207 9.28 -45.10 17.50
N TYR G 208 9.06 -44.10 16.66
CA TYR G 208 8.00 -43.12 16.85
C TYR G 208 6.97 -43.27 15.74
N ILE G 209 5.74 -43.60 16.12
CA ILE G 209 4.64 -43.81 15.18
C ILE G 209 3.45 -42.98 15.67
N CYS G 210 2.86 -42.22 14.77
CA CYS G 210 1.67 -41.44 15.09
C CYS G 210 0.44 -42.19 14.60
N ASN G 211 -0.57 -42.27 15.47
CA ASN G 211 -1.82 -42.96 15.18
C ASN G 211 -2.89 -41.92 14.92
N VAL G 212 -3.48 -41.97 13.73
CA VAL G 212 -4.47 -41.00 13.29
C VAL G 212 -5.77 -41.76 13.03
N ASN G 213 -6.86 -41.23 13.58
CA ASN G 213 -8.18 -41.80 13.40
C ASN G 213 -9.12 -40.70 12.95
N HIS G 214 -9.84 -40.98 11.86
CA HIS G 214 -10.89 -40.12 11.33
C HIS G 214 -12.10 -41.03 11.23
N LYS G 215 -12.92 -41.02 12.28
CA LYS G 215 -14.13 -41.83 12.29
C LYS G 215 -15.10 -41.50 11.16
N PRO G 216 -15.42 -40.22 10.87
CA PRO G 216 -16.49 -39.96 9.90
C PRO G 216 -16.27 -40.61 8.54
N SER G 217 -15.02 -40.91 8.18
CA SER G 217 -14.73 -41.56 6.91
C SER G 217 -14.33 -43.03 7.08
N ASN G 218 -14.23 -43.51 8.32
CA ASN G 218 -13.72 -44.85 8.60
C ASN G 218 -12.28 -44.99 8.12
N THR G 219 -11.42 -44.08 8.60
CA THR G 219 -10.01 -44.07 8.21
C THR G 219 -9.14 -44.16 9.45
N LYS G 220 -8.28 -45.18 9.51
CA LYS G 220 -7.25 -45.23 10.53
C LYS G 220 -5.91 -45.42 9.84
N VAL G 221 -4.93 -44.60 10.22
CA VAL G 221 -3.58 -44.65 9.64
C VAL G 221 -2.56 -44.56 10.78
N ASP G 222 -1.66 -45.54 10.84
CA ASP G 222 -0.50 -45.51 11.73
C ASP G 222 0.73 -45.23 10.88
N LYS G 223 1.31 -44.04 11.03
CA LYS G 223 2.44 -43.62 10.21
C LYS G 223 3.69 -43.60 11.06
N LYS G 224 4.71 -44.33 10.62
CA LYS G 224 6.00 -44.38 11.27
C LYS G 224 6.86 -43.22 10.76
N VAL G 225 7.48 -42.49 11.67
CA VAL G 225 8.27 -41.31 11.35
C VAL G 225 9.74 -41.73 11.29
N GLU G 226 10.22 -42.01 10.09
CA GLU G 226 11.60 -42.43 9.89
C GLU G 226 12.52 -41.22 9.87
N PRO G 227 13.52 -41.15 10.75
CA PRO G 227 14.49 -40.04 10.67
C PRO G 227 15.33 -40.14 9.40
N LYS G 228 15.77 -38.98 8.92
CA LYS G 228 16.62 -38.95 7.72
C LYS G 228 18.08 -38.77 8.09
N ASP H 1 -25.45 0.45 13.68
CA ASP H 1 -24.98 -0.70 14.44
C ASP H 1 -24.02 -0.26 15.54
N ILE H 2 -24.43 -0.44 16.80
CA ILE H 2 -23.56 -0.11 17.93
C ILE H 2 -22.43 -1.12 18.02
N GLN H 3 -21.20 -0.62 18.15
CA GLN H 3 -20.01 -1.47 18.20
C GLN H 3 -19.36 -1.38 19.57
N MET H 4 -19.09 -2.54 20.17
CA MET H 4 -18.50 -2.64 21.49
C MET H 4 -17.00 -2.88 21.34
N THR H 5 -16.21 -1.97 21.89
CA THR H 5 -14.75 -2.03 21.80
C THR H 5 -14.19 -2.43 23.16
N GLN H 6 -13.55 -3.59 23.21
CA GLN H 6 -12.93 -4.08 24.44
C GLN H 6 -11.44 -3.76 24.45
N SER H 7 -10.94 -3.41 25.63
CA SER H 7 -9.52 -3.20 25.82
C SER H 7 -9.09 -3.84 27.14
N PRO H 8 -8.04 -4.68 27.13
CA PRO H 8 -7.29 -5.11 25.96
C PRO H 8 -7.91 -6.33 25.27
N SER H 9 -7.31 -6.77 24.16
CA SER H 9 -7.76 -8.02 23.54
C SER H 9 -7.16 -9.22 24.26
N ALA H 10 -5.88 -9.13 24.61
CA ALA H 10 -5.23 -10.15 25.42
C ALA H 10 -4.57 -9.44 26.59
N MET H 11 -4.19 -10.25 27.58
CA MET H 11 -3.72 -9.73 28.86
C MET H 11 -3.17 -10.88 29.69
N SER H 12 -2.00 -10.69 30.28
CA SER H 12 -1.41 -11.70 31.12
C SER H 12 -1.24 -11.13 32.52
N ALA H 13 -1.58 -11.95 33.52
CA ALA H 13 -1.45 -11.55 34.91
C ALA H 13 -1.28 -12.81 35.74
N SER H 14 -0.67 -12.64 36.91
CA SER H 14 -0.45 -13.74 37.82
C SER H 14 -1.63 -13.87 38.78
N VAL H 15 -1.66 -15.00 39.49
CA VAL H 15 -2.72 -15.22 40.47
C VAL H 15 -2.63 -14.14 41.54
N GLY H 16 -3.76 -13.52 41.85
CA GLY H 16 -3.83 -12.51 42.87
C GLY H 16 -3.88 -11.08 42.35
N ASP H 17 -3.46 -10.85 41.10
CA ASP H 17 -3.44 -9.50 40.56
C ASP H 17 -4.85 -8.92 40.44
N ARG H 18 -4.92 -7.59 40.40
CA ARG H 18 -6.17 -6.88 40.15
C ARG H 18 -6.28 -6.59 38.66
N VAL H 19 -7.31 -7.17 38.03
CA VAL H 19 -7.48 -7.13 36.58
C VAL H 19 -8.65 -6.23 36.24
N THR H 20 -8.46 -5.37 35.24
CA THR H 20 -9.49 -4.42 34.81
C THR H 20 -9.62 -4.49 33.29
N ILE H 21 -10.83 -4.79 32.81
CA ILE H 21 -11.15 -4.82 31.38
C ILE H 21 -12.14 -3.69 31.10
N THR H 22 -11.95 -3.00 29.97
CA THR H 22 -12.78 -1.87 29.58
C THR H 22 -13.61 -2.23 28.36
N CYS H 23 -14.85 -1.74 28.33
CA CYS H 23 -15.77 -1.94 27.22
C CYS H 23 -16.40 -0.60 26.88
N ARG H 24 -16.20 -0.13 25.66
CA ARG H 24 -16.75 1.14 25.22
C ARG H 24 -17.82 0.92 24.16
N ALA H 25 -18.93 1.63 24.30
CA ALA H 25 -20.00 1.59 23.32
C ALA H 25 -19.93 2.83 22.44
N SER H 26 -20.18 2.65 21.14
CA SER H 26 -20.12 3.76 20.21
C SER H 26 -21.27 4.76 20.43
N GLN H 27 -22.39 4.30 20.98
CA GLN H 27 -23.52 5.15 21.30
C GLN H 27 -23.97 4.85 22.73
N GLY H 28 -25.05 5.53 23.15
CA GLY H 28 -25.57 5.28 24.48
C GLY H 28 -26.34 3.99 24.51
N ILE H 29 -26.10 3.18 25.55
CA ILE H 29 -26.77 1.90 25.70
C ILE H 29 -27.32 1.80 27.11
N SER H 30 -27.37 2.94 27.82
CA SER H 30 -27.83 3.02 29.19
C SER H 30 -27.09 2.02 30.08
N ASN H 31 -27.80 1.02 30.60
CA ASN H 31 -27.20 0.01 31.47
C ASN H 31 -27.42 -1.40 30.94
N TYR H 32 -27.82 -1.56 29.68
CA TYR H 32 -28.04 -2.88 29.10
C TYR H 32 -26.70 -3.45 28.62
N LEU H 33 -25.87 -3.82 29.59
CA LEU H 33 -24.57 -4.40 29.32
C LEU H 33 -24.36 -5.60 30.23
N ALA H 34 -23.85 -6.68 29.66
CA ALA H 34 -23.57 -7.90 30.41
C ALA H 34 -22.13 -8.34 30.16
N TRP H 35 -21.57 -9.00 31.15
CA TRP H 35 -20.24 -9.57 31.09
C TRP H 35 -20.35 -11.07 31.26
N PHE H 36 -19.76 -11.81 30.32
CA PHE H 36 -19.76 -13.26 30.26
C PHE H 36 -18.33 -13.78 30.25
N GLN H 37 -18.14 -14.94 30.88
CA GLN H 37 -16.89 -15.67 30.88
C GLN H 37 -17.04 -16.92 30.03
N GLN H 38 -15.99 -17.28 29.31
CA GLN H 38 -15.99 -18.49 28.48
C GLN H 38 -14.63 -19.15 28.64
N LYS H 39 -14.64 -20.35 29.23
CA LYS H 39 -13.48 -21.23 29.23
C LYS H 39 -13.42 -21.98 27.91
N PRO H 40 -12.25 -22.50 27.53
CA PRO H 40 -12.12 -23.16 26.21
C PRO H 40 -13.02 -24.37 26.09
N GLY H 41 -13.73 -24.43 24.96
CA GLY H 41 -14.62 -25.54 24.65
C GLY H 41 -15.89 -25.62 25.47
N LYS H 42 -16.18 -24.62 26.29
CA LYS H 42 -17.35 -24.65 27.16
C LYS H 42 -18.32 -23.53 26.75
N VAL H 43 -19.47 -23.50 27.43
CA VAL H 43 -20.57 -22.59 27.07
C VAL H 43 -20.38 -21.26 27.80
N PRO H 44 -20.68 -20.13 27.14
CA PRO H 44 -20.60 -18.82 27.84
C PRO H 44 -21.45 -18.79 29.10
N LYS H 45 -20.86 -18.28 30.18
CA LYS H 45 -21.55 -18.10 31.45
C LYS H 45 -21.53 -16.63 31.84
N ARG H 46 -22.68 -16.12 32.25
CA ARG H 46 -22.81 -14.70 32.58
C ARG H 46 -22.16 -14.41 33.92
N LEU H 47 -21.44 -13.29 34.00
CA LEU H 47 -20.81 -12.83 35.24
C LEU H 47 -21.50 -11.63 35.85
N ILE H 48 -21.86 -10.64 35.03
CA ILE H 48 -22.51 -9.43 35.51
C ILE H 48 -23.60 -9.05 34.49
N TYR H 49 -24.77 -8.60 34.96
CA TYR H 49 -25.86 -8.44 34.02
C TYR H 49 -26.44 -7.03 33.89
N ALA H 50 -26.22 -6.13 34.85
CA ALA H 50 -26.73 -4.79 34.60
C ALA H 50 -25.62 -3.76 34.65
N ALA H 51 -24.52 -4.04 33.96
CA ALA H 51 -23.30 -3.23 33.93
C ALA H 51 -22.59 -3.24 35.27
N SER H 52 -23.33 -3.53 36.35
CA SER H 52 -22.77 -3.48 37.69
C SER H 52 -23.40 -4.48 38.64
N SER H 53 -24.40 -5.24 38.22
CA SER H 53 -25.14 -6.10 39.12
C SER H 53 -24.53 -7.50 39.09
N LEU H 54 -24.08 -7.99 40.25
CA LEU H 54 -23.43 -9.30 40.33
C LEU H 54 -24.44 -10.43 40.15
N GLN H 55 -24.00 -11.50 39.49
CA GLN H 55 -24.82 -12.68 39.26
C GLN H 55 -24.74 -13.61 40.46
N SER H 56 -25.88 -14.22 40.81
CA SER H 56 -25.91 -15.20 41.88
C SER H 56 -25.02 -16.38 41.54
N GLY H 57 -24.18 -16.78 42.49
CA GLY H 57 -23.24 -17.86 42.27
C GLY H 57 -21.90 -17.44 41.69
N VAL H 58 -21.61 -16.16 41.67
CA VAL H 58 -20.34 -15.63 41.15
C VAL H 58 -19.60 -15.01 42.32
N PRO H 59 -18.34 -15.40 42.56
CA PRO H 59 -17.61 -14.84 43.72
C PRO H 59 -17.54 -13.32 43.66
N SER H 60 -17.43 -12.71 44.83
CA SER H 60 -17.50 -11.26 44.90
C SER H 60 -16.26 -10.59 44.33
N ARG H 61 -15.23 -11.36 43.96
CA ARG H 61 -14.06 -10.74 43.36
C ARG H 61 -14.40 -10.09 42.02
N PHE H 62 -15.45 -10.57 41.35
CA PHE H 62 -15.94 -9.92 40.14
C PHE H 62 -16.80 -8.72 40.51
N SER H 63 -16.63 -7.63 39.78
CA SER H 63 -17.39 -6.41 40.03
C SER H 63 -17.52 -5.63 38.73
N GLY H 64 -18.60 -4.88 38.62
CA GLY H 64 -18.85 -4.10 37.42
C GLY H 64 -19.15 -2.66 37.77
N SER H 65 -18.71 -1.77 36.90
CA SER H 65 -18.94 -0.34 37.08
C SER H 65 -19.03 0.32 35.72
N GLY H 66 -19.41 1.59 35.72
CA GLY H 66 -19.53 2.36 34.51
C GLY H 66 -20.97 2.46 34.04
N SER H 67 -21.16 3.34 33.06
CA SER H 67 -22.49 3.56 32.49
C SER H 67 -22.35 4.58 31.36
N GLY H 68 -23.40 4.69 30.56
CA GLY H 68 -23.38 5.57 29.41
C GLY H 68 -22.67 4.94 28.23
N THR H 69 -21.37 5.20 28.11
CA THR H 69 -20.58 4.66 27.00
C THR H 69 -19.41 3.79 27.42
N GLU H 70 -18.87 3.97 28.63
CA GLU H 70 -17.74 3.16 29.09
C GLU H 70 -18.12 2.36 30.31
N PHE H 71 -17.65 1.10 30.34
CA PHE H 71 -17.92 0.18 31.43
C PHE H 71 -16.64 -0.57 31.77
N THR H 72 -16.58 -1.08 32.99
CA THR H 72 -15.37 -1.71 33.51
C THR H 72 -15.76 -2.96 34.27
N LEU H 73 -15.18 -4.08 33.85
CA LEU H 73 -15.22 -5.32 34.61
C LEU H 73 -13.93 -5.44 35.40
N THR H 74 -14.03 -5.84 36.66
CA THR H 74 -12.88 -5.88 37.54
C THR H 74 -12.86 -7.19 38.31
N ILE H 75 -11.70 -7.84 38.34
CA ILE H 75 -11.44 -8.95 39.25
C ILE H 75 -10.46 -8.42 40.30
N SER H 76 -10.90 -8.41 41.56
CA SER H 76 -10.07 -7.84 42.62
C SER H 76 -8.83 -8.68 42.87
N SER H 77 -9.02 -9.99 43.08
CA SER H 77 -7.93 -10.93 43.31
C SER H 77 -8.10 -12.08 42.33
N LEU H 78 -7.16 -12.21 41.40
CA LEU H 78 -7.27 -13.24 40.38
C LEU H 78 -7.23 -14.63 41.01
N GLN H 79 -7.72 -15.60 40.25
CA GLN H 79 -7.78 -16.99 40.67
C GLN H 79 -7.51 -17.86 39.47
N PRO H 80 -7.05 -19.10 39.69
CA PRO H 80 -6.80 -20.00 38.54
C PRO H 80 -8.03 -20.19 37.66
N GLU H 81 -9.20 -20.42 38.24
CA GLU H 81 -10.41 -20.62 37.45
C GLU H 81 -10.95 -19.32 36.87
N ASP H 82 -10.20 -18.22 36.99
CA ASP H 82 -10.54 -16.95 36.35
C ASP H 82 -9.81 -16.74 35.04
N PHE H 83 -8.90 -17.64 34.67
CA PHE H 83 -8.19 -17.53 33.41
C PHE H 83 -9.11 -18.06 32.31
N ALA H 84 -9.64 -17.14 31.52
CA ALA H 84 -10.63 -17.47 30.50
C ALA H 84 -10.73 -16.29 29.54
N THR H 85 -11.77 -16.28 28.72
CA THR H 85 -12.04 -15.19 27.79
C THR H 85 -13.31 -14.46 28.22
N TYR H 86 -13.27 -13.14 28.21
CA TYR H 86 -14.36 -12.33 28.73
C TYR H 86 -14.98 -11.49 27.63
N TYR H 87 -16.31 -11.55 27.52
CA TYR H 87 -17.04 -10.79 26.53
C TYR H 87 -17.99 -9.82 27.23
N CYS H 88 -18.06 -8.61 26.69
CA CYS H 88 -19.13 -7.70 27.03
C CYS H 88 -20.16 -7.71 25.91
N LEU H 89 -21.41 -7.49 26.27
CA LEU H 89 -22.52 -7.59 25.34
C LEU H 89 -23.53 -6.48 25.65
N GLN H 90 -23.87 -5.70 24.64
CA GLN H 90 -24.98 -4.77 24.74
C GLN H 90 -26.22 -5.43 24.14
N HIS H 91 -27.35 -5.29 24.82
CA HIS H 91 -28.64 -5.74 24.35
C HIS H 91 -29.64 -4.60 24.46
N ASN H 92 -29.16 -3.39 24.15
CA ASN H 92 -29.98 -2.19 24.23
C ASN H 92 -30.82 -1.99 22.96
N SER H 93 -30.16 -2.01 21.81
CA SER H 93 -30.81 -1.77 20.53
C SER H 93 -30.49 -2.93 19.59
N TYR H 94 -31.42 -3.22 18.69
CA TYR H 94 -31.16 -4.24 17.69
C TYR H 94 -30.24 -3.67 16.61
N PRO H 95 -29.20 -4.40 16.18
CA PRO H 95 -28.84 -5.73 16.65
C PRO H 95 -27.97 -5.74 17.91
N TYR H 96 -28.22 -6.71 18.78
CA TYR H 96 -27.35 -6.94 19.92
C TYR H 96 -25.94 -7.24 19.43
N THR H 97 -24.95 -6.66 20.09
CA THR H 97 -23.57 -6.81 19.65
C THR H 97 -22.69 -7.14 20.84
N PHE H 98 -21.75 -8.06 20.62
CA PHE H 98 -20.77 -8.42 21.62
C PHE H 98 -19.49 -7.59 21.41
N GLY H 99 -18.61 -7.63 22.41
CA GLY H 99 -17.26 -7.18 22.20
C GLY H 99 -16.44 -8.24 21.50
N GLN H 100 -15.21 -7.88 21.13
CA GLN H 100 -14.35 -8.85 20.48
C GLN H 100 -13.83 -9.88 21.47
N GLY H 101 -13.95 -9.63 22.77
CA GLY H 101 -13.46 -10.54 23.78
C GLY H 101 -12.08 -10.16 24.28
N THR H 102 -11.78 -10.60 25.50
CA THR H 102 -10.48 -10.38 26.14
C THR H 102 -10.00 -11.69 26.73
N LYS H 103 -8.84 -12.16 26.27
CA LYS H 103 -8.29 -13.41 26.77
C LYS H 103 -7.32 -13.09 27.90
N LEU H 104 -7.55 -13.71 29.06
CA LEU H 104 -6.74 -13.49 30.24
C LEU H 104 -5.77 -14.65 30.35
N GLU H 105 -4.49 -14.37 30.11
CA GLU H 105 -3.48 -15.40 30.04
C GLU H 105 -2.69 -15.42 31.34
N ILE H 106 -1.95 -16.50 31.52
CA ILE H 106 -1.06 -16.63 32.67
C ILE H 106 0.24 -15.90 32.34
N LYS H 107 0.86 -15.31 33.36
CA LYS H 107 2.12 -14.61 33.19
C LYS H 107 3.26 -15.51 33.64
N ARG H 108 4.33 -15.57 32.84
CA ARG H 108 5.52 -16.33 33.17
C ARG H 108 6.74 -15.54 32.73
N THR H 109 7.92 -16.12 32.92
CA THR H 109 9.16 -15.49 32.48
C THR H 109 9.28 -15.60 30.96
N VAL H 110 9.90 -14.60 30.35
CA VAL H 110 10.05 -14.59 28.89
C VAL H 110 10.84 -15.81 28.47
N ALA H 111 10.37 -16.50 27.43
CA ALA H 111 11.03 -17.69 26.93
C ALA H 111 11.03 -17.65 25.41
N ALA H 112 12.18 -17.90 24.84
CA ALA H 112 12.34 -17.87 23.40
C ALA H 112 11.98 -19.22 22.79
N PRO H 113 11.43 -19.24 21.58
CA PRO H 113 10.97 -20.49 20.99
C PRO H 113 12.13 -21.33 20.47
N SER H 114 11.98 -22.65 20.59
CA SER H 114 12.83 -23.57 19.86
C SER H 114 12.28 -23.68 18.45
N VAL H 115 13.07 -23.31 17.44
CA VAL H 115 12.60 -23.25 16.06
C VAL H 115 13.09 -24.47 15.30
N PHE H 116 12.18 -25.11 14.58
CA PHE H 116 12.52 -26.23 13.72
C PHE H 116 11.82 -26.06 12.38
N ILE H 117 12.39 -26.68 11.34
CA ILE H 117 11.79 -26.63 10.01
C ILE H 117 11.77 -28.04 9.42
N PHE H 118 10.67 -28.37 8.75
CA PHE H 118 10.42 -29.69 8.20
C PHE H 118 10.10 -29.53 6.72
N PRO H 119 10.93 -30.06 5.83
CA PRO H 119 10.63 -30.01 4.40
C PRO H 119 9.44 -30.90 4.06
N PRO H 120 8.93 -30.82 2.83
CA PRO H 120 7.88 -31.76 2.43
C PRO H 120 8.44 -33.16 2.30
N SER H 121 7.67 -34.12 2.78
CA SER H 121 8.05 -35.52 2.66
C SER H 121 8.02 -35.97 1.20
N ASP H 122 8.84 -36.97 0.87
CA ASP H 122 8.82 -37.49 -0.48
C ASP H 122 7.46 -38.04 -0.85
N GLU H 123 6.75 -38.61 0.13
CA GLU H 123 5.41 -39.12 -0.13
C GLU H 123 4.48 -38.01 -0.59
N GLN H 124 4.46 -36.90 0.17
CA GLN H 124 3.59 -35.79 -0.19
C GLN H 124 3.93 -35.23 -1.57
N LEU H 125 5.22 -35.12 -1.88
CA LEU H 125 5.62 -34.69 -3.21
C LEU H 125 5.10 -35.65 -4.26
N LYS H 126 5.20 -36.95 -4.00
CA LYS H 126 4.64 -37.95 -4.89
C LYS H 126 3.14 -37.75 -5.08
N SER H 127 2.46 -37.20 -4.06
CA SER H 127 1.03 -36.95 -4.18
C SER H 127 0.69 -35.75 -5.07
N GLY H 128 1.63 -34.82 -5.26
CA GLY H 128 1.38 -33.64 -6.08
C GLY H 128 1.23 -32.33 -5.34
N THR H 129 1.46 -32.31 -4.02
CA THR H 129 1.41 -31.10 -3.22
C THR H 129 2.65 -31.08 -2.33
N ALA H 130 3.01 -29.88 -1.85
CA ALA H 130 4.16 -29.73 -0.98
C ALA H 130 3.78 -28.84 0.20
N SER H 131 4.18 -29.26 1.40
CA SER H 131 3.94 -28.51 2.62
C SER H 131 5.24 -28.40 3.41
N VAL H 132 5.67 -27.18 3.67
CA VAL H 132 6.82 -26.91 4.53
C VAL H 132 6.29 -26.48 5.88
N VAL H 133 6.81 -27.07 6.95
CA VAL H 133 6.29 -26.81 8.29
C VAL H 133 7.37 -26.13 9.11
N CYS H 134 6.99 -25.05 9.79
CA CYS H 134 7.89 -24.33 10.69
C CYS H 134 7.28 -24.36 12.08
N LEU H 135 8.03 -24.88 13.05
CA LEU H 135 7.54 -25.12 14.39
C LEU H 135 8.26 -24.20 15.38
N LEU H 136 7.48 -23.52 16.21
CA LEU H 136 7.98 -22.73 17.33
C LEU H 136 7.53 -23.39 18.63
N ASN H 137 8.48 -23.88 19.41
CA ASN H 137 8.16 -24.73 20.56
C ASN H 137 8.45 -23.98 21.86
N ASN H 138 7.41 -23.87 22.71
CA ASN H 138 7.50 -23.45 24.11
C ASN H 138 8.13 -22.06 24.26
N PHE H 139 7.36 -21.06 23.83
CA PHE H 139 7.77 -19.67 23.96
C PHE H 139 6.72 -18.88 24.75
N TYR H 140 7.14 -17.68 25.19
CA TYR H 140 6.29 -16.73 25.90
C TYR H 140 6.94 -15.36 25.78
N PRO H 141 6.19 -14.29 25.51
CA PRO H 141 4.74 -14.25 25.32
C PRO H 141 4.28 -14.83 23.98
N ARG H 142 2.96 -14.90 23.77
CA ARG H 142 2.44 -15.53 22.57
C ARG H 142 2.67 -14.68 21.32
N GLU H 143 2.85 -13.37 21.49
CA GLU H 143 3.11 -12.49 20.35
C GLU H 143 4.45 -12.86 19.73
N ALA H 144 4.40 -13.40 18.51
CA ALA H 144 5.59 -13.76 17.75
C ALA H 144 5.28 -13.54 16.28
N LYS H 145 6.32 -13.35 15.48
CA LYS H 145 6.16 -13.08 14.06
C LYS H 145 6.97 -14.08 13.26
N VAL H 146 6.29 -14.81 12.37
CA VAL H 146 6.92 -15.80 11.50
C VAL H 146 6.85 -15.28 10.08
N GLN H 147 7.98 -15.31 9.37
CA GLN H 147 8.05 -14.88 7.98
C GLN H 147 8.61 -16.01 7.13
N TRP H 148 7.97 -16.28 6.00
CA TRP H 148 8.46 -17.25 5.03
C TRP H 148 9.24 -16.53 3.94
N LYS H 149 10.38 -17.10 3.55
CA LYS H 149 11.18 -16.55 2.47
C LYS H 149 11.59 -17.67 1.54
N VAL H 150 11.09 -17.62 0.30
CA VAL H 150 11.43 -18.59 -0.73
C VAL H 150 12.34 -17.90 -1.74
N ASP H 151 13.57 -18.38 -1.85
CA ASP H 151 14.60 -17.75 -2.67
C ASP H 151 14.75 -16.28 -2.30
N ASN H 152 14.86 -16.03 -1.00
CA ASN H 152 15.03 -14.71 -0.41
C ASN H 152 13.85 -13.79 -0.72
N ALA H 153 12.77 -14.33 -1.26
CA ALA H 153 11.56 -13.58 -1.59
C ALA H 153 10.51 -13.82 -0.50
N LEU H 154 10.07 -12.74 0.14
CA LEU H 154 9.13 -12.84 1.25
C LEU H 154 7.77 -13.30 0.75
N GLN H 155 7.25 -14.38 1.34
CA GLN H 155 5.99 -14.99 0.95
C GLN H 155 4.89 -14.54 1.89
N SER H 156 3.70 -14.30 1.33
CA SER H 156 2.57 -13.83 2.10
C SER H 156 1.28 -14.36 1.47
N GLY H 157 0.40 -14.90 2.30
CA GLY H 157 -0.89 -15.35 1.82
C GLY H 157 -0.93 -16.74 1.24
N ASN H 158 0.14 -17.52 1.40
CA ASN H 158 0.17 -18.91 0.94
C ASN H 158 0.52 -19.85 2.08
N SER H 159 0.39 -19.36 3.32
CA SER H 159 0.70 -20.12 4.52
C SER H 159 -0.41 -19.92 5.53
N GLN H 160 -0.57 -20.90 6.41
CA GLN H 160 -1.52 -20.82 7.52
C GLN H 160 -0.80 -21.22 8.81
N GLU H 161 -1.07 -20.51 9.90
CA GLU H 161 -0.50 -20.89 11.18
C GLU H 161 -1.61 -21.18 12.19
N SER H 162 -1.27 -22.00 13.16
CA SER H 162 -2.15 -22.27 14.28
C SER H 162 -1.32 -22.44 15.54
N VAL H 163 -1.82 -21.93 16.65
CA VAL H 163 -1.12 -21.93 17.92
C VAL H 163 -1.95 -22.70 18.93
N THR H 164 -1.28 -23.46 19.80
CA THR H 164 -1.94 -24.21 20.85
C THR H 164 -2.38 -23.28 21.98
N GLU H 165 -3.23 -23.82 22.87
CA GLU H 165 -3.55 -23.11 24.10
C GLU H 165 -2.35 -23.11 25.04
N GLN H 166 -2.40 -22.23 26.02
CA GLN H 166 -1.32 -22.11 26.99
C GLN H 166 -1.10 -23.44 27.69
N ASP H 167 0.11 -23.97 27.60
CA ASP H 167 0.40 -25.32 28.09
C ASP H 167 0.13 -25.43 29.58
N SER H 168 -0.34 -26.61 29.99
CA SER H 168 -0.74 -26.80 31.38
C SER H 168 0.45 -26.87 32.33
N LYS H 169 1.61 -27.31 31.84
CA LYS H 169 2.78 -27.52 32.71
C LYS H 169 3.62 -26.25 32.85
N ASP H 170 4.11 -25.71 31.74
CA ASP H 170 5.04 -24.58 31.77
C ASP H 170 4.44 -23.28 31.25
N SER H 171 3.15 -23.26 30.92
CA SER H 171 2.43 -22.05 30.51
C SER H 171 3.04 -21.41 29.26
N THR H 172 3.63 -22.22 28.39
CA THR H 172 4.23 -21.74 27.16
C THR H 172 3.36 -22.12 25.96
N TYR H 173 3.42 -21.30 24.93
CA TYR H 173 2.67 -21.52 23.70
C TYR H 173 3.57 -22.23 22.68
N SER H 174 2.92 -22.89 21.72
CA SER H 174 3.60 -23.55 20.61
C SER H 174 2.82 -23.26 19.32
N LEU H 175 3.54 -22.90 18.27
CA LEU H 175 2.95 -22.47 17.01
C LEU H 175 3.46 -23.33 15.86
N SER H 176 2.59 -23.53 14.87
CA SER H 176 2.94 -24.22 13.63
C SER H 176 2.53 -23.34 12.46
N SER H 177 3.45 -23.12 11.54
CA SER H 177 3.18 -22.37 10.31
C SER H 177 3.44 -23.29 9.13
N THR H 178 2.41 -23.53 8.32
CA THR H 178 2.47 -24.45 7.20
C THR H 178 2.37 -23.67 5.90
N LEU H 179 3.39 -23.81 5.05
CA LEU H 179 3.43 -23.19 3.73
C LEU H 179 3.07 -24.24 2.69
N THR H 180 2.12 -23.93 1.83
CA THR H 180 1.56 -24.89 0.88
C THR H 180 1.85 -24.45 -0.55
N LEU H 181 2.45 -25.34 -1.34
CA LEU H 181 2.75 -25.09 -2.73
C LEU H 181 2.36 -26.28 -3.58
N SER H 182 2.23 -26.07 -4.88
CA SER H 182 2.13 -27.22 -5.77
C SER H 182 3.53 -27.82 -5.93
N LYS H 183 3.57 -29.10 -6.30
CA LYS H 183 4.88 -29.74 -6.48
C LYS H 183 5.73 -28.97 -7.49
N ALA H 184 5.08 -28.51 -8.57
CA ALA H 184 5.78 -27.69 -9.55
C ALA H 184 6.37 -26.44 -8.91
N ASP H 185 5.52 -25.65 -8.24
CA ASP H 185 6.00 -24.43 -7.59
C ASP H 185 7.05 -24.74 -6.53
N TYR H 186 6.94 -25.90 -5.87
CA TYR H 186 7.95 -26.24 -4.88
C TYR H 186 9.29 -26.45 -5.54
N GLU H 187 9.30 -27.12 -6.69
CA GLU H 187 10.57 -27.39 -7.37
C GLU H 187 11.01 -26.24 -8.26
N LYS H 188 10.21 -25.17 -8.35
CA LYS H 188 10.68 -23.97 -9.05
C LYS H 188 11.72 -23.19 -8.26
N HIS H 189 12.02 -23.59 -7.02
CA HIS H 189 12.82 -22.79 -6.12
C HIS H 189 13.78 -23.69 -5.34
N LYS H 190 14.79 -23.06 -4.73
CA LYS H 190 15.83 -23.78 -4.02
C LYS H 190 15.82 -23.53 -2.51
N VAL H 191 15.92 -22.27 -2.09
CA VAL H 191 16.11 -21.95 -0.68
C VAL H 191 14.75 -21.69 -0.04
N TYR H 192 14.44 -22.47 1.01
CA TYR H 192 13.22 -22.28 1.80
C TYR H 192 13.61 -21.92 3.21
N ALA H 193 13.16 -20.75 3.68
CA ALA H 193 13.60 -20.22 4.97
C ALA H 193 12.41 -19.75 5.79
N CYS H 194 12.52 -19.95 7.10
CA CYS H 194 11.54 -19.50 8.08
C CYS H 194 12.27 -18.58 9.07
N GLU H 195 11.81 -17.34 9.18
CA GLU H 195 12.45 -16.32 10.02
C GLU H 195 11.51 -15.96 11.17
N VAL H 196 11.97 -16.17 12.40
CA VAL H 196 11.17 -16.00 13.60
C VAL H 196 11.69 -14.79 14.36
N THR H 197 10.79 -13.88 14.72
CA THR H 197 11.12 -12.77 15.61
C THR H 197 10.23 -12.84 16.83
N HIS H 198 10.83 -12.74 18.01
CA HIS H 198 10.10 -12.88 19.26
C HIS H 198 10.74 -11.99 20.31
N GLN H 199 9.93 -11.62 21.32
CA GLN H 199 10.42 -10.79 22.42
C GLN H 199 11.64 -11.41 23.09
N GLY H 200 11.65 -12.73 23.22
CA GLY H 200 12.74 -13.46 23.83
C GLY H 200 13.99 -13.65 22.97
N LEU H 201 14.04 -13.06 21.78
CA LEU H 201 15.19 -13.16 20.89
C LEU H 201 15.75 -11.78 20.63
N SER H 202 17.07 -11.63 20.70
CA SER H 202 17.68 -10.33 20.45
C SER H 202 17.69 -9.99 18.97
N SER H 203 17.81 -10.99 18.11
CA SER H 203 17.82 -10.80 16.67
C SER H 203 17.04 -11.93 16.03
N PRO H 204 16.40 -11.66 14.88
CA PRO H 204 15.59 -12.71 14.23
C PRO H 204 16.40 -13.98 13.96
N VAL H 205 15.75 -15.11 14.18
CA VAL H 205 16.36 -16.43 13.98
C VAL H 205 15.82 -17.03 12.69
N THR H 206 16.70 -17.38 11.77
CA THR H 206 16.29 -17.99 10.51
C THR H 206 16.75 -19.43 10.46
N LYS H 207 15.82 -20.32 10.15
CA LYS H 207 16.13 -21.73 9.90
C LYS H 207 15.69 -22.05 8.48
N SER H 208 16.59 -22.67 7.70
CA SER H 208 16.35 -22.80 6.28
C SER H 208 16.92 -24.12 5.78
N PHE H 209 16.55 -24.46 4.54
CA PHE H 209 17.11 -25.62 3.86
C PHE H 209 17.09 -25.36 2.36
N ASN H 210 17.88 -26.15 1.64
CA ASN H 210 17.92 -26.13 0.18
C ASN H 210 17.27 -27.40 -0.34
N ARG H 211 16.40 -27.24 -1.34
CA ARG H 211 15.60 -28.36 -1.82
C ARG H 211 16.51 -29.51 -2.25
N GLY H 212 16.33 -30.67 -1.62
CA GLY H 212 17.12 -31.85 -1.91
C GLY H 212 18.60 -31.70 -1.61
N GLU H 213 18.95 -31.61 -0.32
CA GLU H 213 20.36 -31.56 0.08
C GLU H 213 20.59 -32.39 1.33
N CYS H 214 19.80 -32.12 2.37
CA CYS H 214 19.89 -32.81 3.65
C CYS H 214 21.32 -32.81 4.21
N THR I 15 -54.36 19.79 16.62
CA THR I 15 -53.39 18.72 16.82
C THR I 15 -52.54 18.97 18.05
N ASN I 16 -53.17 18.99 19.21
CA ASN I 16 -52.45 19.11 20.47
C ASN I 16 -51.87 17.76 20.85
N LEU I 17 -50.56 17.71 21.05
CA LEU I 17 -49.89 16.48 21.42
C LEU I 17 -49.90 16.35 22.93
N CYS I 18 -49.95 15.12 23.41
CA CYS I 18 -50.03 14.92 24.86
C CYS I 18 -48.66 15.21 25.47
N PRO I 19 -48.60 16.01 26.54
CA PRO I 19 -47.29 16.42 27.09
C PRO I 19 -46.58 15.31 27.84
N PHE I 20 -46.30 14.20 27.15
CA PHE I 20 -45.58 13.12 27.79
C PHE I 20 -44.15 13.50 28.13
N GLY I 21 -43.57 14.50 27.46
CA GLY I 21 -42.28 15.01 27.85
C GLY I 21 -42.29 15.60 29.25
N GLU I 22 -43.41 16.22 29.63
CA GLU I 22 -43.54 16.74 31.00
C GLU I 22 -43.50 15.62 32.02
N VAL I 23 -44.11 14.47 31.70
CA VAL I 23 -44.25 13.40 32.68
C VAL I 23 -42.99 12.54 32.74
N PHE I 24 -42.50 12.09 31.59
CA PHE I 24 -41.34 11.19 31.56
C PHE I 24 -40.04 11.96 31.78
N ASN I 25 -39.85 13.04 31.02
CA ASN I 25 -38.65 13.86 31.13
C ASN I 25 -38.78 14.94 32.21
N ALA I 26 -39.48 14.63 33.30
CA ALA I 26 -39.74 15.60 34.36
C ALA I 26 -38.48 15.91 35.16
N THR I 27 -38.47 17.11 35.75
CA THR I 27 -37.29 17.55 36.51
C THR I 27 -37.13 16.74 37.79
N ARG I 28 -38.19 16.63 38.58
CA ARG I 28 -38.18 15.87 39.82
C ARG I 28 -39.34 14.90 39.81
N PHE I 29 -39.13 13.72 40.36
CA PHE I 29 -40.19 12.75 40.55
C PHE I 29 -40.55 12.71 42.03
N ALA I 30 -41.78 12.33 42.32
CA ALA I 30 -42.26 12.30 43.70
C ALA I 30 -41.95 10.95 44.33
N SER I 31 -41.85 10.94 45.65
CA SER I 31 -41.75 9.67 46.36
C SER I 31 -43.04 8.88 46.18
N VAL I 32 -42.93 7.55 46.28
CA VAL I 32 -44.07 6.70 45.96
C VAL I 32 -45.22 6.93 46.93
N TYR I 33 -44.91 7.21 48.20
CA TYR I 33 -45.99 7.43 49.16
C TYR I 33 -46.75 8.72 48.84
N ALA I 34 -46.06 9.73 48.32
CA ALA I 34 -46.68 10.98 47.89
C ALA I 34 -46.74 11.02 46.36
N TRP I 35 -47.20 9.93 45.75
CA TRP I 35 -47.13 9.76 44.31
C TRP I 35 -47.87 10.88 43.57
N ASN I 36 -47.33 11.24 42.40
CA ASN I 36 -47.84 12.36 41.63
C ASN I 36 -48.79 11.88 40.55
N ARG I 37 -49.76 12.73 40.22
CA ARG I 37 -50.71 12.44 39.15
C ARG I 37 -50.80 13.63 38.21
N LYS I 38 -50.78 13.34 36.91
CA LYS I 38 -50.95 14.34 35.86
C LYS I 38 -52.16 13.91 35.02
N ARG I 39 -53.18 14.76 34.98
CA ARG I 39 -54.35 14.48 34.17
C ARG I 39 -54.07 14.84 32.71
N ILE I 40 -54.49 13.97 31.80
CA ILE I 40 -54.24 14.10 30.38
C ILE I 40 -55.56 14.01 29.64
N SER I 41 -55.91 15.07 28.93
CA SER I 41 -57.17 15.17 28.20
C SER I 41 -56.98 16.14 27.04
N ASN I 42 -57.83 15.97 26.01
CA ASN I 42 -57.85 16.83 24.83
C ASN I 42 -56.48 16.90 24.15
N CYS I 43 -55.96 15.74 23.79
CA CYS I 43 -54.68 15.67 23.10
C CYS I 43 -54.58 14.33 22.37
N VAL I 44 -53.55 14.23 21.55
CA VAL I 44 -53.26 13.04 20.75
C VAL I 44 -52.05 12.35 21.36
N ALA I 45 -52.23 11.11 21.80
CA ALA I 45 -51.18 10.35 22.48
C ALA I 45 -50.60 9.31 21.54
N ASP I 46 -49.27 9.32 21.40
CA ASP I 46 -48.54 8.38 20.56
C ASP I 46 -47.90 7.32 21.45
N TYR I 47 -48.67 6.27 21.76
CA TYR I 47 -48.16 5.18 22.56
C TYR I 47 -47.05 4.41 21.84
N SER I 48 -47.03 4.46 20.50
CA SER I 48 -46.04 3.71 19.72
C SER I 48 -44.62 4.10 20.09
N VAL I 49 -44.34 5.40 20.17
CA VAL I 49 -42.98 5.86 20.49
C VAL I 49 -42.55 5.35 21.85
N LEU I 50 -43.44 5.44 22.84
CA LEU I 50 -43.09 5.02 24.19
C LEU I 50 -42.86 3.52 24.27
N TYR I 51 -43.75 2.70 23.69
CA TYR I 51 -43.60 1.26 23.84
C TYR I 51 -42.34 0.75 23.15
N ASN I 52 -42.01 1.29 21.99
CA ASN I 52 -40.83 0.90 21.22
C ASN I 52 -39.64 1.81 21.48
N SER I 53 -39.48 2.30 22.70
CA SER I 53 -38.49 3.34 22.95
C SER I 53 -37.12 2.80 23.30
N ALA I 54 -36.99 1.48 23.48
CA ALA I 54 -35.75 0.77 23.82
C ALA I 54 -35.08 1.34 25.07
N SER I 55 -35.77 2.21 25.80
CA SER I 55 -35.27 2.90 26.99
C SER I 55 -35.79 2.30 28.28
N PHE I 56 -37.04 1.84 28.31
CA PHE I 56 -37.68 1.38 29.54
C PHE I 56 -37.38 -0.09 29.81
N SER I 57 -37.18 -0.41 31.08
CA SER I 57 -36.92 -1.79 31.48
C SER I 57 -38.21 -2.59 31.66
N THR I 58 -39.32 -1.91 31.96
CA THR I 58 -40.59 -2.59 32.17
C THR I 58 -41.69 -1.84 31.44
N PHE I 59 -42.57 -2.57 30.76
CA PHE I 59 -43.72 -1.97 30.07
C PHE I 59 -44.79 -3.06 29.97
N LYS I 60 -45.57 -3.21 31.04
CA LYS I 60 -46.61 -4.23 31.13
C LYS I 60 -47.98 -3.60 31.15
N CYS I 61 -48.89 -4.12 30.33
CA CYS I 61 -50.24 -3.58 30.26
C CYS I 61 -51.24 -4.64 30.71
N TYR I 62 -52.37 -4.17 31.21
CA TYR I 62 -53.43 -5.02 31.75
C TYR I 62 -54.76 -4.51 31.24
N GLY I 63 -55.58 -5.43 30.72
CA GLY I 63 -56.81 -5.08 30.06
C GLY I 63 -56.64 -4.76 28.60
N VAL I 64 -55.49 -4.19 28.23
CA VAL I 64 -55.16 -3.89 26.85
C VAL I 64 -53.94 -4.73 26.47
N SER I 65 -53.67 -4.78 25.16
CA SER I 65 -52.42 -5.32 24.66
C SER I 65 -51.64 -4.19 24.00
N PRO I 66 -50.43 -3.88 24.46
CA PRO I 66 -49.73 -2.69 23.94
C PRO I 66 -49.39 -2.81 22.47
N THR I 67 -49.32 -4.04 21.95
CA THR I 67 -48.89 -4.27 20.57
C THR I 67 -49.81 -3.53 19.61
N LYS I 68 -51.09 -3.38 19.96
CA LYS I 68 -52.05 -2.61 19.19
C LYS I 68 -52.72 -1.57 20.10
N LEU I 69 -51.91 -0.77 20.80
CA LEU I 69 -52.47 0.22 21.73
C LEU I 69 -52.74 1.57 21.10
N ASN I 70 -52.09 1.91 19.99
CA ASN I 70 -52.37 3.18 19.36
C ASN I 70 -53.62 3.17 18.49
N ASP I 71 -54.36 2.06 18.49
CA ASP I 71 -55.67 1.98 17.85
C ASP I 71 -56.83 2.14 18.83
N LEU I 72 -56.61 2.78 19.98
CA LEU I 72 -57.66 2.87 20.98
C LEU I 72 -57.88 4.31 21.41
N CYS I 73 -59.06 4.56 21.96
CA CYS I 73 -59.46 5.89 22.44
C CYS I 73 -60.05 5.75 23.84
N PHE I 74 -59.84 6.78 24.67
CA PHE I 74 -60.41 6.80 26.01
C PHE I 74 -60.85 8.21 26.37
N THR I 75 -61.61 8.31 27.47
CA THR I 75 -62.11 9.62 27.91
C THR I 75 -61.00 10.44 28.55
N ASN I 76 -60.31 9.87 29.56
CA ASN I 76 -59.18 10.55 30.18
C ASN I 76 -58.01 9.59 30.33
N VAL I 77 -56.82 10.15 30.52
CA VAL I 77 -55.64 9.35 30.84
C VAL I 77 -54.98 9.96 32.07
N TYR I 78 -54.86 9.16 33.13
CA TYR I 78 -54.20 9.60 34.35
C TYR I 78 -52.79 9.01 34.40
N ALA I 79 -51.78 9.88 34.45
CA ALA I 79 -50.38 9.48 34.48
C ALA I 79 -49.84 9.67 35.90
N ASP I 80 -49.73 8.59 36.65
CA ASP I 80 -49.12 8.62 37.97
C ASP I 80 -47.62 8.37 37.83
N SER I 81 -46.83 9.11 38.60
CA SER I 81 -45.38 8.98 38.55
C SER I 81 -44.80 8.97 39.96
N PHE I 82 -43.77 8.14 40.14
CA PHE I 82 -43.08 8.01 41.42
C PHE I 82 -41.78 7.23 41.20
N VAL I 83 -41.10 6.91 42.29
CA VAL I 83 -39.81 6.22 42.24
C VAL I 83 -39.77 5.15 43.31
N ILE I 84 -39.34 3.95 42.94
CA ILE I 84 -39.19 2.85 43.88
C ILE I 84 -37.87 2.11 43.63
N ARG I 85 -37.66 1.01 44.33
CA ARG I 85 -36.51 0.15 44.03
C ARG I 85 -36.92 -0.93 43.04
N GLY I 86 -35.91 -1.45 42.34
CA GLY I 86 -36.17 -2.35 41.22
C GLY I 86 -37.00 -3.56 41.59
N ASP I 87 -36.63 -4.23 42.69
CA ASP I 87 -37.40 -5.41 43.09
C ASP I 87 -38.83 -5.08 43.48
N GLU I 88 -39.10 -3.80 43.79
CA GLU I 88 -40.46 -3.37 44.09
C GLU I 88 -41.24 -2.95 42.85
N VAL I 89 -40.59 -2.87 41.68
CA VAL I 89 -41.33 -2.59 40.46
C VAL I 89 -42.36 -3.68 40.22
N ARG I 90 -42.05 -4.90 40.65
CA ARG I 90 -42.97 -6.02 40.54
C ARG I 90 -44.28 -5.81 41.30
N GLN I 91 -44.28 -4.92 42.30
CA GLN I 91 -45.49 -4.70 43.08
C GLN I 91 -46.50 -3.78 42.40
N ILE I 92 -46.08 -3.07 41.36
CA ILE I 92 -47.00 -2.19 40.63
C ILE I 92 -47.76 -3.01 39.60
N ALA I 93 -48.71 -3.80 40.07
CA ALA I 93 -49.47 -4.70 39.22
C ALA I 93 -50.75 -5.08 39.95
N PRO I 94 -51.80 -5.47 39.23
CA PRO I 94 -53.04 -5.87 39.89
C PRO I 94 -52.83 -7.10 40.76
N GLY I 95 -53.51 -7.11 41.90
CA GLY I 95 -53.46 -8.24 42.82
C GLY I 95 -52.07 -8.59 43.31
N GLN I 96 -51.39 -7.63 43.93
CA GLN I 96 -50.06 -7.85 44.48
C GLN I 96 -50.04 -7.38 45.94
N THR I 97 -49.23 -8.06 46.75
CA THR I 97 -48.98 -7.65 48.12
C THR I 97 -47.51 -7.27 48.28
N GLY I 98 -47.22 -6.58 49.37
CA GLY I 98 -45.92 -5.99 49.61
C GLY I 98 -46.05 -4.56 50.10
N LYS I 99 -44.91 -4.02 50.54
CA LYS I 99 -44.91 -2.70 51.16
C LYS I 99 -45.46 -1.63 50.21
N ILE I 100 -45.04 -1.66 48.94
CA ILE I 100 -45.47 -0.64 48.00
C ILE I 100 -46.94 -0.83 47.62
N ALA I 101 -47.32 -2.06 47.30
CA ALA I 101 -48.70 -2.30 46.89
C ALA I 101 -49.69 -2.18 48.04
N ASP I 102 -49.25 -2.37 49.28
CA ASP I 102 -50.18 -2.24 50.40
C ASP I 102 -50.24 -0.84 50.97
N TYR I 103 -49.10 -0.17 51.13
CA TYR I 103 -49.06 1.06 51.92
C TYR I 103 -48.71 2.29 51.12
N ASN I 104 -48.51 2.18 49.81
CA ASN I 104 -48.04 3.33 49.04
C ASN I 104 -48.86 3.51 47.77
N TYR I 105 -48.98 2.45 46.96
CA TYR I 105 -49.68 2.56 45.68
C TYR I 105 -50.30 1.21 45.36
N LYS I 106 -51.64 1.15 45.36
CA LYS I 106 -52.40 -0.06 45.13
C LYS I 106 -53.20 0.06 43.85
N LEU I 107 -53.05 -0.92 42.95
CA LEU I 107 -53.87 -0.97 41.75
C LEU I 107 -55.08 -1.89 41.95
N PRO I 108 -56.21 -1.57 41.33
CA PRO I 108 -57.41 -2.39 41.50
C PRO I 108 -57.33 -3.70 40.73
N ASP I 109 -58.13 -4.67 41.17
CA ASP I 109 -58.13 -5.97 40.49
C ASP I 109 -58.52 -5.82 39.04
N ASP I 110 -59.44 -4.92 38.74
CA ASP I 110 -59.87 -4.64 37.37
C ASP I 110 -59.11 -3.48 36.75
N PHE I 111 -57.82 -3.33 37.06
CA PHE I 111 -57.04 -2.24 36.51
C PHE I 111 -56.89 -2.40 35.01
N THR I 112 -57.12 -1.32 34.27
CA THR I 112 -56.98 -1.31 32.81
C THR I 112 -56.03 -0.17 32.44
N GLY I 113 -54.80 -0.52 32.09
CA GLY I 113 -53.80 0.48 31.80
C GLY I 113 -52.43 -0.17 31.80
N CYS I 114 -51.40 0.68 31.71
CA CYS I 114 -50.04 0.19 31.57
C CYS I 114 -49.16 0.72 32.70
N VAL I 115 -48.11 -0.06 32.98
CA VAL I 115 -47.07 0.28 33.95
C VAL I 115 -45.75 0.31 33.21
N ILE I 116 -45.04 1.43 33.31
CA ILE I 116 -43.77 1.66 32.63
C ILE I 116 -42.73 2.03 33.67
N ALA I 117 -41.56 1.39 33.61
CA ALA I 117 -40.51 1.65 34.59
C ALA I 117 -39.15 1.64 33.89
N TRP I 118 -38.27 2.53 34.35
CA TRP I 118 -36.90 2.54 33.83
C TRP I 118 -35.90 2.84 34.94
N ASN I 119 -34.71 2.27 34.79
CA ASN I 119 -33.65 2.45 35.79
C ASN I 119 -33.15 3.88 35.76
N SER I 120 -33.09 4.51 36.93
CA SER I 120 -32.62 5.88 37.07
C SER I 120 -31.51 5.95 38.11
N ASN I 121 -30.61 4.96 38.09
CA ASN I 121 -29.50 4.95 39.04
C ASN I 121 -28.58 6.14 38.82
N ASN I 122 -28.39 6.56 37.56
CA ASN I 122 -27.49 7.67 37.27
C ASN I 122 -28.01 9.00 37.79
N LEU I 123 -29.32 9.10 38.04
CA LEU I 123 -29.95 10.35 38.46
C LEU I 123 -30.33 10.37 39.93
N ASP I 124 -30.87 9.28 40.47
CA ASP I 124 -31.42 9.25 41.81
C ASP I 124 -30.51 8.52 42.80
N SER I 125 -29.24 8.34 42.46
CA SER I 125 -28.26 7.80 43.38
C SER I 125 -27.28 8.89 43.81
N LYS I 126 -26.63 8.64 44.94
CA LYS I 126 -25.67 9.58 45.50
C LYS I 126 -24.68 8.79 46.34
N VAL I 127 -23.41 9.16 46.26
CA VAL I 127 -22.40 8.48 47.07
C VAL I 127 -22.72 8.72 48.53
N GLY I 128 -22.79 7.65 49.30
CA GLY I 128 -23.17 7.75 50.69
C GLY I 128 -24.65 7.75 50.95
N GLY I 129 -25.47 7.81 49.90
CA GLY I 129 -26.90 7.71 50.07
C GLY I 129 -27.69 8.95 49.72
N ASN I 130 -28.67 8.80 48.84
CA ASN I 130 -29.65 9.83 48.52
C ASN I 130 -30.93 9.55 49.29
N TYR I 131 -31.34 10.49 50.16
CA TYR I 131 -32.50 10.31 51.01
C TYR I 131 -33.72 11.12 50.54
N ASN I 132 -33.70 11.61 49.30
CA ASN I 132 -34.85 12.36 48.79
C ASN I 132 -36.10 11.49 48.67
N TYR I 133 -35.93 10.21 48.35
CA TYR I 133 -37.03 9.33 48.03
C TYR I 133 -37.38 8.47 49.24
N LEU I 134 -38.66 8.44 49.60
CA LEU I 134 -39.14 7.74 50.76
C LEU I 134 -40.29 6.82 50.36
N TYR I 135 -40.64 5.89 51.25
CA TYR I 135 -41.80 5.04 51.04
C TYR I 135 -42.39 4.67 52.39
N ARG I 136 -43.69 4.41 52.41
CA ARG I 136 -44.37 4.09 53.64
C ARG I 136 -44.05 2.66 54.07
N LEU I 137 -43.61 2.50 55.30
CA LEU I 137 -43.20 1.20 55.82
C LEU I 137 -44.21 0.57 56.76
N PHE I 138 -45.01 1.38 57.45
CA PHE I 138 -46.04 0.90 58.36
C PHE I 138 -47.36 1.59 58.04
N ARG I 139 -48.46 0.88 58.23
CA ARG I 139 -49.78 1.48 58.12
C ARG I 139 -50.76 0.60 58.88
N LYS I 140 -51.79 1.24 59.43
CA LYS I 140 -52.75 0.48 60.25
C LYS I 140 -53.58 -0.47 59.39
N SER I 141 -53.90 -0.06 58.16
CA SER I 141 -54.62 -0.92 57.23
C SER I 141 -54.07 -0.69 55.83
N ASN I 142 -54.42 -1.58 54.91
CA ASN I 142 -53.97 -1.51 53.53
C ASN I 142 -54.68 -0.38 52.80
N LEU I 143 -54.03 0.12 51.75
CA LEU I 143 -54.61 1.17 50.93
C LEU I 143 -55.69 0.58 50.02
N LYS I 144 -56.78 1.31 49.89
CA LYS I 144 -57.73 1.05 48.84
C LYS I 144 -57.14 1.57 47.52
N PRO I 145 -57.55 0.99 46.39
CA PRO I 145 -56.94 1.38 45.10
C PRO I 145 -56.95 2.88 44.85
N PHE I 146 -55.81 3.39 44.36
CA PHE I 146 -55.63 4.79 44.00
C PHE I 146 -55.76 5.73 45.20
N GLU I 147 -55.49 5.24 46.40
CA GLU I 147 -55.53 6.06 47.59
C GLU I 147 -54.14 6.61 47.88
N ARG I 148 -54.08 7.85 48.36
CA ARG I 148 -52.82 8.50 48.71
C ARG I 148 -52.83 8.84 50.18
N ASP I 149 -51.88 8.28 50.93
CA ASP I 149 -51.74 8.52 52.37
C ASP I 149 -50.39 9.17 52.59
N ILE I 150 -50.40 10.46 52.90
CA ILE I 150 -49.17 11.20 53.19
C ILE I 150 -49.04 11.49 54.68
N SER I 151 -49.71 10.72 55.52
CA SER I 151 -49.66 10.95 56.96
C SER I 151 -48.26 10.69 57.52
N THR I 152 -47.81 11.59 58.40
CA THR I 152 -46.56 11.39 59.12
C THR I 152 -46.81 11.13 60.60
N GLU I 153 -47.90 10.43 60.91
CA GLU I 153 -48.24 10.11 62.29
C GLU I 153 -47.43 8.91 62.78
N ILE I 154 -46.94 9.00 64.02
CA ILE I 154 -46.15 7.95 64.64
C ILE I 154 -46.96 6.65 64.71
N TYR I 155 -46.54 5.65 63.95
CA TYR I 155 -47.22 4.36 63.92
C TYR I 155 -47.07 3.64 65.26
N GLN I 156 -48.19 3.22 65.84
CA GLN I 156 -48.20 2.50 67.11
C GLN I 156 -48.25 1.00 66.81
N ALA I 157 -47.10 0.34 66.89
CA ALA I 157 -47.04 -1.10 66.68
C ALA I 157 -47.40 -1.86 67.95
N GLY I 158 -47.07 -1.30 69.10
CA GLY I 158 -47.34 -1.94 70.38
C GLY I 158 -48.68 -1.57 70.94
N SER I 159 -48.80 -1.65 72.27
CA SER I 159 -50.06 -1.39 72.95
C SER I 159 -50.13 -0.06 73.67
N THR I 160 -48.99 0.51 74.05
CA THR I 160 -49.13 1.81 74.71
C THR I 160 -49.09 2.94 73.69
N PRO I 161 -49.90 3.98 73.87
CA PRO I 161 -49.93 5.07 72.90
C PRO I 161 -48.59 5.78 72.82
N CYS I 162 -48.32 6.36 71.65
CA CYS I 162 -47.01 6.94 71.36
C CYS I 162 -46.89 8.40 71.77
N ASN I 163 -48.00 9.12 71.89
CA ASN I 163 -47.98 10.53 72.29
C ASN I 163 -47.17 11.37 71.31
N GLY I 164 -47.11 10.95 70.06
CA GLY I 164 -46.39 11.69 69.05
C GLY I 164 -44.89 11.71 69.19
N VAL I 165 -44.31 10.85 70.03
CA VAL I 165 -42.86 10.73 70.16
C VAL I 165 -42.51 9.27 69.93
N GLU I 166 -41.40 9.03 69.26
CA GLU I 166 -41.07 7.70 68.79
C GLU I 166 -40.00 7.05 69.65
N GLY I 167 -40.04 5.71 69.68
CA GLY I 167 -39.15 4.92 70.49
C GLY I 167 -39.52 3.45 70.40
N PHE I 168 -39.61 2.78 71.55
CA PHE I 168 -39.97 1.37 71.58
C PHE I 168 -41.41 1.21 71.11
N ASN I 169 -41.62 0.41 70.06
CA ASN I 169 -42.93 0.17 69.46
C ASN I 169 -43.60 1.45 68.97
N CYS I 170 -42.84 2.52 68.75
CA CYS I 170 -43.36 3.76 68.19
C CYS I 170 -42.45 4.16 67.05
N TYR I 171 -42.91 3.99 65.82
CA TYR I 171 -42.07 4.09 64.65
C TYR I 171 -42.54 5.23 63.76
N PHE I 172 -41.58 5.92 63.16
CA PHE I 172 -41.90 6.88 62.12
C PHE I 172 -42.37 6.10 60.89
N PRO I 173 -43.49 6.49 60.27
CA PRO I 173 -44.12 5.60 59.28
C PRO I 173 -43.37 5.56 57.95
N LEU I 174 -42.50 6.51 57.68
CA LEU I 174 -41.80 6.58 56.41
C LEU I 174 -40.36 6.10 56.56
N GLN I 175 -39.93 5.28 55.61
CA GLN I 175 -38.56 4.80 55.52
C GLN I 175 -37.93 5.40 54.29
N SER I 176 -36.64 5.71 54.38
CA SER I 176 -35.94 6.34 53.28
C SER I 176 -35.13 5.30 52.51
N TYR I 177 -35.14 5.41 51.18
CA TYR I 177 -34.23 4.62 50.36
C TYR I 177 -32.82 5.18 50.50
N GLY I 178 -31.85 4.30 50.78
CA GLY I 178 -30.47 4.75 50.83
C GLY I 178 -29.78 4.59 49.50
N PHE I 179 -30.28 5.31 48.50
CA PHE I 179 -29.88 5.09 47.11
C PHE I 179 -28.41 5.47 46.91
N GLN I 180 -27.55 4.48 46.96
CA GLN I 180 -26.12 4.49 46.66
C GLN I 180 -25.90 3.89 45.27
N PRO I 181 -25.05 4.49 44.44
CA PRO I 181 -24.86 3.95 43.08
C PRO I 181 -24.23 2.55 43.06
N THR I 182 -23.67 2.08 44.17
CA THR I 182 -23.05 0.76 44.24
C THR I 182 -24.04 -0.34 44.56
N ASN I 183 -25.31 -0.02 44.79
CA ASN I 183 -26.26 -1.05 45.13
C ASN I 183 -26.55 -1.96 43.94
N GLY I 184 -27.11 -3.14 44.25
CA GLY I 184 -27.60 -4.02 43.22
C GLY I 184 -28.80 -3.44 42.52
N VAL I 185 -29.25 -4.14 41.48
CA VAL I 185 -30.36 -3.61 40.70
C VAL I 185 -31.64 -3.60 41.53
N GLY I 186 -31.90 -4.68 42.25
CA GLY I 186 -33.09 -4.77 43.09
C GLY I 186 -33.22 -3.63 44.08
N TYR I 187 -32.10 -2.98 44.38
CA TYR I 187 -32.03 -1.87 45.32
C TYR I 187 -31.65 -0.56 44.64
N GLN I 188 -31.69 -0.51 43.27
CA GLN I 188 -31.42 0.73 42.55
C GLN I 188 -32.73 1.48 42.30
N PRO I 189 -32.65 2.80 42.13
CA PRO I 189 -33.87 3.57 41.91
C PRO I 189 -34.41 3.36 40.50
N TYR I 190 -35.72 3.16 40.43
CA TYR I 190 -36.44 3.03 39.17
C TYR I 190 -37.58 4.01 39.17
N ARG I 191 -37.70 4.77 38.08
CA ARG I 191 -38.81 5.68 37.90
C ARG I 191 -39.97 4.93 37.24
N VAL I 192 -41.18 5.16 37.77
CA VAL I 192 -42.36 4.43 37.37
C VAL I 192 -43.44 5.43 36.97
N VAL I 193 -44.07 5.16 35.82
CA VAL I 193 -45.22 5.88 35.30
C VAL I 193 -46.33 4.87 35.07
N VAL I 194 -47.47 5.07 35.72
CA VAL I 194 -48.67 4.24 35.53
C VAL I 194 -49.69 5.05 34.74
N LEU I 195 -50.07 4.54 33.56
CA LEU I 195 -51.07 5.16 32.71
C LEU I 195 -52.39 4.43 32.90
N SER I 196 -53.39 5.15 33.43
CA SER I 196 -54.74 4.63 33.60
C SER I 196 -55.66 5.24 32.55
N PHE I 197 -56.51 4.40 31.96
CA PHE I 197 -57.41 4.77 30.87
C PHE I 197 -58.85 4.86 31.40
N GLU I 198 -59.32 6.08 31.64
CA GLU I 198 -60.67 6.29 32.16
C GLU I 198 -61.64 6.37 30.99
N LEU I 199 -62.73 5.60 31.11
CA LEU I 199 -63.72 5.38 30.03
C LEU I 199 -65.12 5.42 30.62
N LEU I 200 -65.74 6.60 30.61
CA LEU I 200 -67.10 6.79 31.09
C LEU I 200 -68.03 6.94 29.89
N HIS I 201 -69.31 7.19 30.19
CA HIS I 201 -70.33 7.43 29.16
C HIS I 201 -70.27 8.88 28.69
N ALA I 202 -69.13 9.24 28.12
CA ALA I 202 -68.82 10.62 27.77
C ALA I 202 -67.94 10.62 26.53
N PRO I 203 -67.75 11.78 25.89
CA PRO I 203 -66.86 11.84 24.71
C PRO I 203 -65.41 11.52 25.07
N ALA I 204 -64.79 10.64 24.28
CA ALA I 204 -63.42 10.22 24.50
C ALA I 204 -62.47 11.26 23.91
N THR I 205 -61.70 11.94 24.76
CA THR I 205 -60.93 13.10 24.36
C THR I 205 -59.43 12.82 24.22
N VAL I 206 -58.95 11.65 24.63
CA VAL I 206 -57.54 11.29 24.53
C VAL I 206 -57.48 10.09 23.60
N CYS I 207 -57.04 10.32 22.37
CA CYS I 207 -57.00 9.29 21.36
C CYS I 207 -55.57 9.05 20.89
N GLY I 208 -55.38 7.92 20.20
CA GLY I 208 -54.13 7.63 19.55
C GLY I 208 -54.09 8.26 18.16
N PRO I 209 -53.10 7.89 17.34
CA PRO I 209 -53.04 8.40 15.97
C PRO I 209 -54.24 7.93 15.13
N GLU J 1 -27.42 7.49 -41.95
CA GLU J 1 -27.21 8.85 -41.44
C GLU J 1 -28.53 9.54 -41.11
N VAL J 2 -28.65 9.98 -39.85
CA VAL J 2 -29.85 10.64 -39.38
C VAL J 2 -29.95 12.03 -40.01
N GLN J 3 -31.14 12.38 -40.50
CA GLN J 3 -31.31 13.65 -41.21
C GLN J 3 -32.71 14.19 -40.96
N LEU J 4 -32.78 15.50 -40.71
CA LEU J 4 -34.04 16.25 -40.58
C LEU J 4 -33.98 17.44 -41.51
N LEU J 5 -34.96 17.57 -42.41
CA LEU J 5 -35.00 18.63 -43.40
C LEU J 5 -36.32 19.38 -43.30
N GLU J 6 -36.25 20.67 -42.94
CA GLU J 6 -37.42 21.51 -42.79
C GLU J 6 -37.84 22.18 -44.09
N SER J 7 -39.13 22.54 -44.15
CA SER J 7 -39.65 23.34 -45.25
C SER J 7 -40.96 23.98 -44.81
N GLY J 8 -41.36 25.02 -45.54
CA GLY J 8 -42.64 25.68 -45.35
C GLY J 8 -42.60 27.07 -44.77
N GLY J 9 -41.42 27.62 -44.45
CA GLY J 9 -41.32 28.95 -43.91
C GLY J 9 -41.45 30.04 -44.96
N GLY J 10 -41.63 31.26 -44.47
CA GLY J 10 -41.76 32.42 -45.35
C GLY J 10 -42.42 33.58 -44.62
N LEU J 11 -42.90 34.53 -45.42
CA LEU J 11 -43.61 35.69 -44.91
C LEU J 11 -45.12 35.42 -44.83
N VAL J 12 -45.75 35.94 -43.77
CA VAL J 12 -47.19 35.82 -43.57
C VAL J 12 -47.64 37.01 -42.74
N GLN J 13 -48.86 37.48 -43.01
CA GLN J 13 -49.38 38.67 -42.34
C GLN J 13 -49.85 38.35 -40.92
N PRO J 14 -49.93 39.37 -40.05
CA PRO J 14 -50.41 39.14 -38.68
C PRO J 14 -51.81 38.54 -38.67
N GLY J 15 -52.07 37.70 -37.66
CA GLY J 15 -53.29 36.94 -37.58
C GLY J 15 -53.34 35.73 -38.49
N GLY J 16 -52.37 35.58 -39.39
CA GLY J 16 -52.35 34.46 -40.31
C GLY J 16 -51.89 33.16 -39.68
N SER J 17 -51.79 32.14 -40.52
CA SER J 17 -51.36 30.82 -40.12
C SER J 17 -50.26 30.33 -41.05
N LEU J 18 -49.54 29.30 -40.60
CA LEU J 18 -48.46 28.71 -41.38
C LEU J 18 -48.18 27.32 -40.85
N ARG J 19 -47.88 26.39 -41.75
CA ARG J 19 -47.68 24.99 -41.40
C ARG J 19 -46.29 24.56 -41.85
N LEU J 20 -45.38 24.40 -40.89
CA LEU J 20 -44.02 23.93 -41.15
C LEU J 20 -43.97 22.42 -41.10
N SER J 21 -43.15 21.82 -41.96
CA SER J 21 -42.96 20.38 -41.96
C SER J 21 -41.46 20.05 -41.88
N CYS J 22 -41.17 18.91 -41.28
CA CYS J 22 -39.81 18.42 -41.07
C CYS J 22 -39.78 16.96 -41.48
N ALA J 23 -39.11 16.66 -42.60
CA ALA J 23 -38.98 15.29 -43.07
C ALA J 23 -37.78 14.65 -42.40
N ALA J 24 -38.00 13.48 -41.79
CA ALA J 24 -37.00 12.76 -41.05
C ALA J 24 -36.63 11.45 -41.75
N SER J 25 -35.36 11.06 -41.63
CA SER J 25 -34.97 9.78 -42.19
C SER J 25 -33.67 9.29 -41.55
N GLY J 26 -33.51 7.97 -41.51
CA GLY J 26 -32.32 7.35 -40.99
C GLY J 26 -32.36 6.87 -39.55
N PHE J 27 -33.54 6.71 -38.96
CA PHE J 27 -33.68 6.22 -37.59
C PHE J 27 -35.15 5.90 -37.35
N THR J 28 -35.42 5.17 -36.26
CA THR J 28 -36.78 4.78 -35.92
C THR J 28 -37.57 5.99 -35.46
N PHE J 29 -38.32 6.61 -36.38
CA PHE J 29 -39.02 7.86 -36.10
C PHE J 29 -40.09 7.68 -35.04
N SER J 30 -40.85 6.58 -35.12
CA SER J 30 -41.99 6.35 -34.23
C SER J 30 -41.59 6.07 -32.78
N SER J 31 -40.29 6.00 -32.46
CA SER J 31 -39.88 5.67 -31.10
C SER J 31 -39.41 6.89 -30.30
N TYR J 32 -39.14 8.02 -30.95
CA TYR J 32 -38.56 9.18 -30.29
C TYR J 32 -39.50 10.38 -30.35
N ALA J 33 -39.43 11.22 -29.31
CA ALA J 33 -40.15 12.48 -29.29
C ALA J 33 -39.48 13.47 -30.25
N MET J 34 -40.26 14.47 -30.68
CA MET J 34 -39.75 15.47 -31.60
C MET J 34 -40.01 16.87 -31.06
N ASN J 35 -39.11 17.81 -31.38
CA ASN J 35 -39.14 19.15 -30.83
C ASN J 35 -39.05 20.21 -31.92
N TRP J 36 -39.70 21.34 -31.66
CA TRP J 36 -39.54 22.58 -32.41
C TRP J 36 -38.94 23.62 -31.48
N VAL J 37 -37.88 24.30 -31.95
CA VAL J 37 -37.20 25.35 -31.19
C VAL J 37 -36.92 26.53 -32.11
N ARG J 38 -37.26 27.73 -31.66
CA ARG J 38 -37.11 28.93 -32.48
C ARG J 38 -35.98 29.81 -31.95
N GLN J 39 -35.47 30.66 -32.84
CA GLN J 39 -34.42 31.63 -32.51
C GLN J 39 -34.72 32.93 -33.24
N ALA J 40 -35.07 33.97 -32.48
CA ALA J 40 -35.30 35.28 -33.06
C ALA J 40 -33.99 35.89 -33.56
N PRO J 41 -34.06 36.82 -34.51
CA PRO J 41 -32.81 37.44 -35.01
C PRO J 41 -32.10 38.18 -33.91
N GLY J 42 -30.82 37.86 -33.73
CA GLY J 42 -30.01 38.51 -32.72
C GLY J 42 -30.39 38.20 -31.28
N LYS J 43 -31.18 37.15 -31.05
CA LYS J 43 -31.55 36.71 -29.71
C LYS J 43 -31.13 35.24 -29.54
N GLY J 44 -31.44 34.69 -28.36
CA GLY J 44 -31.03 33.34 -28.03
C GLY J 44 -32.04 32.32 -28.51
N LEU J 45 -31.78 31.06 -28.17
CA LEU J 45 -32.70 29.99 -28.54
C LEU J 45 -33.85 29.92 -27.54
N GLU J 46 -35.04 29.58 -28.05
CA GLU J 46 -36.21 29.39 -27.22
C GLU J 46 -36.96 28.16 -27.72
N TRP J 47 -37.23 27.23 -26.81
CA TRP J 47 -37.94 26.01 -27.14
C TRP J 47 -39.41 26.29 -27.40
N VAL J 48 -39.97 25.62 -28.41
CA VAL J 48 -41.35 25.86 -28.86
C VAL J 48 -42.29 24.73 -28.46
N SER J 49 -41.99 23.50 -28.89
CA SER J 49 -42.97 22.43 -28.67
C SER J 49 -42.32 21.05 -28.71
N VAL J 50 -43.00 20.10 -28.06
CA VAL J 50 -42.65 18.68 -28.06
C VAL J 50 -43.89 17.86 -28.38
N ILE J 51 -43.70 16.81 -29.18
CA ILE J 51 -44.71 15.77 -29.37
C ILE J 51 -44.07 14.42 -29.09
N SER J 52 -44.83 13.52 -28.47
CA SER J 52 -44.37 12.18 -28.15
C SER J 52 -44.34 11.31 -29.40
N GLY J 53 -43.72 10.13 -29.28
CA GLY J 53 -43.66 9.21 -30.41
C GLY J 53 -45.03 8.72 -30.84
N SER J 54 -45.86 8.33 -29.86
CA SER J 54 -47.23 7.91 -30.17
C SER J 54 -48.09 9.06 -30.67
N GLY J 55 -47.67 10.30 -30.43
CA GLY J 55 -48.48 11.47 -30.76
C GLY J 55 -49.51 11.84 -29.71
N GLY J 56 -49.56 11.11 -28.59
CA GLY J 56 -50.58 11.37 -27.59
C GLY J 56 -50.27 12.48 -26.62
N SER J 57 -49.00 12.80 -26.41
CA SER J 57 -48.58 13.82 -25.45
C SER J 57 -47.93 14.97 -26.20
N THR J 58 -48.41 16.19 -25.95
CA THR J 58 -47.88 17.39 -26.56
C THR J 58 -47.71 18.48 -25.51
N TYR J 59 -46.59 19.20 -25.59
CA TYR J 59 -46.34 20.33 -24.70
C TYR J 59 -45.78 21.51 -25.48
N TYR J 60 -46.24 22.71 -25.12
CA TYR J 60 -45.94 23.93 -25.86
C TYR J 60 -45.39 24.97 -24.90
N ALA J 61 -44.56 25.87 -25.45
CA ALA J 61 -44.07 27.00 -24.66
C ALA J 61 -45.20 27.93 -24.25
N ASP J 62 -45.02 28.60 -23.12
CA ASP J 62 -46.06 29.49 -22.59
C ASP J 62 -46.30 30.66 -23.53
N SER J 63 -45.24 31.15 -24.17
CA SER J 63 -45.36 32.26 -25.11
C SER J 63 -46.14 31.91 -26.36
N VAL J 64 -46.41 30.62 -26.60
CA VAL J 64 -47.13 30.18 -27.79
C VAL J 64 -48.30 29.29 -27.42
N ARG J 65 -48.66 29.23 -26.14
CA ARG J 65 -49.73 28.35 -25.69
C ARG J 65 -51.07 28.77 -26.29
N GLY J 66 -51.86 27.76 -26.67
CA GLY J 66 -53.16 27.98 -27.26
C GLY J 66 -53.15 28.44 -28.71
N ARG J 67 -51.99 28.87 -29.22
CA ARG J 67 -51.85 29.31 -30.60
C ARG J 67 -51.23 28.24 -31.50
N PHE J 68 -50.14 27.61 -31.07
CA PHE J 68 -49.47 26.59 -31.86
C PHE J 68 -50.02 25.19 -31.59
N THR J 69 -49.84 24.30 -32.57
CA THR J 69 -50.26 22.91 -32.46
C THR J 69 -49.26 22.01 -33.20
N ILE J 70 -48.66 21.07 -32.47
CA ILE J 70 -47.70 20.13 -33.03
C ILE J 70 -48.39 18.82 -33.38
N SER J 71 -47.88 18.15 -34.43
CA SER J 71 -48.45 16.86 -34.83
C SER J 71 -47.37 16.09 -35.58
N ARG J 72 -47.68 14.84 -35.93
CA ARG J 72 -46.71 14.01 -36.60
C ARG J 72 -47.42 12.91 -37.39
N ASP J 73 -46.84 12.57 -38.53
CA ASP J 73 -47.25 11.43 -39.34
C ASP J 73 -46.13 10.40 -39.27
N ASN J 74 -46.35 9.33 -38.51
CA ASN J 74 -45.34 8.29 -38.36
C ASN J 74 -45.24 7.41 -39.59
N SER J 75 -46.31 7.31 -40.38
CA SER J 75 -46.24 6.55 -41.62
C SER J 75 -45.35 7.22 -42.65
N LYS J 76 -45.32 8.55 -42.66
CA LYS J 76 -44.49 9.32 -43.57
C LYS J 76 -43.20 9.81 -42.94
N ASN J 77 -42.98 9.54 -41.65
CA ASN J 77 -41.80 10.00 -40.92
C ASN J 77 -41.66 11.51 -41.02
N THR J 78 -42.70 12.23 -40.60
CA THR J 78 -42.74 13.67 -40.77
C THR J 78 -43.31 14.35 -39.53
N LEU J 79 -42.71 15.46 -39.14
CA LEU J 79 -43.20 16.29 -38.04
C LEU J 79 -43.83 17.56 -38.59
N TYR J 80 -44.91 18.03 -37.95
CA TYR J 80 -45.64 19.21 -38.41
C TYR J 80 -45.83 20.19 -37.26
N LEU J 81 -45.67 21.48 -37.56
CA LEU J 81 -45.97 22.58 -36.65
C LEU J 81 -46.95 23.54 -37.30
N GLN J 82 -48.19 23.55 -36.80
CA GLN J 82 -49.22 24.47 -37.27
C GLN J 82 -49.26 25.69 -36.34
N MET J 83 -48.91 26.85 -36.88
CA MET J 83 -48.82 28.10 -36.12
C MET J 83 -49.96 29.01 -36.58
N ASN J 84 -50.92 29.23 -35.70
CA ASN J 84 -52.04 30.12 -35.95
C ASN J 84 -51.93 31.36 -35.08
N SER J 85 -52.67 32.41 -35.47
CA SER J 85 -52.70 33.67 -34.73
C SER J 85 -51.31 34.26 -34.55
N LEU J 86 -50.53 34.25 -35.62
CA LEU J 86 -49.13 34.65 -35.55
C LEU J 86 -48.97 36.11 -35.20
N ARG J 87 -48.04 36.40 -34.30
CA ARG J 87 -47.67 37.75 -33.89
C ARG J 87 -46.30 38.09 -34.46
N ALA J 88 -46.01 39.40 -34.50
CA ALA J 88 -44.73 39.85 -35.05
C ALA J 88 -43.54 39.31 -34.28
N GLU J 89 -43.68 39.09 -32.96
CA GLU J 89 -42.57 38.61 -32.16
C GLU J 89 -42.18 37.17 -32.46
N ASP J 90 -43.06 36.42 -33.13
CA ASP J 90 -42.79 35.03 -33.48
C ASP J 90 -41.88 34.88 -34.71
N THR J 91 -41.49 35.98 -35.34
CA THR J 91 -40.54 35.93 -36.45
C THR J 91 -39.20 35.38 -35.98
N ALA J 92 -38.76 34.27 -36.57
CA ALA J 92 -37.55 33.59 -36.10
C ALA J 92 -37.13 32.52 -37.09
N VAL J 93 -35.95 31.95 -36.86
CA VAL J 93 -35.49 30.73 -37.51
C VAL J 93 -35.93 29.55 -36.66
N TYR J 94 -36.68 28.61 -37.24
CA TYR J 94 -37.28 27.49 -36.54
C TYR J 94 -36.56 26.20 -36.92
N CYS J 95 -36.07 25.48 -35.90
CA CYS J 95 -35.35 24.22 -36.08
C CYS J 95 -36.12 23.04 -35.50
N CYS J 96 -36.00 21.91 -36.19
CA CYS J 96 -36.60 20.63 -35.85
C CYS J 96 -35.55 19.71 -35.24
N ALA J 97 -35.82 19.19 -34.04
CA ALA J 97 -34.82 18.48 -33.27
C ALA J 97 -35.32 17.12 -32.77
N LYS J 98 -34.45 16.11 -32.86
CA LYS J 98 -34.76 14.77 -32.38
C LYS J 98 -34.63 14.69 -30.86
N GLY J 99 -35.65 14.17 -30.20
CA GLY J 99 -35.69 14.07 -28.76
C GLY J 99 -35.25 12.71 -28.26
N TYR J 100 -35.73 12.35 -27.07
CA TYR J 100 -35.37 11.10 -26.41
C TYR J 100 -36.38 10.00 -26.74
N TYR J 101 -35.97 8.76 -26.45
CA TYR J 101 -36.82 7.60 -26.68
C TYR J 101 -38.12 7.73 -25.90
N TYR J 102 -39.23 7.85 -26.62
CA TYR J 102 -40.56 8.01 -26.01
C TYR J 102 -41.53 7.21 -26.89
N ASP J 103 -41.78 5.97 -26.49
CA ASP J 103 -42.54 5.03 -27.29
C ASP J 103 -43.99 4.97 -26.83
N SER J 104 -44.69 3.93 -27.30
CA SER J 104 -46.02 3.62 -26.79
C SER J 104 -45.95 2.97 -25.41
N SER J 105 -44.77 2.50 -25.01
CA SER J 105 -44.61 1.80 -23.75
C SER J 105 -43.90 2.63 -22.68
N GLY J 106 -43.41 3.82 -23.01
CA GLY J 106 -42.76 4.68 -22.05
C GLY J 106 -41.51 5.31 -22.64
N TYR J 107 -40.70 5.92 -21.78
CA TYR J 107 -39.48 6.60 -22.18
C TYR J 107 -38.25 5.85 -21.66
N TYR J 108 -37.15 5.96 -22.40
CA TYR J 108 -35.96 5.16 -22.12
C TYR J 108 -34.75 5.99 -21.70
N PHE J 109 -34.33 6.96 -22.51
CA PHE J 109 -33.05 7.65 -22.28
C PHE J 109 -33.32 9.15 -22.25
N ARG J 110 -33.98 9.60 -21.18
CA ARG J 110 -34.47 10.98 -21.15
C ARG J 110 -33.34 12.00 -21.12
N GLU J 111 -32.11 11.57 -20.82
CA GLU J 111 -30.99 12.52 -20.89
C GLU J 111 -30.55 12.75 -22.33
N ASP J 112 -30.52 11.71 -23.14
CA ASP J 112 -30.06 11.80 -24.51
C ASP J 112 -31.15 12.43 -25.37
N ALA J 113 -30.99 13.71 -25.67
CA ALA J 113 -31.93 14.45 -26.49
C ALA J 113 -31.19 15.49 -27.31
N PHE J 114 -31.85 16.01 -28.34
CA PHE J 114 -31.31 17.06 -29.20
C PHE J 114 -29.96 16.67 -29.79
N ASP J 115 -29.77 15.39 -30.10
CA ASP J 115 -28.51 14.95 -30.68
C ASP J 115 -28.37 15.29 -32.16
N ILE J 116 -29.47 15.37 -32.90
CA ILE J 116 -29.44 15.62 -34.34
C ILE J 116 -30.47 16.70 -34.66
N TRP J 117 -30.04 17.73 -35.38
CA TRP J 117 -30.88 18.88 -35.68
C TRP J 117 -31.07 19.07 -37.17
N GLY J 118 -32.25 19.61 -37.54
CA GLY J 118 -32.52 20.04 -38.90
C GLY J 118 -31.93 21.42 -39.21
N GLN J 119 -31.94 21.76 -40.50
CA GLN J 119 -31.32 23.01 -40.94
C GLN J 119 -32.12 24.25 -40.58
N GLY J 120 -33.38 24.12 -40.19
CA GLY J 120 -34.17 25.29 -39.83
C GLY J 120 -34.75 25.99 -41.05
N THR J 121 -35.85 26.73 -40.80
CA THR J 121 -36.48 27.54 -41.83
C THR J 121 -36.87 28.89 -41.25
N LEU J 122 -36.88 29.91 -42.10
CA LEU J 122 -37.10 31.29 -41.67
C LEU J 122 -38.59 31.61 -41.76
N VAL J 123 -39.13 32.16 -40.66
CA VAL J 123 -40.52 32.59 -40.60
C VAL J 123 -40.55 34.06 -40.23
N THR J 124 -41.10 34.89 -41.11
CA THR J 124 -41.19 36.33 -40.91
C THR J 124 -42.66 36.72 -40.85
N VAL J 125 -43.14 37.11 -39.67
CA VAL J 125 -44.52 37.55 -39.51
C VAL J 125 -44.51 39.07 -39.63
N SER J 126 -45.07 39.57 -40.73
CA SER J 126 -45.05 40.99 -41.06
C SER J 126 -46.13 41.28 -42.11
N SER J 127 -46.62 42.52 -42.11
CA SER J 127 -47.56 42.98 -43.11
C SER J 127 -46.87 43.58 -44.34
N ALA J 128 -45.57 43.35 -44.50
CA ALA J 128 -44.80 43.88 -45.62
C ALA J 128 -45.07 43.10 -46.90
N SER J 129 -44.66 43.69 -48.03
CA SER J 129 -44.77 43.10 -49.35
C SER J 129 -43.39 43.00 -50.00
N THR J 130 -43.27 42.06 -50.94
CA THR J 130 -42.01 41.79 -51.63
C THR J 130 -41.52 43.01 -52.40
N GLY J 148 -2.83 56.07 -50.49
CA GLY J 148 -2.31 54.79 -50.96
C GLY J 148 -3.41 53.83 -51.38
N THR J 149 -4.38 53.62 -50.50
CA THR J 149 -5.52 52.74 -50.76
C THR J 149 -6.80 53.56 -50.70
N ALA J 150 -7.74 53.22 -51.58
CA ALA J 150 -9.01 53.92 -51.68
C ALA J 150 -10.16 52.92 -51.57
N ALA J 151 -11.28 53.38 -51.03
CA ALA J 151 -12.46 52.57 -50.81
C ALA J 151 -13.54 52.92 -51.82
N LEU J 152 -14.19 51.88 -52.36
CA LEU J 152 -15.34 52.03 -53.24
C LEU J 152 -16.36 50.95 -52.89
N GLY J 153 -17.58 51.10 -53.36
CA GLY J 153 -18.59 50.12 -53.00
C GLY J 153 -19.91 50.37 -53.71
N CYS J 154 -20.91 49.59 -53.28
CA CYS J 154 -22.25 49.61 -53.82
C CYS J 154 -23.28 49.57 -52.69
N LEU J 155 -24.31 50.41 -52.79
CA LEU J 155 -25.41 50.43 -51.83
C LEU J 155 -26.62 49.76 -52.45
N VAL J 156 -27.03 48.63 -51.88
CA VAL J 156 -28.19 47.87 -52.32
C VAL J 156 -29.34 48.18 -51.38
N LYS J 157 -30.28 49.01 -51.83
CA LYS J 157 -31.27 49.62 -50.94
C LYS J 157 -32.68 49.18 -51.32
N ASP J 158 -33.50 48.96 -50.30
CA ASP J 158 -34.95 48.77 -50.41
C ASP J 158 -35.29 47.55 -51.27
N TYR J 159 -35.00 46.37 -50.71
CA TYR J 159 -35.44 45.12 -51.32
C TYR J 159 -36.06 44.24 -50.25
N PHE J 160 -36.85 43.25 -50.69
CA PHE J 160 -37.42 42.31 -49.73
C PHE J 160 -37.94 41.12 -50.52
N PRO J 161 -37.80 39.88 -50.01
CA PRO J 161 -37.10 39.48 -48.80
C PRO J 161 -35.64 39.06 -49.01
N GLU J 162 -35.06 38.47 -47.97
CA GLU J 162 -33.70 37.93 -48.04
C GLU J 162 -33.67 36.75 -49.01
N PRO J 163 -32.51 36.46 -49.63
CA PRO J 163 -31.20 37.12 -49.53
C PRO J 163 -30.79 37.90 -50.78
N VAL J 164 -29.73 38.68 -50.65
CA VAL J 164 -29.04 39.30 -51.76
C VAL J 164 -27.59 38.84 -51.75
N THR J 165 -27.07 38.46 -52.92
CA THR J 165 -25.67 38.09 -53.08
C THR J 165 -24.97 39.16 -53.89
N VAL J 166 -23.78 39.57 -53.44
CA VAL J 166 -23.03 40.65 -54.07
C VAL J 166 -21.61 40.15 -54.33
N SER J 167 -21.20 40.17 -55.59
CA SER J 167 -19.83 39.85 -55.97
C SER J 167 -19.19 41.03 -56.69
N TRP J 168 -17.88 40.93 -56.93
CA TRP J 168 -17.12 41.98 -57.58
C TRP J 168 -16.32 41.41 -58.74
N ASN J 169 -16.45 42.03 -59.91
CA ASN J 169 -15.74 41.63 -61.14
C ASN J 169 -15.94 40.15 -61.46
N SER J 170 -17.20 39.70 -61.34
CA SER J 170 -17.58 38.32 -61.67
C SER J 170 -16.69 37.29 -60.96
N GLY J 171 -16.29 37.61 -59.73
CA GLY J 171 -15.51 36.69 -58.93
C GLY J 171 -14.01 36.84 -59.01
N ALA J 172 -13.49 37.75 -59.82
CA ALA J 172 -12.04 37.90 -59.94
C ALA J 172 -11.43 38.63 -58.74
N LEU J 173 -12.18 39.52 -58.10
CA LEU J 173 -11.70 40.32 -56.98
C LEU J 173 -12.41 39.87 -55.71
N THR J 174 -11.64 39.34 -54.75
CA THR J 174 -12.19 38.86 -53.49
C THR J 174 -11.40 39.32 -52.26
N SER J 175 -10.12 39.65 -52.39
CA SER J 175 -9.31 40.01 -51.24
C SER J 175 -9.75 41.34 -50.65
N GLY J 176 -9.93 41.38 -49.33
CA GLY J 176 -10.30 42.60 -48.65
C GLY J 176 -11.69 43.12 -48.94
N VAL J 177 -12.59 42.26 -49.43
CA VAL J 177 -13.98 42.64 -49.71
C VAL J 177 -14.81 42.42 -48.45
N HIS J 178 -15.76 43.32 -48.19
CA HIS J 178 -16.64 43.22 -47.02
C HIS J 178 -18.08 43.49 -47.45
N THR J 179 -18.94 42.46 -47.35
CA THR J 179 -20.38 42.59 -47.60
C THR J 179 -21.10 42.58 -46.24
N PHE J 180 -21.71 43.71 -45.88
CA PHE J 180 -22.26 43.90 -44.55
C PHE J 180 -23.57 43.15 -44.36
N PRO J 181 -23.93 42.83 -43.12
CA PRO J 181 -25.24 42.21 -42.85
C PRO J 181 -26.39 43.17 -43.14
N ALA J 182 -27.45 42.63 -43.75
CA ALA J 182 -28.63 43.42 -44.04
C ALA J 182 -29.31 43.92 -42.77
N VAL J 183 -29.75 45.17 -42.80
CA VAL J 183 -30.52 45.76 -41.71
C VAL J 183 -31.97 45.92 -42.17
N LEU J 184 -32.89 45.77 -41.21
CA LEU J 184 -34.31 45.90 -41.47
C LEU J 184 -34.75 47.33 -41.18
N GLN J 185 -35.03 48.09 -42.25
CA GLN J 185 -35.47 49.47 -42.09
C GLN J 185 -36.90 49.52 -41.55
N SER J 186 -37.28 50.68 -41.04
CA SER J 186 -38.64 50.86 -40.52
C SER J 186 -39.69 50.64 -41.61
N SER J 187 -39.30 50.73 -42.88
CA SER J 187 -40.21 50.49 -44.00
C SER J 187 -40.52 49.02 -44.20
N GLY J 188 -39.86 48.12 -43.48
CA GLY J 188 -40.03 46.70 -43.71
C GLY J 188 -39.12 46.13 -44.76
N LEU J 189 -38.32 46.95 -45.43
CA LEU J 189 -37.41 46.50 -46.47
C LEU J 189 -35.98 46.39 -45.95
N TYR J 190 -35.23 45.47 -46.55
CA TYR J 190 -33.83 45.27 -46.24
C TYR J 190 -32.96 46.18 -47.10
N SER J 191 -31.78 46.51 -46.57
CA SER J 191 -30.79 47.36 -47.25
C SER J 191 -29.41 47.01 -46.71
N LEU J 192 -28.44 46.87 -47.62
CA LEU J 192 -27.07 46.56 -47.24
C LEU J 192 -26.09 47.41 -48.06
N SER J 193 -24.80 47.23 -47.79
CA SER J 193 -23.74 47.89 -48.54
C SER J 193 -22.51 46.97 -48.58
N SER J 194 -21.80 47.00 -49.71
CA SER J 194 -20.63 46.16 -49.95
C SER J 194 -19.45 47.03 -50.37
N VAL J 195 -18.33 46.90 -49.66
CA VAL J 195 -17.16 47.71 -49.94
C VAL J 195 -15.96 46.84 -50.26
N VAL J 196 -14.95 47.46 -50.87
CA VAL J 196 -13.67 46.83 -51.19
C VAL J 196 -12.63 47.94 -51.30
N THR J 197 -11.45 47.70 -50.74
CA THR J 197 -10.34 48.64 -50.85
C THR J 197 -9.43 48.20 -51.99
N VAL J 198 -9.08 49.16 -52.86
CA VAL J 198 -8.29 48.87 -54.06
C VAL J 198 -7.14 49.85 -54.13
N PRO J 199 -6.12 49.56 -54.95
CA PRO J 199 -5.07 50.56 -55.19
C PRO J 199 -5.64 51.80 -55.87
N SER J 200 -5.49 52.95 -55.19
CA SER J 200 -5.99 54.21 -55.73
C SER J 200 -5.26 54.63 -57.00
N SER J 201 -4.05 54.11 -57.22
CA SER J 201 -3.29 54.42 -58.44
C SER J 201 -3.92 53.84 -59.70
N SER J 202 -4.80 52.85 -59.56
CA SER J 202 -5.39 52.16 -60.70
C SER J 202 -6.88 52.45 -60.88
N LEU J 203 -7.37 53.57 -60.31
CA LEU J 203 -8.78 53.89 -60.44
C LEU J 203 -9.17 54.27 -61.87
N GLY J 204 -8.22 54.74 -62.68
CA GLY J 204 -8.50 55.12 -64.04
C GLY J 204 -8.36 53.98 -65.04
N THR J 205 -7.54 52.99 -64.69
CA THR J 205 -7.25 51.85 -65.57
C THR J 205 -8.07 50.61 -65.24
N GLN J 206 -8.34 50.34 -63.97
CA GLN J 206 -9.09 49.17 -63.56
C GLN J 206 -10.56 49.51 -63.50
N THR J 207 -11.40 48.68 -64.13
CA THR J 207 -12.84 48.82 -64.05
C THR J 207 -13.35 47.99 -62.88
N TYR J 208 -14.18 48.61 -62.04
CA TYR J 208 -14.73 47.96 -60.86
C TYR J 208 -16.24 47.88 -61.03
N ILE J 209 -16.78 46.65 -61.05
CA ILE J 209 -18.20 46.41 -61.27
C ILE J 209 -18.72 45.52 -60.15
N CYS J 210 -19.82 45.93 -59.51
CA CYS J 210 -20.48 45.09 -58.51
C CYS J 210 -21.70 44.41 -59.11
N ASN J 211 -21.82 43.11 -58.87
CA ASN J 211 -22.93 42.30 -59.35
C ASN J 211 -23.82 41.94 -58.17
N VAL J 212 -25.10 42.31 -58.26
CA VAL J 212 -26.07 42.11 -57.18
C VAL J 212 -27.16 41.19 -57.69
N ASN J 213 -27.51 40.17 -56.89
CA ASN J 213 -28.52 39.18 -57.24
C ASN J 213 -29.52 39.05 -56.09
N HIS J 214 -30.81 39.22 -56.40
CA HIS J 214 -31.92 39.01 -55.46
C HIS J 214 -32.93 38.09 -56.13
N LYS J 215 -32.84 36.78 -55.84
CA LYS J 215 -33.80 35.83 -56.39
C LYS J 215 -35.25 36.11 -55.98
N PRO J 216 -35.58 36.42 -54.72
CA PRO J 216 -37.01 36.56 -54.37
C PRO J 216 -37.76 37.59 -55.19
N SER J 217 -37.07 38.60 -55.73
CA SER J 217 -37.70 39.56 -56.63
C SER J 217 -37.23 39.39 -58.07
N ASN J 218 -36.28 38.50 -58.31
CA ASN J 218 -35.70 38.25 -59.64
C ASN J 218 -35.02 39.51 -60.18
N THR J 219 -34.07 40.04 -59.41
CA THR J 219 -33.35 41.26 -59.77
C THR J 219 -31.87 40.95 -59.88
N LYS J 220 -31.29 41.18 -61.05
CA LYS J 220 -29.84 41.12 -61.22
C LYS J 220 -29.38 42.46 -61.79
N VAL J 221 -28.37 43.05 -61.17
CA VAL J 221 -27.86 44.36 -61.56
C VAL J 221 -26.34 44.32 -61.58
N ASP J 222 -25.76 44.72 -62.71
CA ASP J 222 -24.32 44.93 -62.84
C ASP J 222 -24.09 46.43 -62.86
N LYS J 223 -23.55 46.97 -61.76
CA LYS J 223 -23.39 48.41 -61.60
C LYS J 223 -21.90 48.77 -61.63
N LYS J 224 -21.56 49.71 -62.51
CA LYS J 224 -20.20 50.23 -62.60
C LYS J 224 -20.01 51.39 -61.63
N VAL J 225 -18.93 51.35 -60.85
CA VAL J 225 -18.60 52.38 -59.88
C VAL J 225 -17.56 53.27 -60.55
N GLU J 226 -18.01 54.40 -61.10
CA GLU J 226 -17.10 55.32 -61.76
C GLU J 226 -16.37 56.18 -60.73
N PRO J 227 -15.02 56.19 -60.72
CA PRO J 227 -14.24 57.03 -59.80
C PRO J 227 -14.43 58.52 -60.05
N ASP K 1 -41.30 28.71 -14.92
CA ASP K 1 -40.31 28.67 -15.99
C ASP K 1 -38.88 28.74 -15.43
N ILE K 2 -38.13 27.65 -15.62
CA ILE K 2 -36.72 27.62 -15.23
C ILE K 2 -35.91 28.48 -16.18
N GLN K 3 -35.05 29.33 -15.64
CA GLN K 3 -34.27 30.28 -16.42
C GLN K 3 -32.79 29.91 -16.37
N MET K 4 -32.18 29.79 -17.54
CA MET K 4 -30.77 29.43 -17.64
C MET K 4 -29.94 30.69 -17.91
N THR K 5 -29.00 30.97 -17.03
CA THR K 5 -28.15 32.15 -17.08
C THR K 5 -26.73 31.72 -17.46
N GLN K 6 -26.27 32.17 -18.63
CA GLN K 6 -24.91 31.88 -19.08
C GLN K 6 -23.98 33.03 -18.72
N SER K 7 -22.79 32.69 -18.23
CA SER K 7 -21.76 33.70 -17.94
C SER K 7 -20.39 33.17 -18.37
N PRO K 8 -19.62 33.95 -19.13
CA PRO K 8 -20.03 35.28 -19.58
C PRO K 8 -20.90 35.24 -20.84
N SER K 9 -21.35 36.42 -21.28
CA SER K 9 -22.11 36.49 -22.52
C SER K 9 -21.19 36.43 -23.74
N ALA K 10 -20.06 37.15 -23.69
CA ALA K 10 -19.06 37.08 -24.74
C ALA K 10 -17.69 36.85 -24.10
N MET K 11 -16.73 36.45 -24.95
CA MET K 11 -15.41 36.08 -24.47
C MET K 11 -14.49 35.85 -25.66
N SER K 12 -13.29 36.45 -25.62
CA SER K 12 -12.30 36.28 -26.67
C SER K 12 -11.01 35.72 -26.08
N ALA K 13 -10.40 34.79 -26.80
CA ALA K 13 -9.16 34.17 -26.37
C ALA K 13 -8.40 33.67 -27.59
N SER K 14 -7.09 33.51 -27.43
CA SER K 14 -6.21 33.03 -28.48
C SER K 14 -6.09 31.50 -28.42
N VAL K 15 -5.47 30.94 -29.46
CA VAL K 15 -5.28 29.49 -29.53
C VAL K 15 -4.49 29.01 -28.32
N GLY K 16 -5.00 27.96 -27.66
CA GLY K 16 -4.35 27.34 -26.52
C GLY K 16 -4.93 27.69 -25.16
N ASP K 17 -5.68 28.78 -25.04
CA ASP K 17 -6.19 29.18 -23.72
C ASP K 17 -7.20 28.16 -23.20
N ARG K 18 -7.34 28.14 -21.87
CA ARG K 18 -8.36 27.36 -21.20
C ARG K 18 -9.59 28.22 -20.97
N VAL K 19 -10.72 27.84 -21.57
CA VAL K 19 -11.94 28.64 -21.58
C VAL K 19 -12.97 27.95 -20.69
N THR K 20 -13.66 28.75 -19.87
CA THR K 20 -14.66 28.25 -18.92
C THR K 20 -15.95 29.05 -19.04
N ILE K 21 -17.05 28.37 -19.34
CA ILE K 21 -18.39 28.94 -19.40
C ILE K 21 -19.24 28.31 -18.30
N THR K 22 -20.02 29.13 -17.61
CA THR K 22 -20.88 28.66 -16.54
C THR K 22 -22.35 28.84 -16.93
N CYS K 23 -23.18 27.91 -16.48
CA CYS K 23 -24.62 27.91 -16.74
C CYS K 23 -25.35 27.66 -15.43
N ARG K 24 -26.21 28.60 -15.02
CA ARG K 24 -26.93 28.54 -13.77
C ARG K 24 -28.42 28.34 -14.04
N ALA K 25 -29.03 27.42 -13.30
CA ALA K 25 -30.46 27.17 -13.39
C ALA K 25 -31.19 27.77 -12.19
N SER K 26 -32.38 28.33 -12.45
CA SER K 26 -33.14 28.94 -11.37
C SER K 26 -33.68 27.90 -10.39
N GLN K 27 -33.92 26.66 -10.84
CA GLN K 27 -34.32 25.57 -9.96
C GLN K 27 -33.49 24.34 -10.28
N GLY K 28 -33.79 23.24 -9.59
CA GLY K 28 -33.06 22.00 -9.80
C GLY K 28 -33.48 21.29 -11.09
N ILE K 29 -32.49 20.81 -11.83
CA ILE K 29 -32.74 20.11 -13.09
C ILE K 29 -31.99 18.79 -13.13
N SER K 30 -31.51 18.32 -11.98
CA SER K 30 -30.73 17.09 -11.89
C SER K 30 -29.55 17.11 -12.86
N ASN K 31 -29.55 16.24 -13.88
CA ASN K 31 -28.48 16.22 -14.87
C ASN K 31 -28.98 16.35 -16.31
N TYR K 32 -30.23 16.79 -16.51
CA TYR K 32 -30.79 16.96 -17.86
C TYR K 32 -30.35 18.32 -18.43
N LEU K 33 -29.07 18.42 -18.76
CA LEU K 33 -28.49 19.64 -19.29
C LEU K 33 -27.56 19.31 -20.46
N ALA K 34 -27.64 20.10 -21.53
CA ALA K 34 -26.80 19.89 -22.70
C ALA K 34 -26.08 21.18 -23.10
N TRP K 35 -24.92 21.00 -23.74
CA TRP K 35 -24.08 22.07 -24.27
C TRP K 35 -23.94 21.87 -25.77
N PHE K 36 -24.29 22.91 -26.55
CA PHE K 36 -24.26 22.88 -28.01
C PHE K 36 -23.37 23.99 -28.56
N GLN K 37 -22.71 23.66 -29.69
CA GLN K 37 -21.91 24.61 -30.45
C GLN K 37 -22.63 24.96 -31.74
N GLN K 38 -22.52 26.22 -32.15
CA GLN K 38 -23.17 26.72 -33.36
C GLN K 38 -22.19 27.64 -34.08
N LYS K 39 -21.75 27.23 -35.27
CA LYS K 39 -20.99 28.10 -36.14
C LYS K 39 -21.92 29.04 -36.89
N PRO K 40 -21.42 30.18 -37.35
CA PRO K 40 -22.30 31.15 -38.04
C PRO K 40 -22.89 30.54 -39.30
N GLY K 41 -24.20 30.71 -39.46
CA GLY K 41 -24.90 30.19 -40.62
C GLY K 41 -25.06 28.69 -40.66
N LYS K 42 -24.64 27.97 -39.61
CA LYS K 42 -24.76 26.52 -39.54
C LYS K 42 -25.70 26.12 -38.40
N VAL K 43 -25.95 24.81 -38.33
CA VAL K 43 -26.90 24.25 -37.38
C VAL K 43 -26.20 23.94 -36.07
N PRO K 44 -26.81 24.21 -34.91
CA PRO K 44 -26.21 23.79 -33.65
C PRO K 44 -25.98 22.28 -33.62
N LYS K 45 -24.79 21.88 -33.19
CA LYS K 45 -24.45 20.47 -33.01
C LYS K 45 -24.11 20.22 -31.56
N ARG K 46 -24.61 19.11 -31.04
CA ARG K 46 -24.51 18.81 -29.62
C ARG K 46 -23.09 18.41 -29.25
N LEU K 47 -22.61 18.95 -28.13
CA LEU K 47 -21.30 18.62 -27.58
C LEU K 47 -21.38 17.82 -26.29
N ILE K 48 -22.28 18.18 -25.38
CA ILE K 48 -22.41 17.47 -24.11
C ILE K 48 -23.89 17.27 -23.81
N TYR K 49 -24.26 16.07 -23.32
CA TYR K 49 -25.66 15.74 -23.17
C TYR K 49 -26.11 15.35 -21.76
N ALA K 50 -25.21 14.94 -20.88
CA ALA K 50 -25.69 14.68 -19.53
C ALA K 50 -24.92 15.50 -18.50
N ALA K 51 -24.75 16.79 -18.76
CA ALA K 51 -23.99 17.71 -17.92
C ALA K 51 -22.50 17.38 -17.94
N SER K 52 -22.15 16.13 -18.27
CA SER K 52 -20.76 15.69 -18.21
C SER K 52 -20.38 14.68 -19.27
N SER K 53 -21.31 14.19 -20.09
CA SER K 53 -21.04 13.14 -21.05
C SER K 53 -20.67 13.75 -22.40
N LEU K 54 -19.48 13.43 -22.88
CA LEU K 54 -18.99 13.92 -24.16
C LEU K 54 -19.70 13.23 -25.33
N GLN K 55 -19.88 13.99 -26.41
CA GLN K 55 -20.48 13.45 -27.62
C GLN K 55 -19.44 12.74 -28.49
N SER K 56 -19.84 11.61 -29.07
CA SER K 56 -18.98 10.89 -30.00
C SER K 56 -18.70 11.74 -31.23
N GLY K 57 -17.43 11.82 -31.63
CA GLY K 57 -17.01 12.66 -32.72
C GLY K 57 -16.64 14.07 -32.31
N VAL K 58 -16.51 14.33 -31.02
CA VAL K 58 -16.15 15.64 -30.49
C VAL K 58 -14.79 15.50 -29.82
N PRO K 59 -13.81 16.33 -30.16
CA PRO K 59 -12.48 16.18 -29.54
C PRO K 59 -12.55 16.31 -28.02
N SER K 60 -11.62 15.62 -27.35
CA SER K 60 -11.65 15.46 -25.90
C SER K 60 -11.31 16.74 -25.14
N ARG K 61 -10.88 17.80 -25.83
CA ARG K 61 -10.62 19.05 -25.13
C ARG K 61 -11.87 19.66 -24.53
N PHE K 62 -13.05 19.34 -25.08
CA PHE K 62 -14.31 19.78 -24.51
C PHE K 62 -14.68 18.91 -23.31
N SER K 63 -15.15 19.55 -22.25
CA SER K 63 -15.52 18.79 -21.05
C SER K 63 -16.60 19.52 -20.27
N GLY K 64 -17.42 18.75 -19.57
CA GLY K 64 -18.50 19.31 -18.78
C GLY K 64 -18.48 18.78 -17.36
N SER K 65 -18.89 19.63 -16.43
CA SER K 65 -18.91 19.27 -15.02
C SER K 65 -20.02 20.03 -14.34
N GLY K 66 -20.25 19.71 -13.07
CA GLY K 66 -21.26 20.38 -12.29
C GLY K 66 -22.55 19.56 -12.20
N SER K 67 -23.45 20.04 -11.35
CA SER K 67 -24.75 19.37 -11.14
C SER K 67 -25.58 20.21 -10.18
N GLY K 68 -26.86 19.84 -10.08
CA GLY K 68 -27.78 20.56 -9.23
C GLY K 68 -28.29 21.83 -9.87
N THR K 69 -27.59 22.94 -9.62
CA THR K 69 -27.97 24.23 -10.17
C THR K 69 -26.90 24.88 -11.04
N GLU K 70 -25.62 24.53 -10.85
CA GLU K 70 -24.53 25.14 -11.59
C GLU K 70 -23.80 24.09 -12.42
N PHE K 71 -23.44 24.47 -13.64
CA PHE K 71 -22.75 23.59 -14.57
C PHE K 71 -21.66 24.38 -15.29
N THR K 72 -20.65 23.65 -15.78
CA THR K 72 -19.46 24.26 -16.34
C THR K 72 -19.02 23.53 -17.59
N LEU K 73 -18.91 24.26 -18.70
CA LEU K 73 -18.26 23.78 -19.90
C LEU K 73 -16.85 24.35 -19.98
N THR K 74 -15.88 23.50 -20.36
CA THR K 74 -14.48 23.91 -20.40
C THR K 74 -13.84 23.40 -21.68
N ILE K 75 -13.13 24.28 -22.38
CA ILE K 75 -12.25 23.90 -23.48
C ILE K 75 -10.81 24.05 -23.01
N SER K 76 -10.07 22.94 -22.98
CA SER K 76 -8.71 22.97 -22.45
C SER K 76 -7.76 23.75 -23.34
N SER K 77 -7.71 23.40 -24.63
CA SER K 77 -6.81 24.04 -25.59
C SER K 77 -7.62 24.50 -26.79
N LEU K 78 -7.75 25.82 -26.96
CA LEU K 78 -8.56 26.39 -28.02
C LEU K 78 -7.98 26.03 -29.40
N GLN K 79 -8.84 26.16 -30.42
CA GLN K 79 -8.48 25.83 -31.79
C GLN K 79 -9.21 26.79 -32.73
N PRO K 80 -8.73 26.94 -33.97
CA PRO K 80 -9.42 27.83 -34.91
C PRO K 80 -10.90 27.49 -35.11
N GLU K 81 -11.23 26.22 -35.31
CA GLU K 81 -12.62 25.81 -35.53
C GLU K 81 -13.46 25.80 -34.26
N ASP K 82 -12.94 26.32 -33.15
CA ASP K 82 -13.72 26.49 -31.93
C ASP K 82 -14.32 27.88 -31.81
N PHE K 83 -14.12 28.73 -32.82
CA PHE K 83 -14.72 30.06 -32.86
C PHE K 83 -16.17 29.87 -33.30
N ALA K 84 -17.09 30.00 -32.35
CA ALA K 84 -18.51 29.76 -32.58
C ALA K 84 -19.29 30.34 -31.40
N THR K 85 -20.58 29.99 -31.30
CA THR K 85 -21.44 30.38 -30.19
C THR K 85 -21.87 29.13 -29.41
N TYR K 86 -21.83 29.21 -28.09
CA TYR K 86 -22.10 28.06 -27.23
C TYR K 86 -23.34 28.30 -26.39
N TYR K 87 -24.29 27.35 -26.44
CA TYR K 87 -25.54 27.43 -25.69
C TYR K 87 -25.67 26.26 -24.71
N CYS K 88 -26.15 26.55 -23.50
CA CYS K 88 -26.60 25.50 -22.60
C CYS K 88 -28.12 25.44 -22.60
N LEU K 89 -28.65 24.23 -22.38
CA LEU K 89 -30.09 23.97 -22.47
C LEU K 89 -30.50 23.00 -21.37
N GLN K 90 -31.51 23.36 -20.58
CA GLN K 90 -32.15 22.42 -19.68
C GLN K 90 -33.39 21.84 -20.33
N HIS K 91 -33.56 20.52 -20.20
CA HIS K 91 -34.74 19.82 -20.69
C HIS K 91 -35.31 18.91 -19.60
N ASN K 92 -35.32 19.38 -18.36
CA ASN K 92 -35.84 18.56 -17.27
C ASN K 92 -37.36 18.65 -17.17
N SER K 93 -37.88 19.87 -17.01
CA SER K 93 -39.30 20.10 -16.81
C SER K 93 -39.78 21.12 -17.82
N TYR K 94 -41.07 21.01 -18.15
CA TYR K 94 -41.68 21.94 -19.09
C TYR K 94 -41.91 23.30 -18.42
N PRO K 95 -41.61 24.40 -19.12
CA PRO K 95 -41.07 24.42 -20.49
C PRO K 95 -39.55 24.35 -20.56
N TYR K 96 -39.01 23.64 -21.56
CA TYR K 96 -37.58 23.66 -21.80
C TYR K 96 -37.12 25.08 -22.13
N THR K 97 -35.99 25.49 -21.55
CA THR K 97 -35.47 26.83 -21.72
C THR K 97 -33.97 26.78 -21.97
N PHE K 98 -33.49 27.64 -22.86
CA PHE K 98 -32.07 27.76 -23.16
C PHE K 98 -31.42 28.89 -22.36
N GLY K 99 -30.08 28.88 -22.38
CA GLY K 99 -29.31 30.03 -21.96
C GLY K 99 -29.21 31.08 -23.07
N GLN K 100 -28.66 32.24 -22.72
CA GLN K 100 -28.54 33.31 -23.70
C GLN K 100 -27.45 33.08 -24.73
N GLY K 101 -26.54 32.15 -24.51
CA GLY K 101 -25.47 31.87 -25.46
C GLY K 101 -24.18 32.61 -25.14
N THR K 102 -23.07 32.04 -25.60
CA THR K 102 -21.73 32.62 -25.40
C THR K 102 -20.92 32.50 -26.69
N LYS K 103 -20.45 33.64 -27.19
CA LYS K 103 -19.64 33.72 -28.41
C LYS K 103 -18.15 33.76 -28.08
N LEU K 104 -17.39 32.83 -28.69
CA LEU K 104 -15.95 32.68 -28.48
C LEU K 104 -15.17 33.22 -29.67
N GLU K 105 -14.44 34.32 -29.48
CA GLU K 105 -13.71 34.99 -30.56
C GLU K 105 -12.20 34.71 -30.53
N ILE K 106 -11.55 35.07 -31.66
CA ILE K 106 -10.11 35.00 -31.90
C ILE K 106 -9.42 36.24 -31.36
N LYS K 107 -8.17 36.09 -30.90
CA LYS K 107 -7.36 37.19 -30.38
C LYS K 107 -6.35 37.69 -31.42
N ARG K 108 -6.24 39.01 -31.57
CA ARG K 108 -5.22 39.64 -32.41
C ARG K 108 -4.73 40.90 -31.72
N THR K 109 -3.77 41.58 -32.35
CA THR K 109 -3.24 42.84 -31.83
C THR K 109 -4.18 44.00 -32.13
N VAL K 110 -4.16 44.99 -31.24
CA VAL K 110 -5.04 46.16 -31.39
C VAL K 110 -4.73 46.89 -32.68
N ALA K 111 -5.78 47.25 -33.43
CA ALA K 111 -5.67 47.95 -34.70
C ALA K 111 -6.80 48.98 -34.80
N ALA K 112 -6.44 50.24 -35.29
CA ALA K 112 -7.36 51.36 -35.44
C ALA K 112 -8.07 51.29 -36.79
N PRO K 113 -9.33 51.73 -36.87
CA PRO K 113 -10.09 51.58 -38.12
C PRO K 113 -9.67 52.61 -39.15
N SER K 114 -9.66 52.17 -40.42
CA SER K 114 -9.57 53.11 -41.53
C SER K 114 -10.96 53.65 -41.82
N VAL K 115 -11.14 54.96 -41.74
CA VAL K 115 -12.47 55.57 -41.89
C VAL K 115 -12.60 56.16 -43.28
N PHE K 116 -13.72 55.87 -43.94
CA PHE K 116 -14.05 56.45 -45.24
C PHE K 116 -15.50 56.94 -45.21
N ILE K 117 -15.80 57.93 -46.04
CA ILE K 117 -17.15 58.48 -46.14
C ILE K 117 -17.55 58.64 -47.59
N PHE K 118 -18.81 58.32 -47.89
CA PHE K 118 -19.38 58.36 -49.24
C PHE K 118 -20.66 59.16 -49.20
N PRO K 119 -20.75 60.28 -49.92
CA PRO K 119 -22.01 61.03 -49.99
C PRO K 119 -23.06 60.24 -50.75
N PRO K 120 -24.31 60.69 -50.77
CA PRO K 120 -25.31 60.00 -51.58
C PRO K 120 -25.02 60.16 -53.08
N SER K 121 -25.23 59.07 -53.81
CA SER K 121 -25.04 59.08 -55.25
C SER K 121 -26.10 59.96 -55.92
N ASP K 122 -25.75 60.48 -57.10
CA ASP K 122 -26.68 61.32 -57.86
C ASP K 122 -27.96 60.56 -58.22
N GLU K 123 -27.86 59.26 -58.50
CA GLU K 123 -29.03 58.47 -58.84
C GLU K 123 -30.04 58.43 -57.69
N GLN K 124 -29.56 58.09 -56.49
CA GLN K 124 -30.46 58.04 -55.34
C GLN K 124 -31.08 59.40 -55.06
N LEU K 125 -30.28 60.47 -55.20
CA LEU K 125 -30.82 61.82 -55.04
C LEU K 125 -31.93 62.10 -56.05
N LYS K 126 -31.72 61.69 -57.30
CA LYS K 126 -32.76 61.80 -58.32
C LYS K 126 -34.02 61.01 -57.92
N SER K 127 -33.85 59.92 -57.17
CA SER K 127 -34.99 59.12 -56.74
C SER K 127 -35.84 59.79 -55.66
N GLY K 128 -35.28 60.76 -54.93
CA GLY K 128 -36.01 61.44 -53.88
C GLY K 128 -35.58 61.09 -52.47
N THR K 129 -34.52 60.29 -52.29
CA THR K 129 -33.97 59.96 -51.00
C THR K 129 -32.45 60.09 -51.07
N ALA K 130 -31.81 60.27 -49.91
CA ALA K 130 -30.38 60.42 -49.83
C ALA K 130 -29.82 59.53 -48.71
N SER K 131 -28.72 58.84 -49.01
CA SER K 131 -28.06 57.98 -48.04
C SER K 131 -26.57 58.29 -48.03
N VAL K 132 -26.06 58.66 -46.85
CA VAL K 132 -24.63 58.88 -46.64
C VAL K 132 -24.06 57.67 -45.91
N VAL K 133 -22.92 57.16 -46.39
CA VAL K 133 -22.34 55.91 -45.89
C VAL K 133 -21.01 56.22 -45.21
N CYS K 134 -20.82 55.68 -44.01
CA CYS K 134 -19.55 55.80 -43.30
C CYS K 134 -19.02 54.40 -43.01
N LEU K 135 -17.79 54.14 -43.46
CA LEU K 135 -17.17 52.82 -43.41
C LEU K 135 -15.99 52.82 -42.44
N LEU K 136 -15.97 51.83 -41.54
CA LEU K 136 -14.85 51.57 -40.64
C LEU K 136 -14.24 50.25 -41.06
N ASN K 137 -13.01 50.31 -41.56
CA ASN K 137 -12.36 49.19 -42.24
C ASN K 137 -11.25 48.61 -41.36
N ASN K 138 -11.33 47.32 -41.09
CA ASN K 138 -10.27 46.50 -40.50
C ASN K 138 -9.79 47.09 -39.16
N PHE K 139 -10.67 46.99 -38.18
CA PHE K 139 -10.35 47.39 -36.82
C PHE K 139 -10.56 46.22 -35.85
N TYR K 140 -10.01 46.37 -34.66
CA TYR K 140 -10.15 45.38 -33.59
C TYR K 140 -9.82 46.06 -32.28
N PRO K 141 -10.64 45.90 -31.22
CA PRO K 141 -11.86 45.10 -31.14
C PRO K 141 -13.05 45.70 -31.91
N ARG K 142 -14.17 44.98 -31.95
CA ARG K 142 -15.32 45.39 -32.73
C ARG K 142 -16.05 46.59 -32.14
N GLU K 143 -15.90 46.86 -30.84
CA GLU K 143 -16.58 48.00 -30.23
C GLU K 143 -16.10 49.32 -30.78
N ALA K 144 -16.98 50.02 -31.49
CA ALA K 144 -16.69 51.35 -32.01
C ALA K 144 -17.98 52.16 -32.00
N LYS K 145 -17.85 53.49 -31.97
CA LYS K 145 -19.00 54.38 -31.92
C LYS K 145 -18.91 55.39 -33.05
N VAL K 146 -19.96 55.44 -33.87
CA VAL K 146 -20.06 56.34 -35.01
C VAL K 146 -21.15 57.36 -34.72
N GLN K 147 -20.83 58.65 -34.92
CA GLN K 147 -21.80 59.72 -34.75
C GLN K 147 -21.89 60.54 -36.03
N TRP K 148 -23.13 60.83 -36.44
CA TRP K 148 -23.39 61.69 -37.58
C TRP K 148 -23.68 63.12 -37.10
N LYS K 149 -23.09 64.10 -37.80
CA LYS K 149 -23.30 65.51 -37.48
C LYS K 149 -23.63 66.28 -38.76
N VAL K 150 -24.85 66.81 -38.83
CA VAL K 150 -25.33 67.58 -39.97
C VAL K 150 -25.41 69.04 -39.53
N ASP K 151 -24.56 69.88 -40.11
CA ASP K 151 -24.45 71.29 -39.71
C ASP K 151 -24.28 71.42 -38.20
N ASN K 152 -23.34 70.64 -37.66
CA ASN K 152 -23.02 70.59 -36.24
C ASN K 152 -24.17 70.11 -35.36
N ALA K 153 -25.22 69.54 -35.97
CA ALA K 153 -26.36 69.01 -35.22
C ALA K 153 -26.27 67.49 -35.12
N LEU K 154 -26.26 66.97 -33.89
CA LEU K 154 -26.18 65.53 -33.67
C LEU K 154 -27.49 64.86 -34.07
N GLN K 155 -27.39 63.79 -34.86
CA GLN K 155 -28.55 63.09 -35.39
C GLN K 155 -28.89 61.87 -34.54
N SER K 156 -30.19 61.59 -34.45
CA SER K 156 -30.70 60.48 -33.66
C SER K 156 -31.89 59.86 -34.36
N GLY K 157 -31.88 58.53 -34.49
CA GLY K 157 -32.99 57.81 -35.04
C GLY K 157 -33.08 57.77 -36.55
N ASN K 158 -32.07 58.28 -37.26
CA ASN K 158 -32.07 58.26 -38.72
C ASN K 158 -30.84 57.58 -39.29
N SER K 159 -30.14 56.75 -38.49
CA SER K 159 -28.97 56.04 -38.95
C SER K 159 -29.06 54.58 -38.52
N GLN K 160 -28.46 53.71 -39.33
CA GLN K 160 -28.38 52.28 -39.01
C GLN K 160 -26.96 51.79 -39.23
N GLU K 161 -26.43 51.01 -38.30
CA GLU K 161 -25.12 50.40 -38.47
C GLU K 161 -25.19 48.89 -38.37
N SER K 162 -24.26 48.23 -39.06
CA SER K 162 -24.10 46.78 -38.99
C SER K 162 -22.63 46.43 -39.12
N VAL K 163 -22.21 45.38 -38.41
CA VAL K 163 -20.83 44.94 -38.36
C VAL K 163 -20.75 43.51 -38.90
N THR K 164 -19.71 43.22 -39.68
CA THR K 164 -19.48 41.89 -40.22
C THR K 164 -18.89 40.96 -39.15
N GLU K 165 -18.91 39.66 -39.46
CA GLU K 165 -18.21 38.69 -38.63
C GLU K 165 -16.69 38.86 -38.79
N GLN K 166 -15.95 38.27 -37.85
CA GLN K 166 -14.50 38.37 -37.85
C GLN K 166 -13.91 37.80 -39.14
N ASP K 167 -13.13 38.62 -39.84
CA ASP K 167 -12.59 38.25 -41.15
C ASP K 167 -11.67 37.04 -41.01
N SER K 168 -11.66 36.19 -42.05
CA SER K 168 -10.94 34.93 -41.98
C SER K 168 -9.43 35.13 -42.02
N LYS K 169 -8.95 36.21 -42.63
CA LYS K 169 -7.51 36.39 -42.84
C LYS K 169 -6.84 37.08 -41.66
N ASP K 170 -7.28 38.27 -41.30
CA ASP K 170 -6.60 39.10 -40.30
C ASP K 170 -7.38 39.25 -39.01
N SER K 171 -8.52 38.59 -38.86
CA SER K 171 -9.32 38.62 -37.63
C SER K 171 -9.77 40.04 -37.28
N THR K 172 -10.00 40.87 -38.29
CA THR K 172 -10.44 42.25 -38.10
C THR K 172 -11.91 42.41 -38.46
N TYR K 173 -12.56 43.35 -37.77
CA TYR K 173 -13.96 43.68 -37.99
C TYR K 173 -14.10 44.91 -38.88
N SER K 174 -15.27 45.04 -39.50
CA SER K 174 -15.62 46.18 -40.33
C SER K 174 -17.05 46.59 -40.03
N LEU K 175 -17.29 47.90 -39.88
CA LEU K 175 -18.59 48.41 -39.52
C LEU K 175 -19.07 49.41 -40.58
N SER K 176 -20.39 49.42 -40.81
CA SER K 176 -21.01 50.35 -41.75
C SER K 176 -22.16 51.08 -41.08
N SER K 177 -22.15 52.41 -41.17
CA SER K 177 -23.23 53.26 -40.65
C SER K 177 -23.81 54.10 -41.77
N THR K 178 -25.12 53.93 -42.03
CA THR K 178 -25.83 54.60 -43.12
C THR K 178 -26.85 55.57 -42.56
N LEU K 179 -26.74 56.84 -42.94
CA LEU K 179 -27.68 57.90 -42.56
C LEU K 179 -28.61 58.20 -43.74
N THR K 180 -29.92 58.15 -43.49
CA THR K 180 -30.94 58.29 -44.54
C THR K 180 -31.84 59.49 -44.29
N LEU K 181 -31.98 60.34 -45.30
CA LEU K 181 -32.88 61.50 -45.27
C LEU K 181 -33.62 61.59 -46.59
N SER K 182 -34.66 62.43 -46.63
CA SER K 182 -35.26 62.79 -47.90
C SER K 182 -34.37 63.79 -48.65
N LYS K 183 -34.57 63.86 -49.97
CA LYS K 183 -33.77 64.78 -50.79
C LYS K 183 -33.90 66.22 -50.32
N ALA K 184 -35.13 66.64 -49.97
CA ALA K 184 -35.35 67.98 -49.45
C ALA K 184 -34.52 68.22 -48.18
N ASP K 185 -34.69 67.35 -47.18
CA ASP K 185 -33.95 67.49 -45.93
C ASP K 185 -32.45 67.37 -46.13
N TYR K 186 -32.02 66.57 -47.11
CA TYR K 186 -30.59 66.45 -47.41
C TYR K 186 -30.03 67.75 -47.97
N GLU K 187 -30.78 68.43 -48.85
CA GLU K 187 -30.32 69.66 -49.47
C GLU K 187 -30.58 70.90 -48.61
N LYS K 188 -31.21 70.72 -47.45
CA LYS K 188 -31.40 71.80 -46.48
C LYS K 188 -30.12 72.15 -45.73
N HIS K 189 -29.04 71.43 -45.95
CA HIS K 189 -27.86 71.53 -45.09
C HIS K 189 -26.59 71.46 -45.92
N LYS K 190 -25.47 71.82 -45.30
CA LYS K 190 -24.18 71.96 -45.97
C LYS K 190 -23.17 70.92 -45.54
N VAL K 191 -22.82 70.89 -44.25
CA VAL K 191 -21.70 70.08 -43.75
C VAL K 191 -22.24 68.76 -43.22
N TYR K 192 -21.74 67.64 -43.76
CA TYR K 192 -22.07 66.31 -43.26
C TYR K 192 -20.78 65.66 -42.76
N ALA K 193 -20.77 65.25 -41.48
CA ALA K 193 -19.56 64.74 -40.85
C ALA K 193 -19.84 63.42 -40.14
N CYS K 194 -18.86 62.52 -40.19
CA CYS K 194 -18.89 61.23 -39.51
C CYS K 194 -17.73 61.19 -38.54
N GLU K 195 -18.03 61.02 -37.26
CA GLU K 195 -17.02 61.01 -36.20
C GLU K 195 -16.95 59.61 -35.61
N VAL K 196 -15.76 59.01 -35.69
CA VAL K 196 -15.51 57.64 -35.28
C VAL K 196 -14.67 57.66 -34.01
N THR K 197 -15.10 56.90 -33.01
CA THR K 197 -14.32 56.67 -31.80
C THR K 197 -14.08 55.17 -31.67
N HIS K 198 -12.81 54.80 -31.48
CA HIS K 198 -12.39 53.41 -31.41
C HIS K 198 -11.20 53.30 -30.47
N GLN K 199 -10.97 52.08 -29.98
CA GLN K 199 -9.83 51.83 -29.09
C GLN K 199 -8.51 52.24 -29.71
N GLY K 200 -8.34 52.01 -31.01
CA GLY K 200 -7.08 52.33 -31.65
C GLY K 200 -6.80 53.79 -31.91
N LEU K 201 -7.68 54.68 -31.44
CA LEU K 201 -7.52 56.12 -31.64
C LEU K 201 -7.47 56.81 -30.29
N SER K 202 -6.51 57.74 -30.12
CA SER K 202 -6.40 58.50 -28.88
C SER K 202 -7.47 59.59 -28.78
N SER K 203 -7.88 60.15 -29.91
CA SER K 203 -8.90 61.19 -29.98
C SER K 203 -9.81 60.87 -31.16
N PRO K 204 -11.08 61.23 -31.08
CA PRO K 204 -12.02 60.88 -32.17
C PRO K 204 -11.54 61.38 -33.53
N VAL K 205 -11.72 60.54 -34.54
CA VAL K 205 -11.32 60.88 -35.90
C VAL K 205 -12.58 61.22 -36.69
N THR K 206 -12.62 62.41 -37.27
CA THR K 206 -13.77 62.89 -38.02
C THR K 206 -13.42 63.01 -39.50
N LYS K 207 -14.24 62.42 -40.36
CA LYS K 207 -14.15 62.59 -41.80
C LYS K 207 -15.46 63.21 -42.28
N SER K 208 -15.36 64.26 -43.08
CA SER K 208 -16.53 65.08 -43.38
C SER K 208 -16.47 65.55 -44.83
N PHE K 209 -17.59 66.08 -45.30
CA PHE K 209 -17.66 66.67 -46.63
C PHE K 209 -18.71 67.77 -46.65
N ASN K 210 -18.63 68.60 -47.67
CA ASN K 210 -19.59 69.67 -47.93
C ASN K 210 -20.40 69.30 -49.16
N ARG K 211 -21.71 69.49 -49.07
CA ARG K 211 -22.63 69.05 -50.11
C ARG K 211 -22.25 69.62 -51.47
N GLY K 212 -21.99 68.74 -52.43
CA GLY K 212 -21.60 69.13 -53.77
C GLY K 212 -20.27 69.85 -53.81
N THR L 15 -57.83 2.75 2.40
CA THR L 15 -56.84 3.41 1.55
C THR L 15 -55.45 3.33 2.17
N ASN L 16 -54.93 2.11 2.29
CA ASN L 16 -53.56 1.90 2.73
C ASN L 16 -52.61 2.15 1.56
N LEU L 17 -51.65 3.04 1.75
CA LEU L 17 -50.75 3.39 0.66
C LEU L 17 -49.58 2.43 0.58
N CYS L 18 -49.13 2.16 -0.65
CA CYS L 18 -48.05 1.20 -0.86
C CYS L 18 -46.71 1.84 -0.50
N PRO L 19 -45.85 1.16 0.25
CA PRO L 19 -44.61 1.77 0.72
C PRO L 19 -43.54 1.88 -0.37
N PHE L 20 -43.90 2.55 -1.47
CA PHE L 20 -42.93 2.79 -2.53
C PHE L 20 -41.84 3.76 -2.09
N GLY L 21 -42.09 4.60 -1.09
CA GLY L 21 -41.03 5.40 -0.52
C GLY L 21 -39.94 4.55 0.09
N GLU L 22 -40.31 3.41 0.66
CA GLU L 22 -39.32 2.47 1.18
C GLU L 22 -38.44 1.93 0.07
N VAL L 23 -39.00 1.69 -1.12
CA VAL L 23 -38.26 1.04 -2.19
C VAL L 23 -37.43 2.03 -2.98
N PHE L 24 -38.03 3.15 -3.40
CA PHE L 24 -37.33 4.11 -4.24
C PHE L 24 -36.40 4.99 -3.41
N ASN L 25 -36.92 5.55 -2.31
CA ASN L 25 -36.14 6.40 -1.42
C ASN L 25 -35.37 5.61 -0.38
N ALA L 26 -34.92 4.40 -0.72
CA ALA L 26 -34.19 3.57 0.22
C ALA L 26 -32.78 4.10 0.43
N THR L 27 -32.22 3.82 1.62
CA THR L 27 -30.90 4.35 1.94
C THR L 27 -29.81 3.66 1.13
N ARG L 28 -29.81 2.33 1.14
CA ARG L 28 -28.80 1.55 0.42
C ARG L 28 -29.47 0.56 -0.54
N PHE L 29 -28.87 0.41 -1.71
CA PHE L 29 -29.32 -0.52 -2.73
C PHE L 29 -28.35 -1.70 -2.85
N ALA L 30 -28.88 -2.82 -3.35
CA ALA L 30 -28.12 -4.05 -3.51
C ALA L 30 -27.43 -4.09 -4.88
N SER L 31 -26.36 -4.88 -4.94
CA SER L 31 -25.71 -5.17 -6.22
C SER L 31 -26.67 -5.95 -7.11
N VAL L 32 -26.44 -5.85 -8.43
CA VAL L 32 -27.38 -6.43 -9.38
C VAL L 32 -27.44 -7.94 -9.25
N TYR L 33 -26.30 -8.58 -8.96
CA TYR L 33 -26.31 -10.04 -8.82
C TYR L 33 -27.12 -10.48 -7.60
N ALA L 34 -27.07 -9.70 -6.53
CA ALA L 34 -27.82 -9.97 -5.31
C ALA L 34 -29.04 -9.04 -5.19
N TRP L 35 -29.81 -8.94 -6.28
CA TRP L 35 -30.89 -7.97 -6.36
C TRP L 35 -31.90 -8.19 -5.24
N ASN L 36 -32.46 -7.10 -4.73
CA ASN L 36 -33.37 -7.19 -3.59
C ASN L 36 -34.81 -7.20 -4.08
N ARG L 37 -35.68 -7.84 -3.31
CA ARG L 37 -37.10 -7.89 -3.64
C ARG L 37 -37.92 -7.44 -2.44
N LYS L 38 -38.91 -6.60 -2.70
CA LYS L 38 -39.85 -6.11 -1.71
C LYS L 38 -41.25 -6.54 -2.15
N ARG L 39 -41.89 -7.37 -1.33
CA ARG L 39 -43.27 -7.76 -1.62
C ARG L 39 -44.21 -6.66 -1.18
N ILE L 40 -45.17 -6.33 -2.05
CA ILE L 40 -46.10 -5.24 -1.82
C ILE L 40 -47.49 -5.78 -2.07
N SER L 41 -48.35 -5.72 -1.06
CA SER L 41 -49.68 -6.29 -1.15
C SER L 41 -50.60 -5.53 -0.21
N ASN L 42 -51.90 -5.59 -0.53
CA ASN L 42 -52.95 -4.98 0.28
C ASN L 42 -52.70 -3.49 0.48
N CYS L 43 -52.57 -2.78 -0.64
CA CYS L 43 -52.36 -1.34 -0.58
C CYS L 43 -52.75 -0.69 -1.90
N VAL L 44 -52.79 0.64 -1.87
CA VAL L 44 -53.16 1.47 -3.02
C VAL L 44 -51.91 2.16 -3.53
N ALA L 45 -51.56 1.88 -4.78
CA ALA L 45 -50.37 2.41 -5.42
C ALA L 45 -50.75 3.49 -6.43
N ASP L 46 -50.11 4.65 -6.33
CA ASP L 46 -50.34 5.75 -7.27
C ASP L 46 -49.21 5.75 -8.30
N TYR L 47 -49.36 4.91 -9.32
CA TYR L 47 -48.35 4.84 -10.37
C TYR L 47 -48.30 6.12 -11.19
N SER L 48 -49.41 6.86 -11.26
CA SER L 48 -49.46 8.09 -12.06
C SER L 48 -48.41 9.09 -11.60
N VAL L 49 -48.30 9.30 -10.28
CA VAL L 49 -47.34 10.25 -9.74
C VAL L 49 -45.92 9.87 -10.13
N LEU L 50 -45.58 8.58 -10.02
CA LEU L 50 -44.23 8.14 -10.37
C LEU L 50 -43.96 8.35 -11.85
N TYR L 51 -44.92 7.98 -12.71
CA TYR L 51 -44.67 8.09 -14.15
C TYR L 51 -44.39 9.53 -14.57
N ASN L 52 -45.12 10.49 -13.99
CA ASN L 52 -44.97 11.90 -14.34
C ASN L 52 -44.02 12.64 -13.42
N SER L 53 -42.98 11.97 -12.94
CA SER L 53 -42.14 12.54 -11.89
C SER L 53 -40.99 13.37 -12.43
N ALA L 54 -40.75 13.35 -13.75
CA ALA L 54 -39.70 14.17 -14.35
C ALA L 54 -38.32 13.90 -13.76
N SER L 55 -38.23 12.88 -12.91
CA SER L 55 -37.00 12.52 -12.20
C SER L 55 -36.28 11.33 -12.80
N PHE L 56 -37.00 10.35 -13.31
CA PHE L 56 -36.41 9.12 -13.81
C PHE L 56 -36.00 9.25 -15.26
N SER L 57 -34.86 8.64 -15.60
CA SER L 57 -34.39 8.66 -16.99
C SER L 57 -35.03 7.57 -17.82
N THR L 58 -35.45 6.47 -17.22
CA THR L 58 -36.06 5.37 -17.96
C THR L 58 -37.29 4.87 -17.24
N PHE L 59 -38.35 4.62 -18.00
CA PHE L 59 -39.58 4.06 -17.48
C PHE L 59 -40.32 3.32 -18.57
N LYS L 60 -39.96 2.07 -18.83
CA LYS L 60 -40.55 1.30 -19.91
C LYS L 60 -41.33 0.11 -19.34
N CYS L 61 -42.55 -0.07 -19.82
CA CYS L 61 -43.41 -1.16 -19.37
C CYS L 61 -43.66 -2.14 -20.50
N TYR L 62 -43.96 -3.37 -20.13
CA TYR L 62 -44.20 -4.44 -21.08
C TYR L 62 -45.42 -5.21 -20.61
N GLY L 63 -46.36 -5.43 -21.53
CA GLY L 63 -47.65 -5.98 -21.21
C GLY L 63 -48.68 -4.96 -20.77
N VAL L 64 -48.24 -3.87 -20.14
CA VAL L 64 -49.12 -2.80 -19.72
C VAL L 64 -48.74 -1.51 -20.47
N SER L 65 -49.62 -0.52 -20.39
CA SER L 65 -49.36 0.83 -20.89
C SER L 65 -49.32 1.80 -19.73
N PRO L 66 -48.23 2.55 -19.51
CA PRO L 66 -48.15 3.39 -18.31
C PRO L 66 -49.17 4.53 -18.27
N THR L 67 -49.77 4.91 -19.40
CA THR L 67 -50.67 6.05 -19.47
C THR L 67 -51.90 5.85 -18.58
N LYS L 68 -51.75 6.18 -17.30
CA LYS L 68 -52.81 6.10 -16.30
C LYS L 68 -53.54 4.75 -16.32
N LEU L 69 -52.77 3.66 -16.34
CA LEU L 69 -53.37 2.34 -16.22
C LEU L 69 -53.32 1.84 -14.77
N ASN L 70 -53.17 2.76 -13.82
CA ASN L 70 -53.21 2.42 -12.41
C ASN L 70 -54.65 2.22 -11.93
N ASP L 71 -55.58 2.12 -12.87
CA ASP L 71 -56.95 1.72 -12.58
C ASP L 71 -57.13 0.21 -12.66
N LEU L 72 -56.06 -0.54 -12.39
CA LEU L 72 -56.04 -1.98 -12.53
C LEU L 72 -55.64 -2.57 -11.19
N CYS L 73 -55.95 -3.86 -11.00
CA CYS L 73 -55.71 -4.53 -9.75
C CYS L 73 -54.92 -5.81 -9.99
N PHE L 74 -54.09 -6.18 -9.01
CA PHE L 74 -53.30 -7.39 -9.09
C PHE L 74 -53.25 -8.06 -7.72
N THR L 75 -52.78 -9.31 -7.72
CA THR L 75 -52.68 -10.05 -6.46
C THR L 75 -51.54 -9.53 -5.61
N ASN L 76 -50.34 -9.49 -6.18
CA ASN L 76 -49.18 -8.93 -5.51
C ASN L 76 -48.42 -8.04 -6.49
N VAL L 77 -47.57 -7.18 -5.92
CA VAL L 77 -46.64 -6.38 -6.69
C VAL L 77 -45.26 -6.60 -6.10
N TYR L 78 -44.33 -7.09 -6.92
CA TYR L 78 -42.96 -7.32 -6.48
C TYR L 78 -42.07 -6.19 -6.99
N ALA L 79 -41.42 -5.48 -6.06
CA ALA L 79 -40.52 -4.38 -6.39
C ALA L 79 -39.10 -4.86 -6.20
N ASP L 80 -38.44 -5.21 -7.30
CA ASP L 80 -37.03 -5.57 -7.26
C ASP L 80 -36.18 -4.32 -7.45
N SER L 81 -35.11 -4.23 -6.69
CA SER L 81 -34.26 -3.05 -6.74
C SER L 81 -32.80 -3.46 -6.76
N PHE L 82 -32.01 -2.76 -7.56
CA PHE L 82 -30.57 -3.01 -7.70
C PHE L 82 -29.93 -1.84 -8.44
N VAL L 83 -28.67 -1.99 -8.81
CA VAL L 83 -27.88 -0.93 -9.44
C VAL L 83 -27.06 -1.52 -10.58
N ILE L 84 -27.08 -0.85 -11.74
CA ILE L 84 -26.23 -1.25 -12.86
C ILE L 84 -25.59 -0.01 -13.46
N ARG L 85 -24.87 -0.17 -14.56
CA ARG L 85 -24.35 0.97 -15.31
C ARG L 85 -25.32 1.37 -16.42
N GLY L 86 -25.20 2.62 -16.87
CA GLY L 86 -26.19 3.20 -17.76
C GLY L 86 -26.41 2.40 -19.03
N ASP L 87 -25.32 1.99 -19.69
CA ASP L 87 -25.48 1.26 -20.95
C ASP L 87 -26.15 -0.09 -20.73
N GLU L 88 -26.18 -0.58 -19.49
CA GLU L 88 -26.85 -1.83 -19.16
C GLU L 88 -28.34 -1.66 -18.87
N VAL L 89 -28.86 -0.43 -18.84
CA VAL L 89 -30.29 -0.25 -18.64
C VAL L 89 -31.08 -0.94 -19.75
N ARG L 90 -30.54 -0.99 -20.97
CA ARG L 90 -31.23 -1.68 -22.05
C ARG L 90 -31.40 -3.17 -21.78
N GLN L 91 -30.60 -3.75 -20.87
CA GLN L 91 -30.70 -5.19 -20.63
C GLN L 91 -31.83 -5.55 -19.69
N ILE L 92 -32.39 -4.59 -18.96
CA ILE L 92 -33.51 -4.88 -18.08
C ILE L 92 -34.80 -4.80 -18.89
N ALA L 93 -35.03 -5.80 -19.74
CA ALA L 93 -36.18 -5.85 -20.62
C ALA L 93 -36.37 -7.30 -21.06
N PRO L 94 -37.59 -7.68 -21.44
CA PRO L 94 -37.79 -9.05 -21.92
C PRO L 94 -36.97 -9.32 -23.19
N GLY L 95 -36.45 -10.53 -23.28
CA GLY L 95 -35.68 -10.93 -24.44
C GLY L 95 -34.46 -10.06 -24.70
N GLN L 96 -33.54 -10.00 -23.73
CA GLN L 96 -32.30 -9.24 -23.89
C GLN L 96 -31.12 -10.13 -23.54
N THR L 97 -30.00 -9.89 -24.22
CA THR L 97 -28.75 -10.59 -23.94
C THR L 97 -27.69 -9.61 -23.44
N GLY L 98 -26.66 -10.16 -22.83
CA GLY L 98 -25.65 -9.40 -22.12
C GLY L 98 -25.38 -9.99 -20.75
N LYS L 99 -24.31 -9.47 -20.12
CA LYS L 99 -23.85 -10.02 -18.85
C LYS L 99 -24.94 -9.98 -17.79
N ILE L 100 -25.68 -8.87 -17.71
CA ILE L 100 -26.69 -8.71 -16.66
C ILE L 100 -27.87 -9.64 -16.91
N ALA L 101 -28.38 -9.64 -18.14
CA ALA L 101 -29.55 -10.45 -18.44
C ALA L 101 -29.23 -11.94 -18.45
N ASP L 102 -27.96 -12.31 -18.65
CA ASP L 102 -27.60 -13.73 -18.63
C ASP L 102 -27.28 -14.21 -17.23
N TYR L 103 -26.53 -13.44 -16.45
CA TYR L 103 -25.97 -13.92 -15.20
C TYR L 103 -26.46 -13.18 -13.96
N ASN L 104 -27.37 -12.21 -14.10
CA ASN L 104 -27.71 -11.41 -12.93
C ASN L 104 -29.20 -11.23 -12.71
N TYR L 105 -29.91 -10.73 -13.72
CA TYR L 105 -31.35 -10.49 -13.59
C TYR L 105 -31.98 -10.65 -14.96
N LYS L 106 -32.81 -11.68 -15.10
CA LYS L 106 -33.42 -12.04 -16.37
C LYS L 106 -34.93 -11.83 -16.29
N LEU L 107 -35.47 -11.06 -17.24
CA LEU L 107 -36.92 -11.00 -17.26
C LEU L 107 -37.48 -11.98 -18.28
N PRO L 108 -38.64 -12.58 -18.00
CA PRO L 108 -39.20 -13.56 -18.91
C PRO L 108 -39.77 -12.93 -20.17
N ASP L 109 -39.87 -13.75 -21.22
CA ASP L 109 -40.40 -13.27 -22.49
C ASP L 109 -41.82 -12.74 -22.35
N ASP L 110 -42.62 -13.34 -21.48
CA ASP L 110 -43.99 -12.91 -21.20
C ASP L 110 -44.06 -12.00 -19.98
N PHE L 111 -43.06 -11.15 -19.78
CA PHE L 111 -43.04 -10.28 -18.62
C PHE L 111 -44.17 -9.27 -18.70
N THR L 112 -44.87 -9.08 -17.58
CA THR L 112 -45.94 -8.09 -17.46
C THR L 112 -45.59 -7.20 -16.27
N GLY L 113 -45.07 -6.01 -16.56
CA GLY L 113 -44.62 -5.11 -15.53
C GLY L 113 -43.74 -4.00 -16.11
N CYS L 114 -43.17 -3.21 -15.21
CA CYS L 114 -42.43 -2.03 -15.61
C CYS L 114 -41.00 -2.05 -15.09
N VAL L 115 -40.13 -1.35 -15.81
CA VAL L 115 -38.74 -1.15 -15.46
C VAL L 115 -38.50 0.35 -15.33
N ILE L 116 -37.98 0.77 -14.17
CA ILE L 116 -37.73 2.18 -13.87
C ILE L 116 -36.26 2.31 -13.51
N ALA L 117 -35.59 3.29 -14.10
CA ALA L 117 -34.18 3.52 -13.84
C ALA L 117 -33.93 5.02 -13.74
N TRP L 118 -33.07 5.41 -12.80
CA TRP L 118 -32.67 6.80 -12.68
C TRP L 118 -31.19 6.90 -12.35
N ASN L 119 -30.58 7.97 -12.86
CA ASN L 119 -29.15 8.20 -12.70
C ASN L 119 -28.81 8.47 -11.24
N SER L 120 -27.80 7.76 -10.73
CA SER L 120 -27.37 7.89 -9.35
C SER L 120 -25.88 8.19 -9.31
N ASN L 121 -25.42 9.02 -10.24
CA ASN L 121 -24.01 9.41 -10.26
C ASN L 121 -23.64 10.18 -9.01
N ASN L 122 -24.55 11.04 -8.52
CA ASN L 122 -24.28 11.87 -7.36
C ASN L 122 -24.24 11.07 -6.04
N LEU L 123 -24.83 9.88 -5.99
CA LEU L 123 -24.89 9.11 -4.75
C LEU L 123 -23.95 7.92 -4.70
N ASP L 124 -23.83 7.16 -5.79
CA ASP L 124 -23.08 5.91 -5.81
C ASP L 124 -21.72 6.04 -6.48
N SER L 125 -21.21 7.26 -6.62
CA SER L 125 -19.86 7.47 -7.12
C SER L 125 -18.93 7.94 -6.02
N LYS L 126 -17.64 7.75 -6.27
CA LYS L 126 -16.58 8.12 -5.35
C LYS L 126 -15.36 8.39 -6.20
N VAL L 127 -14.65 9.49 -5.91
CA VAL L 127 -13.46 9.81 -6.69
C VAL L 127 -12.44 8.70 -6.49
N GLY L 128 -11.91 8.19 -7.59
CA GLY L 128 -11.02 7.05 -7.56
C GLY L 128 -11.72 5.70 -7.58
N GLY L 129 -13.04 5.68 -7.52
CA GLY L 129 -13.79 4.45 -7.67
C GLY L 129 -14.51 3.96 -6.43
N ASN L 130 -15.82 3.75 -6.54
CA ASN L 130 -16.62 3.11 -5.51
C ASN L 130 -16.79 1.64 -5.91
N TYR L 131 -16.29 0.74 -5.06
CA TYR L 131 -16.28 -0.69 -5.37
C TYR L 131 -17.34 -1.47 -4.62
N ASN L 132 -18.34 -0.79 -4.04
CA ASN L 132 -19.39 -1.49 -3.31
C ASN L 132 -20.26 -2.36 -4.22
N TYR L 133 -20.46 -1.93 -5.46
CA TYR L 133 -21.41 -2.58 -6.35
C TYR L 133 -20.69 -3.53 -7.29
N LEU L 134 -21.20 -4.76 -7.37
CA LEU L 134 -20.59 -5.82 -8.16
C LEU L 134 -21.62 -6.41 -9.10
N TYR L 135 -21.14 -7.16 -10.09
CA TYR L 135 -22.03 -7.86 -11.01
C TYR L 135 -21.36 -9.14 -11.47
N ARG L 136 -22.18 -10.14 -11.80
CA ARG L 136 -21.66 -11.43 -12.21
C ARG L 136 -21.14 -11.36 -13.64
N LEU L 137 -19.89 -11.80 -13.82
CA LEU L 137 -19.23 -11.79 -15.11
C LEU L 137 -19.14 -13.16 -15.77
N PHE L 138 -19.13 -14.23 -14.96
CA PHE L 138 -19.09 -15.60 -15.45
C PHE L 138 -20.15 -16.44 -14.76
N ARG L 139 -20.71 -17.39 -15.51
CA ARG L 139 -21.65 -18.35 -14.94
C ARG L 139 -21.73 -19.57 -15.84
N LYS L 140 -22.01 -20.72 -15.22
CA LYS L 140 -22.02 -21.98 -15.96
C LYS L 140 -23.16 -22.05 -16.97
N SER L 141 -24.34 -21.52 -16.60
CA SER L 141 -25.49 -21.50 -17.51
C SER L 141 -26.25 -20.20 -17.31
N ASN L 142 -27.15 -19.90 -18.24
CA ASN L 142 -27.94 -18.68 -18.15
C ASN L 142 -28.95 -18.79 -17.03
N LEU L 143 -29.36 -17.63 -16.51
CA LEU L 143 -30.32 -17.59 -15.41
C LEU L 143 -31.74 -17.86 -15.90
N LYS L 144 -32.50 -18.58 -15.09
CA LYS L 144 -33.93 -18.64 -15.26
C LYS L 144 -34.54 -17.31 -14.83
N PRO L 145 -35.65 -16.90 -15.41
CA PRO L 145 -36.26 -15.63 -15.03
C PRO L 145 -36.51 -15.57 -13.53
N PHE L 146 -36.18 -14.42 -12.95
CA PHE L 146 -36.37 -14.16 -11.53
C PHE L 146 -35.56 -15.11 -10.65
N GLU L 147 -34.45 -15.63 -11.17
CA GLU L 147 -33.55 -16.46 -10.38
C GLU L 147 -32.45 -15.59 -9.78
N ARG L 148 -32.05 -15.91 -8.55
CA ARG L 148 -31.04 -15.15 -7.85
C ARG L 148 -29.86 -16.08 -7.56
N ASP L 149 -28.69 -15.73 -8.08
CA ASP L 149 -27.46 -16.50 -7.88
C ASP L 149 -26.49 -15.58 -7.14
N ILE L 150 -26.27 -15.88 -5.86
CA ILE L 150 -25.36 -15.11 -5.02
C ILE L 150 -24.07 -15.87 -4.75
N SER L 151 -23.77 -16.86 -5.59
CA SER L 151 -22.57 -17.66 -5.42
C SER L 151 -21.30 -16.86 -5.68
N THR L 152 -20.32 -17.06 -4.80
CA THR L 152 -18.98 -16.52 -4.96
C THR L 152 -17.99 -17.65 -5.23
N GLU L 153 -18.45 -18.67 -5.94
CA GLU L 153 -17.63 -19.82 -6.26
C GLU L 153 -16.72 -19.51 -7.44
N ILE L 154 -15.45 -19.94 -7.34
CA ILE L 154 -14.45 -19.72 -8.38
C ILE L 154 -14.88 -20.38 -9.69
N TYR L 155 -15.20 -19.56 -10.70
CA TYR L 155 -15.62 -20.08 -11.99
C TYR L 155 -14.46 -20.79 -12.66
N GLN L 156 -14.69 -22.04 -13.09
CA GLN L 156 -13.66 -22.82 -13.75
C GLN L 156 -13.82 -22.64 -15.25
N ALA L 157 -12.98 -21.79 -15.84
CA ALA L 157 -13.04 -21.56 -17.28
C ALA L 157 -12.33 -22.66 -18.04
N GLY L 158 -11.29 -23.25 -17.46
CA GLY L 158 -10.52 -24.29 -18.10
C GLY L 158 -11.05 -25.67 -17.78
N SER L 159 -10.16 -26.65 -17.89
CA SER L 159 -10.51 -28.04 -17.68
C SER L 159 -10.02 -28.61 -16.36
N THR L 160 -8.97 -28.04 -15.79
CA THR L 160 -8.49 -28.53 -14.50
C THR L 160 -9.20 -27.79 -13.36
N PRO L 161 -9.53 -28.49 -12.27
CA PRO L 161 -10.26 -27.86 -11.17
C PRO L 161 -9.42 -26.78 -10.48
N CYS L 162 -10.14 -25.83 -9.86
CA CYS L 162 -9.52 -24.65 -9.28
C CYS L 162 -9.13 -24.83 -7.82
N ASN L 163 -9.70 -25.81 -7.12
CA ASN L 163 -9.36 -26.10 -5.73
C ASN L 163 -9.65 -24.92 -4.80
N GLY L 164 -10.61 -24.08 -5.18
CA GLY L 164 -10.97 -22.92 -4.39
C GLY L 164 -9.94 -21.80 -4.37
N VAL L 165 -8.93 -21.87 -5.22
CA VAL L 165 -7.94 -20.80 -5.38
C VAL L 165 -7.84 -20.48 -6.87
N GLU L 166 -7.67 -19.21 -7.19
CA GLU L 166 -7.78 -18.75 -8.57
C GLU L 166 -6.41 -18.51 -9.19
N GLY L 167 -6.39 -18.56 -10.52
CA GLY L 167 -5.18 -18.43 -11.29
C GLY L 167 -5.45 -18.58 -12.78
N PHE L 168 -4.69 -19.43 -13.46
CA PHE L 168 -4.92 -19.62 -14.89
C PHE L 168 -6.24 -20.33 -15.10
N ASN L 169 -7.12 -19.71 -15.89
CA ASN L 169 -8.46 -20.25 -16.18
C ASN L 169 -9.28 -20.48 -14.93
N CYS L 170 -8.94 -19.77 -13.85
CA CYS L 170 -9.70 -19.81 -12.59
C CYS L 170 -9.98 -18.37 -12.20
N TYR L 171 -11.23 -17.94 -12.36
CA TYR L 171 -11.61 -16.54 -12.24
C TYR L 171 -12.57 -16.36 -11.08
N PHE L 172 -12.47 -15.24 -10.39
CA PHE L 172 -13.49 -14.85 -9.43
C PHE L 172 -14.74 -14.43 -10.19
N PRO L 173 -15.93 -14.89 -9.78
CA PRO L 173 -17.11 -14.72 -10.65
C PRO L 173 -17.68 -13.32 -10.70
N LEU L 174 -17.33 -12.45 -9.76
CA LEU L 174 -17.88 -11.11 -9.69
C LEU L 174 -16.87 -10.08 -10.16
N GLN L 175 -17.35 -9.10 -10.92
CA GLN L 175 -16.58 -7.95 -11.37
C GLN L 175 -17.10 -6.71 -10.65
N SER L 176 -16.20 -5.81 -10.30
CA SER L 176 -16.58 -4.64 -9.55
C SER L 176 -16.70 -3.43 -10.48
N TYR L 177 -17.73 -2.62 -10.25
CA TYR L 177 -17.86 -1.35 -10.95
C TYR L 177 -16.89 -0.35 -10.35
N GLY L 178 -16.09 0.30 -11.19
CA GLY L 178 -15.20 1.32 -10.68
C GLY L 178 -15.86 2.68 -10.77
N PHE L 179 -16.97 2.85 -10.05
CA PHE L 179 -17.84 4.01 -10.25
C PHE L 179 -17.18 5.32 -9.82
N GLN L 180 -16.56 6.04 -10.79
CA GLN L 180 -16.06 7.39 -10.58
C GLN L 180 -16.99 8.38 -11.26
N PRO L 181 -17.27 9.53 -10.62
CA PRO L 181 -18.21 10.50 -11.21
C PRO L 181 -17.74 11.09 -12.53
N THR L 182 -16.49 10.88 -12.91
CA THR L 182 -15.97 11.43 -14.16
C THR L 182 -16.27 10.55 -15.37
N ASN L 183 -16.88 9.39 -15.18
CA ASN L 183 -17.15 8.50 -16.31
C ASN L 183 -18.22 9.08 -17.22
N GLY L 184 -18.28 8.54 -18.45
CA GLY L 184 -19.39 8.83 -19.33
C GLY L 184 -20.68 8.23 -18.82
N VAL L 185 -21.79 8.56 -19.49
CA VAL L 185 -23.09 8.12 -19.01
C VAL L 185 -23.24 6.61 -19.10
N GLY L 186 -22.79 6.02 -20.21
CA GLY L 186 -22.90 4.59 -20.39
C GLY L 186 -22.30 3.78 -19.26
N TYR L 187 -21.35 4.38 -18.52
CA TYR L 187 -20.69 3.72 -17.40
C TYR L 187 -21.00 4.40 -16.07
N GLN L 188 -22.03 5.23 -16.03
CA GLN L 188 -22.41 5.86 -14.77
C GLN L 188 -23.40 4.98 -14.01
N PRO L 189 -23.46 5.12 -12.68
CA PRO L 189 -24.36 4.26 -11.90
C PRO L 189 -25.82 4.68 -12.05
N TYR L 190 -26.68 3.69 -12.26
CA TYR L 190 -28.12 3.88 -12.36
C TYR L 190 -28.80 2.92 -11.40
N ARG L 191 -29.74 3.45 -10.61
CA ARG L 191 -30.57 2.63 -9.74
C ARG L 191 -31.83 2.21 -10.48
N VAL L 192 -32.21 0.94 -10.33
CA VAL L 192 -33.30 0.35 -11.09
C VAL L 192 -34.28 -0.32 -10.13
N VAL L 193 -35.57 -0.04 -10.35
CA VAL L 193 -36.69 -0.70 -9.68
C VAL L 193 -37.58 -1.32 -10.75
N VAL L 194 -37.77 -2.63 -10.66
CA VAL L 194 -38.62 -3.40 -11.56
C VAL L 194 -39.88 -3.80 -10.80
N LEU L 195 -41.03 -3.37 -11.30
CA LEU L 195 -42.33 -3.68 -10.72
C LEU L 195 -42.98 -4.82 -11.50
N SER L 196 -43.21 -5.94 -10.83
CA SER L 196 -43.91 -7.09 -11.40
C SER L 196 -45.33 -7.15 -10.84
N PHE L 197 -46.30 -7.35 -11.74
CA PHE L 197 -47.73 -7.39 -11.40
C PHE L 197 -48.23 -8.83 -11.48
N GLU L 198 -48.41 -9.47 -10.32
CA GLU L 198 -48.88 -10.84 -10.24
C GLU L 198 -50.40 -10.90 -10.22
N LEU L 199 -50.97 -11.83 -11.00
CA LEU L 199 -52.42 -11.90 -11.22
C LEU L 199 -52.85 -13.37 -11.09
N LEU L 200 -53.29 -13.76 -9.90
CA LEU L 200 -53.73 -15.10 -9.59
C LEU L 200 -55.25 -15.19 -9.50
N HIS L 201 -55.75 -16.41 -9.26
CA HIS L 201 -57.16 -16.62 -8.94
C HIS L 201 -57.31 -16.43 -7.43
N ALA L 202 -57.12 -15.17 -7.01
CA ALA L 202 -56.95 -14.74 -5.64
C ALA L 202 -57.67 -13.41 -5.48
N PRO L 203 -57.81 -12.88 -4.27
CA PRO L 203 -58.60 -11.63 -4.10
C PRO L 203 -58.09 -10.43 -4.87
N ALA L 204 -56.80 -10.42 -5.28
CA ALA L 204 -56.17 -9.29 -5.95
C ALA L 204 -56.27 -8.04 -5.08
N THR L 205 -55.21 -7.74 -4.35
CA THR L 205 -55.23 -6.74 -3.28
C THR L 205 -54.50 -5.44 -3.59
N VAL L 206 -53.82 -5.34 -4.73
CA VAL L 206 -53.04 -4.15 -5.04
C VAL L 206 -53.70 -3.45 -6.22
N CYS L 207 -54.41 -2.37 -5.92
CA CYS L 207 -55.10 -1.54 -6.89
C CYS L 207 -54.53 -0.13 -6.82
N GLY L 208 -54.87 0.67 -7.83
CA GLY L 208 -54.55 2.08 -7.83
C GLY L 208 -55.58 2.89 -7.09
N PRO L 209 -55.57 4.22 -7.27
CA PRO L 209 -56.55 5.12 -6.62
C PRO L 209 -57.99 4.85 -7.04
C1 NAG M . 52.54 -13.83 16.60
C2 NAG M . 51.82 -14.90 15.78
C3 NAG M . 51.69 -16.20 16.58
C4 NAG M . 53.06 -16.66 17.10
C5 NAG M . 53.72 -15.53 17.88
C6 NAG M . 55.13 -15.85 18.29
C7 NAG M . 50.19 -14.16 14.11
C8 NAG M . 48.79 -13.71 13.85
N2 NAG M . 50.50 -14.44 15.38
O3 NAG M . 51.13 -17.21 15.76
O4 NAG M . 52.89 -17.77 17.98
O5 NAG M . 53.79 -14.34 17.08
O6 NAG M . 56.03 -15.51 17.24
O7 NAG M . 51.01 -14.26 13.20
C1 NAG M . 53.50 -18.97 17.50
C2 NAG M . 53.22 -20.06 18.55
C3 NAG M . 53.72 -21.43 18.06
C4 NAG M . 53.22 -21.73 16.65
C5 NAG M . 53.54 -20.57 15.72
C6 NAG M . 52.99 -20.75 14.33
C7 NAG M . 53.39 -18.75 20.63
C8 NAG M . 54.14 -18.57 21.91
N2 NAG M . 53.83 -19.73 19.83
O3 NAG M . 53.28 -22.45 18.95
O4 NAG M . 53.81 -22.93 16.16
O5 NAG M . 52.97 -19.37 16.25
O6 NAG M . 52.92 -19.50 13.65
O7 NAG M . 52.43 -18.04 20.33
C1 FUC M . 57.39 -15.83 17.61
C2 FUC M . 58.15 -16.23 16.31
C3 FUC M . 58.49 -15.02 15.43
C4 FUC M . 59.11 -13.88 16.27
C5 FUC M . 58.17 -13.55 17.42
C6 FUC M . 58.68 -12.43 18.33
O2 FUC M . 57.41 -17.19 15.54
O3 FUC M . 59.46 -15.40 14.43
O4 FUC M . 60.37 -14.29 16.77
O5 FUC M . 57.96 -14.71 18.25
C1 NAG N . 14.38 -16.38 -27.45
C2 NAG N . 15.88 -16.31 -27.11
C3 NAG N . 16.67 -15.69 -28.26
C4 NAG N . 16.36 -16.40 -29.57
C5 NAG N . 14.85 -16.40 -29.81
C6 NAG N . 14.44 -17.15 -31.06
C7 NAG N . 17.02 -15.79 -24.99
C8 NAG N . 17.05 -14.88 -23.79
N2 NAG N . 16.07 -15.54 -25.89
O3 NAG N . 18.06 -15.79 -28.00
O4 NAG N . 17.02 -15.76 -30.66
O5 NAG N . 14.20 -17.04 -28.71
O6 NAG N . 13.71 -18.34 -30.77
O7 NAG N . 17.82 -16.71 -25.12
C1 NAG O . -37.07 13.11 26.44
C2 NAG O . -38.10 12.85 25.34
C3 NAG O . -37.48 12.07 24.20
C4 NAG O . -36.24 12.78 23.67
C5 NAG O . -35.27 13.03 24.81
C6 NAG O . -34.06 13.84 24.39
C7 NAG O . -40.51 12.63 25.78
C8 NAG O . -41.59 11.77 26.38
N2 NAG O . -39.27 12.15 25.87
O3 NAG O . -38.44 11.91 23.15
O4 NAG O . -35.62 12.03 22.64
O5 NAG O . -35.91 13.75 25.87
O6 NAG O . -33.59 14.68 25.44
O7 NAG O . -40.75 13.71 25.25
C1 NAG P . -38.93 10.45 -2.04
C2 NAG P . -40.41 10.32 -2.43
C3 NAG P . -40.88 11.58 -3.16
C4 NAG P . -40.57 12.82 -2.35
C5 NAG P . -39.09 12.86 -1.99
C6 NAG P . -38.72 14.02 -1.10
C7 NAG P . -41.52 8.19 -2.94
C8 NAG P . -41.61 7.05 -3.92
N2 NAG P . -40.63 9.14 -3.25
O3 NAG P . -42.28 11.48 -3.40
O4 NAG P . -40.91 13.99 -3.09
O5 NAG P . -38.74 11.65 -1.29
O6 NAG P . -37.41 13.87 -0.55
O7 NAG P . -42.21 8.25 -1.94
#